data_7XRE
#
_entry.id   7XRE
#
_cell.length_a   94.790
_cell.length_b   130.760
_cell.length_c   206.680
_cell.angle_alpha   90.000
_cell.angle_beta   90.000
_cell.angle_gamma   90.000
#
_symmetry.space_group_name_H-M   'P 21 21 21'
#
loop_
_entity.id
_entity.type
_entity.pdbx_description
1 polymer DgpA
2 non-polymer NICOTINAMIDE-ADENINE-DINUCLEOTIDE
3 water water
#
_entity_poly.entity_id   1
_entity_poly.type   'polypeptide(L)'
_entity_poly.pdbx_seq_one_letter_code
;G(MSE)SKLKIGIIGCGGIANQKHFPALKNNADLNEIVAFCDIQIDRAEKAAAEFGAEGAQVTADYKELLANPEVEVVHV
CTPNVSHSEITIAAFEAGKHVYCEKP(MSE)SHSTEEAEK(MSE)VEAWKKSGKQFTIGYQNRFREEV(MSE)NLKKSCD
KGELGEIYYGKAHAVRRRAVPTWGVF(MSE)DKEAQGGGPLIDIGTHALDITLWC(MSE)NNYDVDSVTGSVFYKLGQKE
NGPEGNLFGPWDPKTFEVEDSAVGFVK(MSE)KNGATIGLEASWAIN(MSE)LDSREASTTLCGTEAGAEIHSG(MSE)S
YPKNELIYNRARNNQL(MSE)EETLSSVGSIAYFAGGAGEEGTVDNRQWLEAIQNGTEPLVKPEEALAVTKILDAIYKSA
KTNTIKF
;
_entity_poly.pdbx_strand_id   A,B,C,D,E,F
#
# COMPACT_ATOMS: atom_id res chain seq x y z
N GLY A 1 -0.93 -50.93 -21.24
CA GLY A 1 -1.80 -50.18 -20.30
C GLY A 1 -3.18 -49.97 -20.87
N SER A 3 -6.17 -49.12 -22.89
CA SER A 3 -6.25 -48.76 -24.33
C SER A 3 -6.83 -47.36 -24.48
N LYS A 4 -6.39 -46.62 -25.51
CA LYS A 4 -6.90 -45.25 -25.77
C LYS A 4 -8.44 -45.18 -25.89
N LEU A 5 -8.99 -44.02 -25.55
CA LEU A 5 -10.42 -43.76 -25.42
C LEU A 5 -10.90 -43.02 -26.67
N LYS A 6 -11.62 -43.75 -27.53
CA LYS A 6 -12.35 -43.15 -28.63
C LYS A 6 -13.29 -42.08 -28.09
N ILE A 7 -12.93 -40.80 -28.25
CA ILE A 7 -13.72 -39.69 -27.75
C ILE A 7 -14.43 -38.99 -28.90
N GLY A 8 -15.56 -38.39 -28.57
CA GLY A 8 -16.36 -37.69 -29.58
C GLY A 8 -16.81 -36.35 -29.06
N ILE A 9 -16.33 -35.28 -29.69
CA ILE A 9 -16.78 -33.89 -29.35
C ILE A 9 -17.76 -33.50 -30.44
N ILE A 10 -18.73 -32.66 -30.09
CA ILE A 10 -19.80 -32.21 -30.97
C ILE A 10 -19.58 -30.73 -31.29
N GLY A 11 -20.18 -29.83 -30.51
CA GLY A 11 -20.11 -28.43 -30.86
C GLY A 11 -18.68 -27.92 -30.80
N CYS A 12 -18.35 -26.99 -31.68
CA CYS A 12 -17.00 -26.44 -31.73
C CYS A 12 -17.12 -24.92 -31.76
N GLY A 13 -16.99 -24.29 -30.58
CA GLY A 13 -17.24 -22.86 -30.50
C GLY A 13 -16.26 -22.07 -29.66
N GLY A 14 -16.73 -21.01 -29.00
CA GLY A 14 -15.83 -20.13 -28.26
C GLY A 14 -15.12 -20.85 -27.13
N ILE A 15 -15.79 -21.79 -26.48
CA ILE A 15 -15.21 -22.51 -25.34
C ILE A 15 -14.73 -23.91 -25.75
N ALA A 16 -14.87 -24.26 -27.02
CA ALA A 16 -14.00 -25.30 -27.56
C ALA A 16 -12.59 -24.77 -27.80
N ASN A 17 -12.48 -23.58 -28.39
CA ASN A 17 -11.20 -23.06 -28.85
C ASN A 17 -10.34 -22.46 -27.73
N GLN A 18 -10.92 -22.16 -26.56
CA GLN A 18 -10.17 -21.56 -25.47
C GLN A 18 -10.16 -22.39 -24.19
N LYS A 19 -11.00 -23.41 -24.15
CA LYS A 19 -10.97 -24.31 -22.99
C LYS A 19 -10.69 -25.72 -23.50
N HIS A 20 -11.62 -26.26 -24.28
CA HIS A 20 -11.54 -27.66 -24.77
C HIS A 20 -10.26 -28.02 -25.54
N PHE A 21 -10.04 -27.49 -26.74
CA PHE A 21 -8.86 -27.84 -27.57
C PHE A 21 -7.56 -27.79 -26.77
N PRO A 22 -7.16 -26.62 -26.22
CA PRO A 22 -5.90 -26.47 -25.49
C PRO A 22 -5.75 -27.50 -24.37
N ALA A 23 -6.84 -27.78 -23.63
CA ALA A 23 -6.84 -28.78 -22.53
C ALA A 23 -6.63 -30.18 -23.11
N LEU A 24 -7.09 -30.41 -24.34
CA LEU A 24 -6.92 -31.71 -25.00
C LEU A 24 -5.48 -31.84 -25.52
N LYS A 25 -4.80 -30.72 -25.77
CA LYS A 25 -3.38 -30.86 -26.17
C LYS A 25 -2.58 -31.32 -24.95
N ASN A 26 -2.72 -30.61 -23.82
CA ASN A 26 -2.00 -30.96 -22.57
C ASN A 26 -2.25 -32.44 -22.27
N ASN A 27 -3.49 -32.89 -22.47
CA ASN A 27 -3.79 -34.30 -22.29
C ASN A 27 -3.84 -35.04 -23.62
N ALA A 28 -3.23 -34.48 -24.67
CA ALA A 28 -3.02 -35.21 -25.91
C ALA A 28 -2.06 -36.37 -25.65
N ASP A 29 -2.62 -37.46 -25.12
CA ASP A 29 -1.90 -38.68 -24.79
C ASP A 29 -2.95 -39.68 -24.33
N LEU A 30 -4.22 -39.34 -24.55
CA LEU A 30 -5.34 -40.12 -24.04
C LEU A 30 -6.59 -39.91 -24.87
N ASN A 31 -6.67 -38.79 -25.60
CA ASN A 31 -7.87 -38.45 -26.35
C ASN A 31 -7.74 -39.00 -27.78
N GLU A 32 -8.29 -40.20 -27.99
CA GLU A 32 -8.66 -40.61 -29.34
C GLU A 32 -9.97 -39.92 -29.68
N ILE A 33 -9.92 -39.04 -30.67
CA ILE A 33 -11.19 -38.38 -31.04
C ILE A 33 -11.76 -39.14 -32.24
N VAL A 34 -13.02 -39.58 -32.10
CA VAL A 34 -13.74 -40.29 -33.21
C VAL A 34 -14.83 -39.41 -33.84
N ALA A 35 -14.85 -38.06 -33.68
CA ALA A 35 -15.96 -37.25 -34.27
C ALA A 35 -15.70 -35.74 -34.42
N PHE A 36 -16.78 -35.02 -34.80
CA PHE A 36 -16.97 -33.52 -34.93
C PHE A 36 -18.44 -33.09 -35.18
N CYS A 37 -18.73 -32.28 -36.22
CA CYS A 37 -20.00 -31.65 -36.70
C CYS A 37 -20.30 -30.26 -36.10
N ASP A 38 -19.72 -29.20 -36.68
CA ASP A 38 -20.10 -27.79 -36.40
C ASP A 38 -21.15 -27.27 -37.41
N ILE A 39 -21.65 -26.04 -37.20
CA ILE A 39 -22.75 -25.48 -38.05
C ILE A 39 -22.33 -24.19 -38.74
N GLN A 40 -21.27 -23.54 -38.27
CA GLN A 40 -20.85 -22.31 -38.97
C GLN A 40 -19.65 -22.69 -39.86
N ILE A 41 -19.79 -23.86 -40.50
CA ILE A 41 -18.81 -24.47 -41.44
C ILE A 41 -17.35 -24.11 -41.15
N ASP A 42 -16.93 -22.89 -41.46
CA ASP A 42 -15.55 -22.40 -41.25
C ASP A 42 -15.06 -22.66 -39.82
N ARG A 43 -15.90 -22.47 -38.80
CA ARG A 43 -15.46 -22.78 -37.42
C ARG A 43 -14.96 -24.22 -37.37
N ALA A 44 -15.76 -25.17 -37.88
CA ALA A 44 -15.38 -26.61 -37.89
C ALA A 44 -14.04 -26.80 -38.60
N GLU A 45 -13.86 -26.23 -39.79
CA GLU A 45 -12.61 -26.40 -40.57
C GLU A 45 -11.40 -26.05 -39.69
N LYS A 46 -10.86 -27.05 -39.00
CA LYS A 46 -9.76 -26.99 -38.01
C LYS A 46 -9.85 -28.33 -37.28
N ALA A 47 -10.96 -28.45 -36.53
CA ALA A 47 -11.38 -29.57 -35.65
C ALA A 47 -10.60 -30.86 -35.82
N ALA A 48 -10.58 -31.46 -37.02
CA ALA A 48 -9.90 -32.77 -37.21
C ALA A 48 -8.39 -32.59 -37.31
N ALA A 49 -7.89 -32.36 -38.53
CA ALA A 49 -6.45 -32.22 -38.82
C ALA A 49 -5.70 -31.35 -37.80
N GLU A 50 -6.26 -30.18 -37.41
CA GLU A 50 -5.63 -29.25 -36.43
C GLU A 50 -5.63 -29.81 -35.00
N PHE A 51 -6.41 -30.83 -34.69
CA PHE A 51 -6.41 -31.40 -33.31
C PHE A 51 -6.49 -32.94 -33.33
N GLY A 52 -6.19 -33.59 -34.46
CA GLY A 52 -6.20 -35.06 -34.50
C GLY A 52 -6.97 -35.65 -35.67
N GLU A 54 -7.92 -42.09 -38.30
CA GLU A 54 -8.55 -40.77 -38.46
C GLU A 54 -10.02 -40.96 -38.80
N GLY A 55 -10.55 -40.16 -39.74
CA GLY A 55 -11.95 -40.28 -40.15
C GLY A 55 -12.85 -39.29 -39.44
N ALA A 56 -12.29 -38.14 -39.06
CA ALA A 56 -13.05 -37.09 -38.35
C ALA A 56 -13.51 -36.02 -39.35
N GLN A 57 -14.82 -35.97 -39.58
CA GLN A 57 -15.37 -34.99 -40.53
C GLN A 57 -15.35 -33.62 -39.86
N VAL A 58 -15.22 -32.55 -40.64
CA VAL A 58 -15.26 -31.19 -40.03
C VAL A 58 -16.72 -30.75 -40.10
N THR A 59 -17.23 -31.07 -41.29
CA THR A 59 -18.57 -31.00 -41.92
C THR A 59 -19.65 -30.29 -41.11
N ALA A 60 -20.80 -30.96 -40.99
CA ALA A 60 -21.98 -30.39 -40.32
C ALA A 60 -23.07 -31.37 -39.88
N ASP A 61 -24.28 -30.85 -39.91
CA ASP A 61 -25.53 -31.53 -39.57
C ASP A 61 -25.54 -31.98 -38.13
N TYR A 62 -24.43 -31.87 -37.36
CA TYR A 62 -24.56 -32.41 -35.97
C TYR A 62 -25.11 -33.86 -35.90
N LYS A 63 -25.97 -34.24 -36.84
CA LYS A 63 -26.52 -35.61 -36.98
C LYS A 63 -25.55 -36.43 -37.85
N GLU A 64 -24.53 -35.77 -38.43
CA GLU A 64 -23.44 -36.40 -39.21
C GLU A 64 -22.20 -36.51 -38.31
N LEU A 65 -22.45 -36.53 -37.00
CA LEU A 65 -21.52 -36.68 -35.85
C LEU A 65 -21.97 -37.91 -35.05
N LEU A 66 -23.13 -38.44 -35.43
CA LEU A 66 -23.61 -39.75 -34.94
C LEU A 66 -22.99 -40.74 -35.95
N ALA A 67 -21.71 -40.49 -36.27
CA ALA A 67 -20.88 -41.22 -37.25
C ALA A 67 -19.85 -42.11 -36.57
N ASN A 68 -19.83 -43.39 -36.96
CA ASN A 68 -18.91 -44.43 -36.41
C ASN A 68 -19.28 -44.70 -34.96
N PRO A 69 -20.36 -45.49 -34.70
CA PRO A 69 -20.78 -45.88 -33.34
C PRO A 69 -19.70 -46.67 -32.59
N GLU A 70 -18.47 -46.16 -32.66
CA GLU A 70 -17.30 -46.65 -31.94
C GLU A 70 -16.82 -45.65 -30.90
N VAL A 71 -17.58 -44.58 -30.68
CA VAL A 71 -17.24 -43.59 -29.67
C VAL A 71 -17.78 -44.07 -28.32
N GLU A 72 -17.06 -43.73 -27.25
CA GLU A 72 -17.52 -43.96 -25.89
C GLU A 72 -17.36 -42.70 -25.03
N VAL A 73 -17.43 -41.54 -25.67
CA VAL A 73 -17.27 -40.22 -25.05
C VAL A 73 -17.99 -39.20 -25.92
N VAL A 74 -18.71 -38.25 -25.30
CA VAL A 74 -19.05 -37.02 -26.02
C VAL A 74 -18.86 -35.82 -25.09
N HIS A 75 -18.44 -34.70 -25.69
CA HIS A 75 -18.34 -33.36 -25.09
C HIS A 75 -19.21 -32.45 -25.96
N VAL A 76 -20.05 -31.63 -25.35
CA VAL A 76 -20.81 -30.68 -26.17
C VAL A 76 -19.96 -29.43 -26.34
N CYS A 77 -20.60 -28.36 -26.81
CA CYS A 77 -20.11 -26.99 -26.73
C CYS A 77 -21.22 -26.09 -27.26
N THR A 78 -22.40 -26.66 -27.48
CA THR A 78 -23.60 -25.99 -27.96
C THR A 78 -24.07 -24.95 -26.96
N PRO A 79 -24.91 -23.99 -27.36
CA PRO A 79 -25.63 -23.18 -26.36
C PRO A 79 -26.61 -24.04 -25.59
N ASN A 80 -27.20 -23.43 -24.55
CA ASN A 80 -27.84 -24.20 -23.49
C ASN A 80 -28.99 -25.09 -24.01
N VAL A 81 -29.90 -24.52 -24.79
CA VAL A 81 -31.17 -25.20 -25.10
C VAL A 81 -30.94 -26.56 -25.74
N SER A 82 -29.83 -26.72 -26.46
CA SER A 82 -29.57 -27.95 -27.21
C SER A 82 -29.16 -29.09 -26.29
N HIS A 83 -28.36 -28.78 -25.25
CA HIS A 83 -27.90 -29.74 -24.24
C HIS A 83 -28.96 -30.77 -23.90
N SER A 84 -30.22 -30.32 -23.90
CA SER A 84 -31.38 -31.18 -23.75
C SER A 84 -31.33 -32.38 -24.68
N GLU A 85 -31.55 -32.13 -25.98
CA GLU A 85 -31.62 -33.21 -26.96
C GLU A 85 -30.37 -33.35 -27.82
N ILE A 86 -29.44 -32.40 -27.77
CA ILE A 86 -28.12 -32.67 -28.35
C ILE A 86 -27.42 -33.82 -27.64
N THR A 87 -27.96 -34.25 -26.48
CA THR A 87 -27.70 -35.53 -25.86
C THR A 87 -28.90 -36.46 -25.95
N ILE A 88 -30.07 -35.99 -25.51
CA ILE A 88 -31.38 -36.64 -25.72
C ILE A 88 -31.37 -38.02 -25.06
N ALA A 89 -31.90 -39.05 -25.72
CA ALA A 89 -31.79 -40.43 -25.27
C ALA A 89 -31.21 -41.32 -26.37
N ALA A 90 -30.43 -40.75 -27.29
CA ALA A 90 -29.69 -41.44 -28.34
C ALA A 90 -28.19 -41.24 -28.24
N PHE A 91 -27.74 -40.01 -27.95
CA PHE A 91 -26.33 -39.78 -27.64
C PHE A 91 -25.99 -40.25 -26.25
N GLU A 92 -26.99 -40.54 -25.42
CA GLU A 92 -26.75 -41.08 -24.09
C GLU A 92 -27.40 -42.44 -23.92
N ALA A 93 -27.67 -43.12 -25.03
CA ALA A 93 -28.08 -44.52 -25.04
C ALA A 93 -26.94 -45.28 -25.71
N GLY A 94 -25.96 -45.67 -24.90
CA GLY A 94 -24.83 -46.41 -25.42
C GLY A 94 -23.47 -45.82 -25.11
N LYS A 95 -23.35 -44.49 -25.16
CA LYS A 95 -22.07 -43.82 -25.00
C LYS A 95 -21.97 -43.19 -23.61
N HIS A 96 -20.93 -42.37 -23.41
CA HIS A 96 -20.78 -41.54 -22.22
C HIS A 96 -20.73 -40.09 -22.70
N VAL A 97 -21.28 -39.19 -21.89
CA VAL A 97 -21.46 -37.80 -22.29
C VAL A 97 -20.81 -36.88 -21.24
N TYR A 98 -20.21 -35.79 -21.72
CA TYR A 98 -19.69 -34.70 -20.89
C TYR A 98 -20.37 -33.45 -21.42
N CYS A 99 -21.38 -32.95 -20.70
CA CYS A 99 -22.01 -31.71 -21.15
C CYS A 99 -21.34 -30.51 -20.48
N GLU A 100 -21.56 -29.35 -21.09
CA GLU A 100 -20.92 -28.09 -20.64
C GLU A 100 -21.73 -27.44 -19.51
N LYS A 101 -21.10 -26.41 -18.93
CA LYS A 101 -21.44 -25.55 -17.75
C LYS A 101 -22.90 -25.54 -17.37
N PRO A 102 -23.80 -24.78 -18.03
CA PRO A 102 -25.18 -24.69 -17.58
C PRO A 102 -26.11 -25.90 -17.73
N SER A 104 -28.79 -27.48 -18.55
CA SER A 104 -29.98 -27.03 -19.30
C SER A 104 -30.49 -25.74 -18.67
N HIS A 105 -31.17 -24.92 -19.46
CA HIS A 105 -31.75 -23.66 -18.97
C HIS A 105 -33.08 -24.00 -18.31
N SER A 106 -33.57 -25.22 -18.52
CA SER A 106 -34.84 -25.60 -17.93
C SER A 106 -34.66 -26.84 -17.08
N THR A 107 -35.30 -26.85 -15.91
CA THR A 107 -35.20 -27.98 -15.01
C THR A 107 -35.78 -29.25 -15.64
N GLU A 108 -36.82 -29.12 -16.45
CA GLU A 108 -37.44 -30.29 -17.07
C GLU A 108 -36.48 -30.94 -18.05
N GLU A 109 -35.96 -30.17 -19.01
CA GLU A 109 -34.99 -30.70 -19.95
C GLU A 109 -33.71 -31.13 -19.25
N ALA A 110 -33.55 -30.80 -17.96
CA ALA A 110 -32.41 -31.27 -17.20
C ALA A 110 -32.62 -32.69 -16.70
N GLU A 111 -33.73 -32.95 -16.02
CA GLU A 111 -34.02 -34.32 -15.62
C GLU A 111 -34.28 -35.21 -16.83
N LYS A 112 -34.52 -34.62 -17.98
CA LYS A 112 -34.59 -35.29 -19.27
C LYS A 112 -33.25 -35.86 -19.73
N VAL A 114 -31.20 -36.84 -16.93
CA VAL A 114 -30.90 -37.49 -15.63
C VAL A 114 -31.33 -38.95 -15.76
N GLU A 115 -32.63 -39.20 -15.89
CA GLU A 115 -33.23 -40.55 -16.01
C GLU A 115 -32.69 -41.25 -17.25
N ALA A 116 -32.43 -40.53 -18.34
CA ALA A 116 -31.82 -41.17 -19.53
C ALA A 116 -30.53 -41.87 -19.11
N TRP A 117 -29.68 -41.15 -18.40
CA TRP A 117 -28.34 -41.60 -17.93
C TRP A 117 -28.43 -42.63 -16.78
N LYS A 118 -29.47 -42.63 -15.93
CA LYS A 118 -29.56 -43.62 -14.86
C LYS A 118 -29.81 -45.01 -15.43
N LYS A 119 -31.01 -45.22 -15.96
CA LYS A 119 -31.42 -46.55 -16.39
C LYS A 119 -30.45 -47.16 -17.38
N SER A 120 -29.71 -46.33 -18.11
CA SER A 120 -28.82 -46.85 -19.13
C SER A 120 -27.52 -47.39 -18.50
N GLY A 121 -26.88 -46.59 -17.65
CA GLY A 121 -25.76 -47.07 -16.86
C GLY A 121 -24.36 -46.75 -17.38
N LYS A 122 -24.01 -45.47 -17.51
CA LYS A 122 -22.72 -45.10 -18.04
C LYS A 122 -22.17 -43.90 -17.27
N GLN A 123 -21.60 -42.91 -17.97
CA GLN A 123 -20.88 -41.82 -17.31
C GLN A 123 -21.31 -40.45 -17.82
N PHE A 124 -21.31 -39.48 -16.90
CA PHE A 124 -21.74 -38.12 -17.14
C PHE A 124 -21.02 -37.19 -16.17
N THR A 125 -20.76 -35.98 -16.64
CA THR A 125 -20.36 -34.87 -15.78
C THR A 125 -20.55 -33.58 -16.58
N ILE A 126 -20.37 -32.45 -15.90
CA ILE A 126 -20.72 -31.13 -16.43
C ILE A 126 -19.55 -30.18 -16.21
N GLY A 127 -19.27 -29.36 -17.23
CA GLY A 127 -18.09 -28.51 -17.26
C GLY A 127 -17.95 -27.48 -16.15
N TYR A 128 -18.00 -27.94 -14.89
CA TYR A 128 -17.78 -27.07 -13.73
C TYR A 128 -16.31 -27.14 -13.32
N GLN A 129 -15.46 -26.58 -14.17
CA GLN A 129 -14.02 -26.69 -13.96
C GLN A 129 -13.52 -25.81 -12.82
N ASN A 130 -14.31 -24.81 -12.40
CA ASN A 130 -13.89 -23.97 -11.28
C ASN A 130 -13.75 -24.75 -9.98
N ARG A 131 -14.23 -25.99 -9.93
CA ARG A 131 -14.00 -26.82 -8.75
C ARG A 131 -12.55 -27.23 -8.61
N PHE A 132 -11.79 -27.23 -9.71
CA PHE A 132 -10.41 -27.70 -9.71
C PHE A 132 -9.40 -26.58 -9.51
N ARG A 133 -9.85 -25.33 -9.38
CA ARG A 133 -8.96 -24.28 -8.94
C ARG A 133 -8.38 -24.65 -7.58
N GLU A 134 -7.07 -24.48 -7.43
CA GLU A 134 -6.38 -24.98 -6.24
C GLU A 134 -7.01 -24.43 -4.97
N GLU A 135 -7.29 -23.13 -4.93
CA GLU A 135 -7.85 -22.55 -3.73
C GLU A 135 -9.30 -22.98 -3.51
N VAL A 136 -10.03 -23.31 -4.58
CA VAL A 136 -11.39 -23.81 -4.42
C VAL A 136 -11.36 -25.22 -3.82
N ASN A 138 -8.90 -26.25 -1.93
CA ASN A 138 -8.46 -25.95 -0.57
C ASN A 138 -9.67 -25.71 0.34
N LEU A 139 -10.58 -24.83 -0.08
CA LEU A 139 -11.77 -24.56 0.71
C LEU A 139 -12.62 -25.81 0.86
N LYS A 140 -12.80 -26.57 -0.23
CA LYS A 140 -13.66 -27.75 -0.19
C LYS A 140 -13.16 -28.78 0.82
N LYS A 141 -11.84 -28.98 0.88
CA LYS A 141 -11.29 -30.00 1.78
C LYS A 141 -11.54 -29.64 3.24
N SER A 142 -11.21 -28.40 3.63
CA SER A 142 -11.36 -27.99 5.03
C SER A 142 -12.81 -28.07 5.49
N CYS A 143 -13.76 -27.85 4.58
CA CYS A 143 -15.17 -27.99 4.92
C CYS A 143 -15.52 -29.46 5.19
N ASP A 144 -15.08 -30.36 4.30
CA ASP A 144 -15.31 -31.79 4.49
C ASP A 144 -14.77 -32.25 5.83
N LYS A 145 -13.56 -31.81 6.18
CA LYS A 145 -12.99 -32.12 7.48
C LYS A 145 -13.68 -31.40 8.62
N GLY A 146 -14.69 -30.58 8.33
CA GLY A 146 -15.45 -29.91 9.37
C GLY A 146 -14.71 -28.81 10.09
N GLU A 147 -13.73 -28.18 9.41
CA GLU A 147 -12.91 -27.15 10.03
C GLU A 147 -13.54 -25.77 9.95
N LEU A 148 -14.77 -25.67 9.45
CA LEU A 148 -15.60 -24.49 9.62
C LEU A 148 -16.74 -24.73 10.58
N GLY A 149 -16.96 -25.97 11.01
CA GLY A 149 -18.15 -26.29 11.77
C GLY A 149 -19.36 -26.37 10.85
N GLU A 150 -20.54 -26.15 11.44
CA GLU A 150 -21.78 -26.19 10.68
C GLU A 150 -21.98 -24.85 9.98
N ILE A 151 -22.08 -24.88 8.66
CA ILE A 151 -22.16 -23.66 7.86
C ILE A 151 -23.62 -23.30 7.66
N TYR A 152 -24.01 -22.10 8.12
CA TYR A 152 -25.40 -21.69 8.09
C TYR A 152 -25.67 -20.43 7.27
N TYR A 153 -24.64 -19.71 6.84
CA TYR A 153 -24.84 -18.58 5.95
C TYR A 153 -23.79 -18.63 4.84
N GLY A 154 -24.26 -18.68 3.59
CA GLY A 154 -23.38 -18.68 2.46
C GLY A 154 -23.78 -17.60 1.46
N LYS A 155 -22.83 -17.26 0.60
CA LYS A 155 -23.08 -16.29 -0.47
C LYS A 155 -22.38 -16.79 -1.73
N ALA A 156 -23.05 -16.58 -2.87
CA ALA A 156 -22.50 -16.93 -4.18
C ALA A 156 -22.36 -15.66 -4.99
N HIS A 157 -21.13 -15.31 -5.35
CA HIS A 157 -20.83 -14.09 -6.08
C HIS A 157 -20.56 -14.42 -7.53
N ALA A 158 -21.37 -13.87 -8.43
CA ALA A 158 -21.17 -14.01 -9.87
C ALA A 158 -21.49 -12.69 -10.53
N VAL A 159 -20.80 -11.63 -10.09
CA VAL A 159 -21.14 -10.26 -10.43
C VAL A 159 -20.04 -9.68 -11.31
N ARG A 160 -20.43 -9.09 -12.43
CA ARG A 160 -19.57 -8.23 -13.22
C ARG A 160 -20.22 -6.86 -13.33
N ARG A 161 -19.40 -5.82 -13.25
CA ARG A 161 -19.93 -4.46 -13.29
C ARG A 161 -20.32 -4.04 -14.70
N ARG A 162 -19.48 -4.38 -15.69
CA ARG A 162 -19.78 -4.06 -17.07
C ARG A 162 -18.98 -4.96 -18.02
N ALA A 163 -19.42 -6.21 -18.16
CA ALA A 163 -18.74 -7.18 -18.99
C ALA A 163 -19.75 -8.11 -19.64
N VAL A 164 -20.68 -7.54 -20.39
CA VAL A 164 -21.62 -8.32 -21.19
C VAL A 164 -20.86 -8.98 -22.33
N PRO A 165 -20.86 -10.31 -22.42
CA PRO A 165 -20.15 -10.99 -23.53
C PRO A 165 -20.85 -10.70 -24.85
N THR A 166 -20.12 -10.13 -25.80
CA THR A 166 -20.69 -9.64 -27.05
C THR A 166 -20.40 -10.54 -28.25
N TRP A 167 -19.66 -11.64 -28.06
CA TRP A 167 -19.07 -12.34 -29.20
C TRP A 167 -19.88 -13.51 -29.71
N GLY A 168 -20.93 -13.94 -29.02
CA GLY A 168 -21.65 -15.07 -29.57
C GLY A 168 -23.04 -15.34 -29.07
N VAL A 169 -23.16 -16.22 -28.10
CA VAL A 169 -24.43 -16.86 -27.82
C VAL A 169 -25.22 -16.19 -26.72
N PHE A 170 -24.55 -15.57 -25.75
CA PHE A 170 -25.08 -15.44 -24.40
C PHE A 170 -26.29 -14.50 -24.28
N ASP A 172 -28.92 -14.05 -26.64
CA ASP A 172 -30.16 -14.46 -27.29
C ASP A 172 -30.88 -15.46 -26.41
N LYS A 173 -32.19 -15.22 -26.20
CA LYS A 173 -32.93 -15.94 -25.18
C LYS A 173 -33.40 -17.31 -25.68
N GLU A 174 -33.86 -17.39 -26.92
CA GLU A 174 -34.30 -18.69 -27.43
C GLU A 174 -33.13 -19.66 -27.57
N ALA A 175 -31.90 -19.16 -27.56
CA ALA A 175 -30.72 -20.01 -27.69
C ALA A 175 -30.09 -20.33 -26.35
N GLN A 176 -30.04 -19.35 -25.43
CA GLN A 176 -29.44 -19.56 -24.13
C GLN A 176 -30.46 -19.70 -23.01
N GLY A 177 -31.66 -19.14 -23.16
CA GLY A 177 -32.67 -19.27 -22.12
C GLY A 177 -32.51 -18.37 -20.93
N GLY A 178 -31.62 -17.39 -21.00
CA GLY A 178 -31.38 -16.50 -19.88
C GLY A 178 -29.96 -15.95 -19.93
N GLY A 179 -29.72 -14.91 -19.15
CA GLY A 179 -28.47 -14.19 -19.17
C GLY A 179 -27.50 -14.59 -18.08
N PRO A 180 -27.03 -13.61 -17.31
CA PRO A 180 -25.95 -13.87 -16.35
C PRO A 180 -26.34 -14.83 -15.24
N LEU A 181 -27.63 -14.92 -14.88
CA LEU A 181 -28.02 -15.81 -13.80
C LEU A 181 -27.67 -17.26 -14.10
N ILE A 182 -27.92 -17.70 -15.34
CA ILE A 182 -27.50 -19.04 -15.75
C ILE A 182 -26.14 -19.06 -16.42
N ASP A 183 -25.60 -17.89 -16.79
CA ASP A 183 -24.30 -17.86 -17.44
C ASP A 183 -23.16 -18.02 -16.44
N ILE A 184 -23.14 -17.18 -15.41
CA ILE A 184 -22.02 -17.19 -14.47
C ILE A 184 -22.49 -17.56 -13.07
N GLY A 185 -23.75 -17.26 -12.77
CA GLY A 185 -24.31 -17.63 -11.47
C GLY A 185 -24.26 -19.12 -11.19
N THR A 186 -24.24 -19.93 -12.25
CA THR A 186 -24.20 -21.38 -12.07
C THR A 186 -22.86 -21.85 -11.52
N HIS A 187 -21.75 -21.17 -11.85
CA HIS A 187 -20.46 -21.50 -11.27
C HIS A 187 -20.46 -21.24 -9.77
N ALA A 188 -20.85 -20.03 -9.38
CA ALA A 188 -20.81 -19.63 -7.98
C ALA A 188 -21.69 -20.52 -7.11
N LEU A 189 -22.96 -20.65 -7.49
CA LEU A 189 -23.88 -21.49 -6.71
C LEU A 189 -23.38 -22.93 -6.63
N ASP A 190 -22.69 -23.40 -7.67
CA ASP A 190 -22.16 -24.76 -7.63
C ASP A 190 -21.06 -24.89 -6.59
N ILE A 191 -20.09 -23.97 -6.59
CA ILE A 191 -19.02 -23.99 -5.60
C ILE A 191 -19.62 -23.92 -4.19
N THR A 192 -20.64 -23.08 -4.01
CA THR A 192 -21.22 -22.86 -2.70
C THR A 192 -21.85 -24.14 -2.15
N LEU A 193 -22.84 -24.69 -2.87
CA LEU A 193 -23.47 -25.94 -2.44
C LEU A 193 -22.45 -27.05 -2.26
N TRP A 194 -21.41 -27.07 -3.10
CA TRP A 194 -20.44 -28.15 -3.06
C TRP A 194 -19.66 -28.17 -1.74
N CYS A 195 -19.00 -27.06 -1.41
CA CYS A 195 -18.18 -27.01 -0.21
C CYS A 195 -19.03 -27.12 1.06
N ASN A 197 -21.66 -28.74 1.15
CA ASN A 197 -22.18 -30.10 1.05
C ASN A 197 -23.63 -30.17 1.49
N ASN A 198 -24.42 -29.19 1.04
CA ASN A 198 -25.84 -29.08 1.38
C ASN A 198 -26.62 -28.86 0.09
N TYR A 199 -27.59 -29.74 -0.19
CA TYR A 199 -28.32 -29.66 -1.45
C TYR A 199 -29.83 -29.73 -1.32
N ASP A 200 -30.40 -30.03 -0.14
CA ASP A 200 -31.84 -30.12 -0.04
C ASP A 200 -32.42 -28.73 0.21
N VAL A 201 -33.16 -28.24 -0.78
CA VAL A 201 -33.70 -26.88 -0.78
C VAL A 201 -35.05 -26.88 -0.09
N ASP A 202 -35.33 -25.80 0.65
CA ASP A 202 -36.66 -25.59 1.24
C ASP A 202 -37.45 -24.56 0.45
N SER A 203 -36.91 -23.34 0.30
CA SER A 203 -37.58 -22.29 -0.45
C SER A 203 -36.55 -21.53 -1.27
N VAL A 204 -37.04 -20.79 -2.26
CA VAL A 204 -36.21 -19.94 -3.11
C VAL A 204 -36.98 -18.66 -3.40
N THR A 205 -36.36 -17.51 -3.14
CA THR A 205 -36.92 -16.21 -3.46
C THR A 205 -35.90 -15.42 -4.25
N GLY A 206 -36.36 -14.69 -5.27
CA GLY A 206 -35.42 -13.98 -6.13
C GLY A 206 -36.02 -12.78 -6.82
N SER A 207 -35.13 -12.01 -7.45
CA SER A 207 -35.50 -10.86 -8.26
C SER A 207 -34.67 -10.88 -9.53
N VAL A 208 -35.27 -10.45 -10.63
CA VAL A 208 -34.61 -10.44 -11.93
C VAL A 208 -34.76 -9.05 -12.52
N PHE A 209 -33.65 -8.46 -12.96
CA PHE A 209 -33.62 -7.05 -13.33
C PHE A 209 -33.32 -6.90 -14.82
N TYR A 210 -34.16 -6.13 -15.51
CA TYR A 210 -33.94 -5.69 -16.88
C TYR A 210 -33.85 -4.18 -16.83
N LYS A 211 -32.65 -3.67 -16.54
CA LYS A 211 -32.50 -2.25 -16.25
C LYS A 211 -31.47 -1.58 -17.15
N LEU A 212 -30.27 -2.15 -17.25
CA LEU A 212 -29.19 -1.55 -18.01
C LEU A 212 -29.10 -2.06 -19.44
N GLY A 213 -29.45 -3.33 -19.67
CA GLY A 213 -29.30 -3.90 -21.01
C GLY A 213 -30.10 -3.17 -22.07
N GLN A 214 -31.23 -2.57 -21.68
CA GLN A 214 -32.07 -1.83 -22.61
C GLN A 214 -31.76 -0.34 -22.64
N LYS A 215 -30.99 0.16 -21.67
CA LYS A 215 -30.67 1.59 -21.64
C LYS A 215 -29.73 1.95 -22.78
N GLU A 216 -29.93 3.14 -23.35
CA GLU A 216 -29.09 3.60 -24.43
C GLU A 216 -27.62 3.68 -24.02
N ASN A 217 -27.36 4.20 -22.81
CA ASN A 217 -25.99 4.32 -22.33
C ASN A 217 -25.47 3.02 -21.71
N GLY A 218 -26.36 2.11 -21.34
CA GLY A 218 -26.00 0.84 -20.74
C GLY A 218 -24.68 0.23 -21.18
N PRO A 219 -24.46 0.13 -22.50
CA PRO A 219 -23.19 -0.44 -22.99
C PRO A 219 -21.95 0.36 -22.60
N GLU A 220 -22.10 1.59 -22.10
CA GLU A 220 -20.94 2.40 -21.81
C GLU A 220 -20.03 1.73 -20.79
N GLY A 221 -18.73 1.73 -21.07
CA GLY A 221 -17.76 1.13 -20.19
C GLY A 221 -17.64 -0.38 -20.26
N ASN A 222 -18.37 -1.02 -21.18
CA ASN A 222 -18.36 -2.48 -21.25
C ASN A 222 -17.00 -3.01 -21.67
N LEU A 223 -16.62 -4.14 -21.07
CA LEU A 223 -15.30 -4.71 -21.32
C LEU A 223 -15.19 -5.25 -22.75
N PHE A 224 -16.20 -5.99 -23.21
CA PHE A 224 -16.18 -6.63 -24.51
C PHE A 224 -16.86 -5.81 -25.59
N GLY A 225 -16.77 -4.48 -25.51
CA GLY A 225 -17.32 -3.62 -26.52
C GLY A 225 -18.80 -3.36 -26.34
N PRO A 226 -19.38 -2.54 -27.21
CA PRO A 226 -20.79 -2.18 -27.07
C PRO A 226 -21.71 -3.29 -27.54
N TRP A 227 -22.99 -3.13 -27.23
CA TRP A 227 -24.04 -4.05 -27.65
C TRP A 227 -25.25 -3.23 -28.06
N ASP A 228 -26.27 -3.91 -28.58
CA ASP A 228 -27.48 -3.25 -29.05
C ASP A 228 -28.57 -3.41 -28.01
N PRO A 229 -28.95 -2.36 -27.28
CA PRO A 229 -29.99 -2.50 -26.25
C PRO A 229 -31.35 -2.89 -26.81
N LYS A 230 -31.66 -2.52 -28.06
CA LYS A 230 -32.96 -2.85 -28.63
C LYS A 230 -33.13 -4.35 -28.84
N THR A 231 -32.03 -5.10 -28.97
CA THR A 231 -32.09 -6.54 -29.10
C THR A 231 -31.54 -7.27 -27.87
N PHE A 232 -31.59 -6.61 -26.70
CA PHE A 232 -31.11 -7.21 -25.47
C PHE A 232 -32.28 -7.97 -24.85
N GLU A 233 -32.25 -9.31 -24.92
CA GLU A 233 -33.42 -10.11 -24.62
C GLU A 233 -33.29 -10.85 -23.29
N VAL A 234 -32.33 -10.47 -22.44
CA VAL A 234 -32.08 -11.20 -21.21
C VAL A 234 -31.91 -10.19 -20.08
N GLU A 235 -31.87 -10.69 -18.86
CA GLU A 235 -31.64 -9.82 -17.71
C GLU A 235 -30.19 -9.37 -17.68
N ASP A 236 -29.94 -8.30 -16.92
CA ASP A 236 -28.57 -7.85 -16.69
C ASP A 236 -28.08 -8.14 -15.30
N SER A 237 -28.96 -8.52 -14.37
CA SER A 237 -28.57 -8.90 -13.02
C SER A 237 -29.75 -9.59 -12.36
N ALA A 238 -29.46 -10.28 -11.25
CA ALA A 238 -30.49 -10.94 -10.48
C ALA A 238 -29.93 -11.21 -9.09
N VAL A 239 -30.84 -11.36 -8.12
CA VAL A 239 -30.50 -11.68 -6.74
C VAL A 239 -31.38 -12.83 -6.28
N GLY A 240 -30.86 -13.62 -5.35
CA GLY A 240 -31.56 -14.79 -4.87
C GLY A 240 -31.43 -14.94 -3.38
N PHE A 241 -32.43 -15.61 -2.79
CA PHE A 241 -32.47 -15.90 -1.36
C PHE A 241 -32.95 -17.33 -1.22
N VAL A 242 -32.05 -18.24 -0.83
CA VAL A 242 -32.34 -19.67 -0.82
C VAL A 242 -32.15 -20.19 0.60
N LYS A 243 -33.25 -20.60 1.23
CA LYS A 243 -33.21 -21.26 2.52
C LYS A 243 -33.14 -22.77 2.30
N LYS A 245 -32.86 -26.96 3.99
CA LYS A 245 -33.68 -27.76 4.91
C LYS A 245 -33.14 -27.73 6.33
N ASN A 246 -31.84 -27.51 6.51
CA ASN A 246 -31.24 -27.49 7.85
C ASN A 246 -31.17 -26.10 8.45
N GLY A 247 -31.93 -25.14 7.91
CA GLY A 247 -31.90 -23.78 8.39
C GLY A 247 -30.90 -22.87 7.71
N ALA A 248 -29.88 -23.42 7.06
CA ALA A 248 -28.88 -22.62 6.39
C ALA A 248 -29.50 -21.82 5.24
N THR A 249 -28.97 -20.62 5.01
CA THR A 249 -29.44 -19.73 3.97
C THR A 249 -28.28 -19.38 3.03
N ILE A 250 -28.59 -19.18 1.76
CA ILE A 250 -27.60 -18.83 0.75
C ILE A 250 -28.10 -17.64 -0.04
N GLY A 251 -27.38 -16.52 0.05
CA GLY A 251 -27.63 -15.41 -0.84
C GLY A 251 -26.95 -15.61 -2.18
N LEU A 252 -27.46 -14.92 -3.19
CA LEU A 252 -26.89 -15.04 -4.52
C LEU A 252 -26.98 -13.71 -5.25
N GLU A 253 -25.90 -13.35 -5.94
CA GLU A 253 -25.84 -12.16 -6.78
C GLU A 253 -25.17 -12.54 -8.09
N ALA A 254 -25.83 -12.26 -9.20
CA ALA A 254 -25.31 -12.55 -10.53
C ALA A 254 -25.62 -11.39 -11.45
N SER A 255 -24.64 -11.00 -12.27
CA SER A 255 -24.80 -9.83 -13.11
C SER A 255 -23.72 -9.76 -14.17
N TRP A 256 -24.09 -9.26 -15.35
CA TRP A 256 -23.13 -8.79 -16.35
C TRP A 256 -22.92 -7.28 -16.24
N ALA A 257 -23.99 -6.54 -15.92
CA ALA A 257 -23.95 -5.10 -15.86
C ALA A 257 -24.71 -4.63 -14.63
N ILE A 258 -24.00 -4.00 -13.70
CA ILE A 258 -24.63 -3.37 -12.56
C ILE A 258 -23.65 -2.37 -11.96
N ASN A 259 -24.17 -1.27 -11.45
CA ASN A 259 -23.33 -0.22 -10.91
C ASN A 259 -22.95 -0.56 -9.47
N LEU A 261 -19.16 -1.68 -7.22
CA LEU A 261 -17.71 -1.55 -7.31
C LEU A 261 -17.02 -2.90 -7.45
N ASP A 262 -17.45 -3.89 -6.67
CA ASP A 262 -16.72 -5.16 -6.57
C ASP A 262 -17.19 -6.12 -7.66
N SER A 263 -16.27 -6.50 -8.54
CA SER A 263 -16.53 -7.46 -9.61
C SER A 263 -15.95 -8.79 -9.16
N ARG A 264 -16.74 -9.54 -8.38
CA ARG A 264 -16.33 -10.84 -7.86
C ARG A 264 -17.26 -11.90 -8.41
N GLU A 265 -16.69 -12.88 -9.13
CA GLU A 265 -17.46 -13.98 -9.70
C GLU A 265 -16.74 -15.30 -9.41
N ALA A 266 -17.47 -16.40 -9.57
CA ALA A 266 -16.98 -17.75 -9.27
C ALA A 266 -16.38 -17.80 -7.87
N SER A 267 -17.07 -17.17 -6.93
CA SER A 267 -16.56 -16.98 -5.57
C SER A 267 -17.68 -17.23 -4.57
N THR A 268 -17.28 -17.67 -3.37
CA THR A 268 -18.24 -18.00 -2.33
C THR A 268 -17.76 -17.45 -1.00
N THR A 269 -18.72 -17.20 -0.10
CA THR A 269 -18.45 -16.77 1.27
C THR A 269 -19.22 -17.70 2.20
N LEU A 270 -18.53 -18.27 3.19
CA LEU A 270 -19.12 -19.28 4.05
C LEU A 270 -18.89 -18.91 5.51
N CYS A 271 -19.97 -18.89 6.29
CA CYS A 271 -19.93 -18.57 7.72
C CYS A 271 -20.32 -19.82 8.50
N GLY A 272 -19.39 -20.32 9.32
CA GLY A 272 -19.59 -21.56 10.04
C GLY A 272 -19.51 -21.37 11.55
N THR A 273 -19.94 -22.41 12.26
CA THR A 273 -19.94 -22.36 13.72
C THR A 273 -18.53 -22.23 14.28
N GLU A 274 -17.55 -22.81 13.61
CA GLU A 274 -16.18 -22.83 14.11
C GLU A 274 -15.25 -21.83 13.42
N ALA A 275 -15.51 -21.51 12.16
CA ALA A 275 -14.68 -20.57 11.40
C ALA A 275 -15.45 -20.10 10.19
N GLY A 276 -14.82 -19.23 9.40
CA GLY A 276 -15.39 -18.78 8.15
C GLY A 276 -14.34 -18.73 7.06
N ALA A 277 -14.80 -18.50 5.84
CA ALA A 277 -13.92 -18.46 4.69
C ALA A 277 -14.60 -17.72 3.55
N GLU A 278 -13.78 -17.25 2.61
CA GLU A 278 -14.29 -16.63 1.40
C GLU A 278 -13.21 -16.67 0.33
N ILE A 279 -13.66 -16.82 -0.92
CA ILE A 279 -12.78 -16.87 -2.09
C ILE A 279 -13.03 -15.64 -2.93
N HIS A 280 -11.98 -15.15 -3.59
CA HIS A 280 -12.07 -13.97 -4.44
C HIS A 280 -11.60 -14.30 -5.84
N SER A 281 -12.44 -13.99 -6.80
CA SER A 281 -12.09 -14.20 -8.22
C SER A 281 -12.93 -13.26 -9.05
N GLY A 282 -12.40 -12.77 -10.16
CA GLY A 282 -13.19 -11.86 -10.98
C GLY A 282 -12.35 -10.75 -11.55
N SER A 284 -12.07 -7.69 -10.53
CA SER A 284 -11.39 -6.79 -9.57
C SER A 284 -10.29 -7.53 -8.82
N TYR A 285 -9.99 -8.77 -9.21
CA TYR A 285 -8.96 -9.59 -8.53
C TYR A 285 -7.97 -10.14 -9.55
N PRO A 286 -6.73 -9.62 -9.61
CA PRO A 286 -5.73 -10.10 -10.56
C PRO A 286 -5.21 -11.46 -10.11
N LYS A 287 -5.20 -11.69 -8.81
CA LYS A 287 -4.76 -12.96 -8.22
C LYS A 287 -5.91 -13.52 -7.41
N ASN A 288 -6.30 -14.76 -7.69
CA ASN A 288 -7.33 -15.41 -6.90
C ASN A 288 -6.91 -15.47 -5.43
N GLU A 289 -7.89 -15.38 -4.55
CA GLU A 289 -7.63 -15.28 -3.12
C GLU A 289 -8.48 -16.28 -2.36
N LEU A 290 -7.95 -16.70 -1.20
CA LEU A 290 -8.69 -17.51 -0.24
C LEU A 290 -8.30 -17.04 1.15
N ILE A 291 -9.31 -16.67 1.95
CA ILE A 291 -9.08 -16.11 3.28
C ILE A 291 -9.98 -16.82 4.28
N TYR A 292 -9.36 -17.53 5.23
CA TYR A 292 -10.09 -18.09 6.37
C TYR A 292 -10.07 -17.11 7.52
N ASN A 293 -11.17 -17.05 8.26
CA ASN A 293 -11.24 -16.23 9.47
C ASN A 293 -11.72 -17.09 10.63
N ARG A 294 -11.15 -16.85 11.81
CA ARG A 294 -11.48 -17.60 13.01
C ARG A 294 -10.87 -16.88 14.20
N ALA A 295 -11.26 -17.32 15.40
CA ALA A 295 -10.65 -16.87 16.64
C ALA A 295 -9.66 -17.93 17.09
N ARG A 296 -8.43 -17.50 17.41
CA ARG A 296 -7.37 -18.41 17.84
C ARG A 296 -6.73 -17.82 19.08
N ASN A 297 -6.84 -18.54 20.19
CA ASN A 297 -6.30 -18.11 21.48
C ASN A 297 -6.81 -16.72 21.84
N ASN A 298 -8.12 -16.52 21.66
CA ASN A 298 -8.83 -15.31 22.06
C ASN A 298 -8.41 -14.08 21.27
N GLN A 299 -8.00 -14.28 20.02
CA GLN A 299 -7.69 -13.18 19.11
C GLN A 299 -8.22 -13.51 17.73
N LEU A 300 -8.94 -12.58 17.12
CA LEU A 300 -9.48 -12.79 15.79
C LEU A 300 -8.35 -12.78 14.76
N GLU A 302 -6.87 -14.19 10.55
CA GLU A 302 -7.23 -14.45 9.16
C GLU A 302 -6.05 -15.11 8.46
N GLU A 303 -6.28 -16.30 7.91
CA GLU A 303 -5.27 -17.02 7.14
C GLU A 303 -5.47 -16.74 5.67
N THR A 304 -4.37 -16.44 4.98
CA THR A 304 -4.43 -16.04 3.58
C THR A 304 -3.31 -16.71 2.80
N LEU A 305 -3.55 -16.89 1.49
CA LEU A 305 -2.53 -17.43 0.60
C LEU A 305 -1.36 -16.45 0.47
N SER A 306 -0.16 -17.00 0.38
CA SER A 306 1.06 -16.21 0.30
C SER A 306 1.52 -16.06 -1.15
N SER A 307 2.31 -15.02 -1.41
CA SER A 307 2.76 -14.69 -2.75
C SER A 307 3.85 -15.67 -3.18
N VAL A 308 3.53 -16.52 -4.16
CA VAL A 308 4.50 -17.48 -4.68
C VAL A 308 5.07 -17.00 -6.01
N GLU A 320 -4.57 -23.61 -16.02
CA GLU A 320 -4.30 -24.72 -15.12
C GLU A 320 -5.53 -25.59 -14.94
N GLU A 321 -6.55 -25.04 -14.27
CA GLU A 321 -7.73 -25.82 -13.91
C GLU A 321 -8.44 -26.39 -15.14
N GLY A 322 -8.30 -25.73 -16.29
CA GLY A 322 -8.97 -26.21 -17.49
C GLY A 322 -8.57 -27.62 -17.85
N THR A 323 -7.26 -27.87 -17.92
CA THR A 323 -6.78 -29.20 -18.29
C THR A 323 -6.93 -30.21 -17.16
N VAL A 324 -6.90 -29.74 -15.91
CA VAL A 324 -7.02 -30.67 -14.78
C VAL A 324 -8.44 -31.24 -14.73
N ASP A 325 -9.44 -30.39 -14.92
CA ASP A 325 -10.81 -30.87 -15.06
C ASP A 325 -10.89 -31.95 -16.14
N ASN A 326 -10.28 -31.69 -17.30
CA ASN A 326 -10.22 -32.61 -18.42
C ASN A 326 -9.64 -33.95 -18.00
N ARG A 327 -8.37 -33.97 -17.61
CA ARG A 327 -7.71 -35.24 -17.29
C ARG A 327 -8.51 -36.03 -16.27
N GLN A 328 -9.03 -35.35 -15.25
CA GLN A 328 -9.90 -35.94 -14.25
C GLN A 328 -11.03 -36.74 -14.87
N TRP A 329 -11.54 -36.25 -16.00
CA TRP A 329 -12.69 -36.85 -16.66
C TRP A 329 -12.37 -38.24 -17.19
N LEU A 330 -11.26 -38.38 -17.91
CA LEU A 330 -10.99 -39.62 -18.62
C LEU A 330 -10.58 -40.75 -17.66
N GLU A 331 -9.81 -40.43 -16.63
CA GLU A 331 -9.37 -41.44 -15.67
C GLU A 331 -10.51 -42.00 -14.83
N ALA A 332 -11.66 -41.34 -14.83
CA ALA A 332 -12.82 -41.90 -14.15
C ALA A 332 -13.45 -43.02 -14.97
N ILE A 333 -13.55 -42.85 -16.28
CA ILE A 333 -14.19 -43.85 -17.14
C ILE A 333 -13.31 -45.10 -17.22
N GLN A 334 -12.08 -44.92 -17.69
CA GLN A 334 -11.20 -46.05 -17.99
C GLN A 334 -11.06 -46.98 -16.79
N ASN A 335 -11.01 -46.41 -15.59
CA ASN A 335 -10.67 -47.16 -14.39
C ASN A 335 -11.86 -47.48 -13.49
N GLY A 336 -13.06 -47.03 -13.84
CA GLY A 336 -14.28 -47.52 -13.22
C GLY A 336 -14.79 -46.77 -12.02
N THR A 337 -14.24 -45.60 -11.71
CA THR A 337 -14.69 -44.81 -10.58
C THR A 337 -15.30 -43.51 -11.07
N GLU A 338 -16.01 -42.83 -10.17
CA GLU A 338 -16.85 -41.70 -10.56
C GLU A 338 -16.00 -40.49 -10.98
N PRO A 339 -16.54 -39.63 -11.84
CA PRO A 339 -15.95 -38.31 -12.03
C PRO A 339 -16.38 -37.36 -10.91
N LEU A 340 -15.73 -36.20 -10.87
CA LEU A 340 -15.92 -35.31 -9.71
C LEU A 340 -17.30 -34.67 -9.72
N VAL A 341 -17.59 -33.86 -10.74
CA VAL A 341 -18.88 -33.17 -10.80
C VAL A 341 -19.97 -34.22 -11.07
N LYS A 342 -20.78 -34.51 -10.06
CA LYS A 342 -21.82 -35.52 -10.15
C LYS A 342 -23.10 -34.91 -10.70
N PRO A 343 -23.92 -35.72 -11.40
CA PRO A 343 -25.11 -35.16 -12.06
C PRO A 343 -26.12 -34.56 -11.09
N GLU A 344 -26.44 -35.27 -10.01
CA GLU A 344 -27.39 -34.76 -9.02
C GLU A 344 -26.97 -33.38 -8.51
N GLU A 345 -25.67 -33.10 -8.50
CA GLU A 345 -25.20 -31.78 -8.10
C GLU A 345 -25.55 -30.73 -9.16
N ALA A 346 -25.20 -30.99 -10.41
CA ALA A 346 -25.42 -30.02 -11.47
C ALA A 346 -26.90 -29.79 -11.76
N LEU A 347 -27.76 -30.71 -11.35
CA LEU A 347 -29.20 -30.52 -11.56
C LEU A 347 -29.77 -29.65 -10.45
N ALA A 348 -29.31 -29.88 -9.21
CA ALA A 348 -29.72 -29.05 -8.07
C ALA A 348 -29.46 -27.58 -8.34
N VAL A 349 -28.32 -27.27 -8.98
CA VAL A 349 -28.04 -25.89 -9.37
C VAL A 349 -29.09 -25.41 -10.35
N THR A 350 -29.37 -26.22 -11.38
CA THR A 350 -30.33 -25.84 -12.41
C THR A 350 -31.71 -25.57 -11.83
N LYS A 351 -32.11 -26.33 -10.81
CA LYS A 351 -33.43 -26.14 -10.21
C LYS A 351 -33.48 -24.87 -9.36
N ILE A 352 -32.46 -24.64 -8.54
CA ILE A 352 -32.42 -23.44 -7.72
C ILE A 352 -32.39 -22.20 -8.61
N LEU A 353 -31.64 -22.26 -9.70
CA LEU A 353 -31.58 -21.12 -10.61
C LEU A 353 -32.91 -20.90 -11.32
N ASP A 354 -33.50 -21.98 -11.82
CA ASP A 354 -34.82 -21.87 -12.47
C ASP A 354 -35.85 -21.30 -11.51
N ALA A 355 -35.78 -21.68 -10.23
CA ALA A 355 -36.72 -21.17 -9.25
C ALA A 355 -36.54 -19.67 -9.02
N ILE A 356 -35.31 -19.16 -9.13
CA ILE A 356 -35.09 -17.72 -8.99
C ILE A 356 -35.75 -16.97 -10.14
N TYR A 357 -35.53 -17.43 -11.37
CA TYR A 357 -36.28 -16.90 -12.50
C TYR A 357 -37.78 -16.94 -12.22
N LYS A 358 -38.28 -18.10 -11.77
CA LYS A 358 -39.69 -18.30 -11.49
C LYS A 358 -40.10 -17.68 -10.16
N SER A 359 -39.51 -16.55 -9.82
CA SER A 359 -40.07 -15.59 -8.88
C SER A 359 -40.29 -14.23 -9.55
N ALA A 360 -40.39 -14.23 -10.88
CA ALA A 360 -41.06 -13.16 -11.60
C ALA A 360 -42.56 -13.16 -11.31
N LYS A 361 -43.06 -14.19 -10.63
CA LYS A 361 -44.41 -14.24 -10.11
C LYS A 361 -44.54 -13.63 -8.71
N THR A 362 -43.47 -13.02 -8.19
CA THR A 362 -43.50 -12.33 -6.89
C THR A 362 -44.02 -13.27 -5.79
N ASN A 363 -43.57 -14.52 -5.80
CA ASN A 363 -43.86 -15.41 -4.70
C ASN A 363 -42.78 -16.47 -4.56
N THR A 364 -42.71 -17.05 -3.37
CA THR A 364 -41.59 -17.91 -2.97
C THR A 364 -41.85 -19.33 -3.45
N ILE A 365 -41.03 -19.80 -4.39
CA ILE A 365 -41.07 -21.20 -4.80
C ILE A 365 -40.59 -22.07 -3.65
N LYS A 366 -41.42 -23.03 -3.24
CA LYS A 366 -41.06 -23.98 -2.21
C LYS A 366 -40.79 -25.35 -2.81
N PHE A 367 -39.95 -26.11 -2.13
CA PHE A 367 -39.48 -27.39 -2.65
C PHE A 367 -40.04 -28.56 -1.84
N GLY B 1 -16.05 -1.96 -50.94
CA GLY B 1 -16.54 -0.60 -51.01
C GLY B 1 -15.49 0.40 -51.46
N SER B 3 -11.20 0.88 -52.06
CA SER B 3 -9.95 0.17 -52.26
C SER B 3 -8.86 0.73 -51.35
N LYS B 4 -7.91 -0.14 -50.99
CA LYS B 4 -6.91 0.20 -50.00
C LYS B 4 -6.07 1.39 -50.45
N LEU B 5 -5.79 2.30 -49.52
CA LEU B 5 -4.86 3.38 -49.80
C LEU B 5 -3.45 2.85 -49.96
N LYS B 6 -2.72 3.41 -50.92
CA LYS B 6 -1.35 2.99 -51.21
C LYS B 6 -0.40 3.93 -50.48
N ILE B 7 0.45 3.37 -49.62
CA ILE B 7 1.24 4.12 -48.66
C ILE B 7 2.71 4.06 -49.04
N GLY B 8 3.40 5.17 -48.84
CA GLY B 8 4.85 5.19 -48.90
C GLY B 8 5.43 5.86 -47.66
N ILE B 9 6.27 5.16 -46.90
CA ILE B 9 6.88 5.71 -45.71
C ILE B 9 8.30 6.16 -46.02
N ILE B 10 8.59 7.42 -45.73
CA ILE B 10 9.93 7.98 -45.85
C ILE B 10 10.54 8.00 -44.47
N GLY B 11 11.63 7.27 -44.29
CA GLY B 11 12.20 7.11 -42.96
C GLY B 11 11.69 5.86 -42.28
N CYS B 12 12.53 4.82 -42.26
CA CYS B 12 12.19 3.53 -41.67
C CYS B 12 12.96 3.28 -40.39
N GLY B 13 13.10 4.32 -39.57
CA GLY B 13 13.84 4.24 -38.33
C GLY B 13 12.98 3.81 -37.15
N GLY B 14 13.22 4.43 -36.00
CA GLY B 14 12.57 4.04 -34.77
C GLY B 14 11.06 4.11 -34.77
N ILE B 15 10.50 5.32 -34.89
CA ILE B 15 9.06 5.48 -34.76
C ILE B 15 8.32 4.77 -35.88
N ALA B 16 8.97 4.58 -37.03
CA ALA B 16 8.32 3.89 -38.13
C ALA B 16 8.11 2.41 -37.82
N ASN B 17 9.07 1.80 -37.10
CA ASN B 17 9.01 0.36 -36.87
C ASN B 17 8.07 0.00 -35.72
N GLN B 18 7.96 0.85 -34.71
CA GLN B 18 7.20 0.51 -33.52
C GLN B 18 5.87 1.24 -33.40
N LYS B 19 5.56 2.19 -34.29
CA LYS B 19 4.27 2.85 -34.28
C LYS B 19 3.51 2.68 -35.58
N HIS B 20 4.13 2.99 -36.73
CA HIS B 20 3.41 3.03 -37.98
C HIS B 20 3.17 1.63 -38.55
N PHE B 21 4.24 0.87 -38.78
CA PHE B 21 4.11 -0.47 -39.36
C PHE B 21 3.13 -1.36 -38.61
N PRO B 22 3.21 -1.51 -37.28
CA PRO B 22 2.19 -2.33 -36.60
C PRO B 22 0.78 -1.77 -36.72
N ALA B 23 0.65 -0.43 -36.73
CA ALA B 23 -0.67 0.16 -36.88
C ALA B 23 -1.21 -0.07 -38.28
N LEU B 24 -0.39 0.19 -39.30
CA LEU B 24 -0.81 -0.05 -40.68
C LEU B 24 -1.21 -1.49 -40.89
N LYS B 25 -0.49 -2.42 -40.26
CA LYS B 25 -0.85 -3.84 -40.37
C LYS B 25 -2.16 -4.12 -39.64
N ASN B 26 -2.33 -3.55 -38.45
CA ASN B 26 -3.60 -3.72 -37.74
C ASN B 26 -4.77 -3.25 -38.58
N ASN B 27 -4.60 -2.14 -39.30
CA ASN B 27 -5.59 -1.63 -40.25
C ASN B 27 -5.23 -2.04 -41.68
N ALA B 28 -4.80 -3.28 -41.88
CA ALA B 28 -4.40 -3.73 -43.21
C ALA B 28 -5.54 -3.72 -44.20
N ASP B 29 -6.80 -3.66 -43.72
CA ASP B 29 -7.95 -3.67 -44.62
C ASP B 29 -8.11 -2.36 -45.38
N LEU B 30 -7.46 -1.29 -44.92
CA LEU B 30 -7.61 0.02 -45.53
C LEU B 30 -6.35 0.51 -46.24
N ASN B 31 -5.28 -0.29 -46.26
CA ASN B 31 -4.01 0.23 -46.72
C ASN B 31 -3.10 -0.90 -47.17
N GLU B 32 -2.12 -0.54 -47.99
CA GLU B 32 -0.97 -1.38 -48.28
C GLU B 32 0.17 -0.44 -48.65
N ILE B 33 1.40 -0.87 -48.34
CA ILE B 33 2.56 0.01 -48.42
C ILE B 33 3.34 -0.26 -49.70
N VAL B 34 3.63 0.81 -50.44
CA VAL B 34 4.53 0.75 -51.58
C VAL B 34 5.52 1.89 -51.51
N PHE B 36 8.73 2.42 -49.60
CA PHE B 36 9.71 2.33 -48.53
C PHE B 36 10.96 3.14 -48.86
N CYS B 37 11.42 3.93 -47.89
CA CYS B 37 12.49 4.89 -48.13
C CYS B 37 13.24 5.15 -46.84
N ASP B 38 14.58 5.07 -46.91
CA ASP B 38 15.47 5.44 -45.83
C ASP B 38 16.88 5.48 -46.38
N ILE B 39 17.61 6.56 -46.08
CA ILE B 39 18.93 6.76 -46.69
C ILE B 39 19.93 5.69 -46.25
N GLN B 40 19.74 5.07 -45.09
CA GLN B 40 20.38 3.80 -44.80
C GLN B 40 19.51 2.73 -45.43
N ILE B 41 19.86 2.32 -46.66
CA ILE B 41 18.92 1.59 -47.51
C ILE B 41 18.56 0.22 -46.95
N ASP B 42 19.41 -0.38 -46.11
CA ASP B 42 19.08 -1.71 -45.57
C ASP B 42 17.91 -1.63 -44.61
N ARG B 43 17.74 -0.51 -43.91
CA ARG B 43 16.54 -0.31 -43.10
C ARG B 43 15.29 -0.36 -43.97
N ALA B 44 15.32 0.35 -45.11
CA ALA B 44 14.18 0.34 -46.02
C ALA B 44 13.95 -1.06 -46.59
N GLU B 45 15.02 -1.78 -46.90
CA GLU B 45 14.88 -3.12 -47.48
C GLU B 45 14.36 -4.11 -46.43
N LYS B 46 14.84 -4.02 -45.19
CA LYS B 46 14.38 -4.92 -44.15
C LYS B 46 12.91 -4.67 -43.81
N ALA B 47 12.50 -3.41 -43.81
CA ALA B 47 11.10 -3.07 -43.57
C ALA B 47 10.22 -3.50 -44.74
N ALA B 48 10.72 -3.32 -45.97
CA ALA B 48 9.98 -3.74 -47.15
C ALA B 48 9.85 -5.26 -47.24
N ALA B 49 10.51 -6.01 -46.36
CA ALA B 49 10.46 -7.46 -46.38
C ALA B 49 9.33 -8.04 -45.54
N GLU B 50 8.98 -7.40 -44.43
CA GLU B 50 7.99 -7.91 -43.50
C GLU B 50 6.74 -7.06 -43.41
N PHE B 51 6.70 -5.92 -44.09
CA PHE B 51 5.52 -5.05 -44.12
C PHE B 51 5.11 -4.61 -45.51
N GLY B 52 5.96 -4.76 -46.52
CA GLY B 52 5.65 -4.36 -47.87
C GLY B 52 4.33 -4.89 -48.40
N GLY B 55 5.58 -6.35 -54.10
CA GLY B 55 6.74 -5.88 -54.86
C GLY B 55 6.90 -4.38 -54.80
N ALA B 56 6.94 -3.85 -53.58
CA ALA B 56 6.93 -2.41 -53.35
C ALA B 56 8.30 -1.79 -53.65
N GLN B 57 8.29 -0.47 -53.82
CA GLN B 57 9.52 0.26 -54.10
C GLN B 57 10.40 0.33 -52.87
N VAL B 58 11.71 0.19 -53.08
CA VAL B 58 12.68 0.32 -51.99
C VAL B 58 13.83 1.19 -52.45
N THR B 59 13.82 2.45 -52.06
CA THR B 59 14.81 3.43 -52.49
C THR B 59 15.58 3.97 -51.29
N ALA B 60 16.56 4.82 -51.58
CA ALA B 60 17.21 5.63 -50.56
C ALA B 60 17.04 7.12 -50.81
N ASP B 61 16.40 7.52 -51.91
CA ASP B 61 16.10 8.91 -52.24
C ASP B 61 14.61 9.11 -52.07
N TYR B 62 14.23 10.08 -51.24
CA TYR B 62 12.80 10.37 -51.08
C TYR B 62 12.22 10.96 -52.35
N LYS B 63 13.01 11.73 -53.09
CA LYS B 63 12.52 12.32 -54.34
C LYS B 63 12.12 11.25 -55.34
N GLU B 64 12.78 10.09 -55.31
CA GLU B 64 12.41 8.99 -56.19
C GLU B 64 11.08 8.35 -55.80
N LEU B 65 10.66 8.48 -54.53
CA LEU B 65 9.43 7.87 -54.08
C LEU B 65 8.20 8.74 -54.37
N LEU B 66 8.32 10.06 -54.25
CA LEU B 66 7.21 10.92 -54.62
C LEU B 66 7.01 10.95 -56.13
N ALA B 67 8.01 10.54 -56.91
CA ALA B 67 7.83 10.34 -58.33
C ALA B 67 6.96 9.12 -58.61
N ASN B 68 7.00 8.12 -57.72
CA ASN B 68 6.19 6.91 -57.84
C ASN B 68 4.72 7.28 -57.91
N PRO B 69 4.07 7.06 -59.06
CA PRO B 69 2.66 7.47 -59.20
C PRO B 69 1.70 6.60 -58.40
N GLU B 70 2.09 5.38 -58.04
CA GLU B 70 1.20 4.51 -57.28
C GLU B 70 1.03 4.95 -55.83
N VAL B 71 2.00 5.69 -55.28
CA VAL B 71 1.89 6.19 -53.92
C VAL B 71 0.77 7.23 -53.87
N GLU B 72 -0.15 7.06 -52.91
CA GLU B 72 -1.23 8.00 -52.70
C GLU B 72 -1.13 8.73 -51.37
N VAL B 73 -0.52 8.10 -50.36
CA VAL B 73 -0.35 8.69 -49.03
C VAL B 73 1.09 8.48 -48.60
N VAL B 74 1.70 9.55 -48.06
CA VAL B 74 3.09 9.52 -47.62
C VAL B 74 3.13 9.80 -46.13
N HIS B 75 3.96 9.02 -45.42
CA HIS B 75 4.20 9.18 -43.99
C HIS B 75 5.67 9.54 -43.82
N VAL B 76 5.93 10.72 -43.27
CA VAL B 76 7.31 11.16 -43.06
C VAL B 76 7.66 10.92 -41.60
N CYS B 77 8.65 10.06 -41.37
CA CYS B 77 9.15 9.69 -40.04
C CYS B 77 10.67 9.77 -39.99
N THR B 78 11.24 10.81 -40.60
CA THR B 78 12.64 11.18 -40.48
C THR B 78 12.76 12.36 -39.50
N PRO B 79 13.98 12.67 -39.02
CA PRO B 79 14.16 13.75 -38.02
C PRO B 79 13.53 15.10 -38.39
N ASN B 80 13.57 16.02 -37.43
CA ASN B 80 12.70 17.19 -37.44
C ASN B 80 13.10 18.19 -38.53
N VAL B 81 14.41 18.47 -38.67
CA VAL B 81 14.85 19.41 -39.69
C VAL B 81 14.36 18.97 -41.06
N SER B 82 14.47 17.67 -41.34
CA SER B 82 14.03 17.13 -42.63
C SER B 82 12.55 17.34 -42.89
N HIS B 83 11.74 17.58 -41.85
CA HIS B 83 10.29 17.49 -41.99
C HIS B 83 9.75 18.46 -43.04
N SER B 84 10.29 19.68 -43.09
CA SER B 84 9.70 20.68 -43.99
C SER B 84 10.03 20.38 -45.45
N GLU B 85 11.27 20.03 -45.75
CA GLU B 85 11.65 19.73 -47.13
C GLU B 85 10.82 18.59 -47.69
N ILE B 86 10.83 17.44 -47.01
CA ILE B 86 10.08 16.28 -47.49
C ILE B 86 8.59 16.60 -47.59
N THR B 87 8.04 17.23 -46.56
CA THR B 87 6.59 17.43 -46.51
C THR B 87 6.12 18.45 -47.57
N ILE B 88 6.74 19.63 -47.59
CA ILE B 88 6.18 20.78 -48.27
C ILE B 88 6.30 20.69 -49.79
N ALA B 89 7.19 21.51 -50.35
CA ALA B 89 7.29 21.70 -51.80
C ALA B 89 7.54 20.39 -52.54
N ALA B 90 7.75 19.30 -51.80
CA ALA B 90 8.03 18.00 -52.38
C ALA B 90 6.85 17.04 -52.24
N PHE B 91 6.43 16.72 -51.01
CA PHE B 91 5.43 15.67 -50.83
C PHE B 91 4.05 16.12 -51.27
N GLU B 92 3.64 17.34 -50.91
CA GLU B 92 2.33 17.82 -51.33
C GLU B 92 2.29 18.03 -52.84
N ALA B 93 2.92 17.12 -53.57
CA ALA B 93 2.77 17.01 -55.02
C ALA B 93 1.78 15.88 -55.34
N GLY B 94 0.54 16.11 -54.92
CA GLY B 94 -0.50 15.12 -55.08
C GLY B 94 -0.49 14.00 -54.06
N LYS B 95 0.18 14.18 -52.93
CA LYS B 95 0.28 13.14 -51.90
C LYS B 95 -0.31 13.64 -50.59
N HIS B 96 -1.16 12.81 -49.99
CA HIS B 96 -1.57 13.04 -48.60
C HIS B 96 -0.39 12.76 -47.68
N VAL B 97 -0.18 13.64 -46.70
CA VAL B 97 1.01 13.59 -45.86
C VAL B 97 0.60 13.46 -44.39
N TYR B 98 1.18 12.48 -43.71
CA TYR B 98 1.13 12.34 -42.25
C TYR B 98 2.55 12.60 -41.75
N CYS B 99 2.73 13.75 -41.09
CA CYS B 99 4.05 14.13 -40.60
C CYS B 99 4.14 13.87 -39.09
N GLU B 100 5.34 13.49 -38.65
CA GLU B 100 5.54 13.07 -37.27
C GLU B 100 5.44 14.27 -36.32
N LYS B 101 5.45 13.75 -35.10
CA LYS B 101 5.34 14.29 -33.74
C LYS B 101 5.61 15.76 -33.79
N PRO B 102 6.95 16.34 -34.12
CA PRO B 102 7.48 17.70 -34.19
C PRO B 102 7.29 18.20 -35.61
N SER B 104 7.83 20.90 -37.31
CA SER B 104 9.23 21.18 -37.60
C SER B 104 9.83 21.85 -36.37
N HIS B 105 11.10 22.24 -36.50
CA HIS B 105 11.82 23.00 -35.48
C HIS B 105 11.58 24.49 -35.57
N SER B 106 11.02 24.98 -36.67
CA SER B 106 10.94 26.41 -36.93
C SER B 106 9.50 26.81 -37.19
N THR B 107 9.10 27.97 -36.66
CA THR B 107 7.75 28.47 -36.89
C THR B 107 7.48 28.69 -38.38
N GLU B 108 8.50 29.07 -39.16
CA GLU B 108 8.30 29.50 -40.55
C GLU B 108 8.40 28.36 -41.58
N GLU B 109 9.22 27.33 -41.32
CA GLU B 109 9.10 26.11 -42.12
C GLU B 109 7.75 25.47 -41.90
N ALA B 110 7.19 25.63 -40.70
CA ALA B 110 5.85 25.16 -40.42
C ALA B 110 4.81 25.99 -41.16
N GLU B 111 4.97 27.32 -41.15
CA GLU B 111 4.06 28.18 -41.90
C GLU B 111 4.15 27.91 -43.39
N LYS B 112 5.34 27.56 -43.88
CA LYS B 112 5.47 27.13 -45.27
C LYS B 112 4.75 25.82 -45.51
N VAL B 114 2.12 24.52 -43.93
CA VAL B 114 0.68 24.72 -43.98
C VAL B 114 0.26 25.29 -45.33
N GLU B 115 0.90 26.40 -45.73
CA GLU B 115 0.64 27.00 -47.04
C GLU B 115 0.77 25.98 -48.15
N ALA B 116 1.83 25.18 -48.11
CA ALA B 116 2.02 24.12 -49.11
C ALA B 116 0.89 23.10 -49.06
N TRP B 117 0.37 22.82 -47.85
CA TRP B 117 -0.70 21.85 -47.72
C TRP B 117 -2.00 22.35 -48.36
N LYS B 118 -2.34 23.62 -48.12
CA LYS B 118 -3.62 24.11 -48.61
C LYS B 118 -3.61 24.27 -50.13
N LYS B 119 -2.45 24.46 -50.73
CA LYS B 119 -2.34 24.53 -52.18
C LYS B 119 -2.69 23.19 -52.77
N SER B 120 -1.97 22.16 -52.31
CA SER B 120 -2.19 20.75 -52.65
C SER B 120 -3.65 20.41 -52.80
N GLY B 121 -4.48 20.91 -51.90
CA GLY B 121 -5.85 20.43 -51.83
C GLY B 121 -5.96 19.03 -51.29
N LYS B 122 -4.92 18.55 -50.61
CA LYS B 122 -4.86 17.19 -50.09
C LYS B 122 -5.00 17.20 -48.57
N GLN B 123 -4.77 16.05 -47.96
CA GLN B 123 -4.99 15.84 -46.54
C GLN B 123 -3.68 15.92 -45.77
N PHE B 124 -3.75 16.45 -44.55
CA PHE B 124 -2.58 16.73 -43.73
C PHE B 124 -2.94 16.51 -42.27
N THR B 125 -2.00 15.94 -41.51
CA THR B 125 -2.15 15.82 -40.07
C THR B 125 -0.79 15.52 -39.45
N ILE B 126 -0.71 15.72 -38.13
CA ILE B 126 0.52 15.55 -37.37
C ILE B 126 0.35 14.37 -36.42
N GLY B 127 1.47 13.71 -36.12
CA GLY B 127 1.44 12.51 -35.30
C GLY B 127 1.29 12.75 -33.82
N TYR B 128 0.12 13.25 -33.41
CA TYR B 128 -0.18 13.46 -31.99
C TYR B 128 -1.10 12.33 -31.49
N GLN B 129 -0.52 11.13 -31.44
CA GLN B 129 -1.31 9.94 -31.13
C GLN B 129 -1.77 9.91 -29.68
N ASN B 130 -1.12 10.64 -28.78
CA ASN B 130 -1.55 10.68 -27.38
C ASN B 130 -2.96 11.22 -27.22
N ARG B 131 -3.50 11.90 -28.22
CA ARG B 131 -4.88 12.35 -28.14
C ARG B 131 -5.84 11.18 -28.04
N PHE B 132 -5.54 10.07 -28.70
CA PHE B 132 -6.46 8.96 -28.83
C PHE B 132 -6.40 7.97 -27.66
N ARG B 133 -5.54 8.23 -26.67
CA ARG B 133 -5.63 7.50 -25.42
C ARG B 133 -6.98 7.79 -24.77
N GLU B 134 -7.67 6.73 -24.34
CA GLU B 134 -9.06 6.86 -23.94
C GLU B 134 -9.24 7.87 -22.80
N GLU B 135 -8.27 8.00 -21.91
CA GLU B 135 -8.43 8.94 -20.81
C GLU B 135 -8.21 10.38 -21.26
N VAL B 136 -7.36 10.60 -22.26
CA VAL B 136 -7.25 11.94 -22.84
C VAL B 136 -8.54 12.31 -23.55
N ASN B 138 -11.32 11.16 -22.80
CA ASN B 138 -12.23 11.36 -21.69
C ASN B 138 -12.19 12.79 -21.19
N LEU B 139 -10.99 13.28 -20.90
CA LEU B 139 -10.84 14.67 -20.43
C LEU B 139 -11.33 15.64 -21.50
N LYS B 140 -10.96 15.40 -22.75
CA LYS B 140 -11.35 16.30 -23.85
C LYS B 140 -12.87 16.45 -23.91
N LYS B 141 -13.59 15.33 -23.80
CA LYS B 141 -15.04 15.39 -23.86
C LYS B 141 -15.64 16.17 -22.68
N SER B 142 -14.93 16.22 -21.53
CA SER B 142 -15.53 16.81 -20.33
C SER B 142 -15.43 18.33 -20.31
N CYS B 143 -14.39 18.90 -20.91
CA CYS B 143 -14.26 20.36 -21.04
C CYS B 143 -15.07 20.90 -22.22
N ASP B 144 -15.15 20.13 -23.31
CA ASP B 144 -16.09 20.47 -24.37
C ASP B 144 -17.51 20.57 -23.81
N LYS B 145 -17.85 19.70 -22.86
CA LYS B 145 -19.09 19.81 -22.12
C LYS B 145 -19.03 20.85 -21.02
N GLY B 146 -17.85 21.41 -20.74
CA GLY B 146 -17.72 22.47 -19.78
C GLY B 146 -17.84 22.05 -18.33
N GLU B 147 -17.63 20.77 -18.04
CA GLU B 147 -17.78 20.27 -16.67
C GLU B 147 -16.62 20.65 -15.77
N LEU B 148 -15.61 21.36 -16.29
CA LEU B 148 -14.59 21.97 -15.46
C LEU B 148 -14.84 23.47 -15.26
N GLY B 149 -15.73 24.06 -16.04
CA GLY B 149 -15.90 25.50 -16.03
C GLY B 149 -14.87 26.19 -16.92
N GLU B 150 -14.61 27.45 -16.61
CA GLU B 150 -13.53 28.17 -17.28
C GLU B 150 -12.19 27.70 -16.73
N ILE B 151 -11.27 27.37 -17.62
CA ILE B 151 -9.97 26.83 -17.26
C ILE B 151 -8.95 27.96 -17.32
N TYR B 152 -8.44 28.36 -16.16
CA TYR B 152 -7.50 29.47 -16.08
C TYR B 152 -6.08 29.08 -15.73
N TYR B 153 -5.87 27.91 -15.13
CA TYR B 153 -4.52 27.41 -14.87
C TYR B 153 -4.39 26.01 -15.46
N GLY B 154 -3.42 25.83 -16.35
CA GLY B 154 -3.15 24.54 -16.93
C GLY B 154 -1.67 24.22 -16.90
N LYS B 155 -1.31 23.01 -16.45
CA LYS B 155 0.07 22.59 -16.39
C LYS B 155 0.35 21.56 -17.47
N ALA B 156 1.50 21.70 -18.13
CA ALA B 156 1.93 20.76 -19.15
C ALA B 156 3.13 19.99 -18.61
N HIS B 157 3.00 18.67 -18.53
CA HIS B 157 4.03 17.80 -17.96
C HIS B 157 4.67 17.00 -19.07
N ALA B 158 5.98 17.15 -19.24
CA ALA B 158 6.72 16.40 -20.24
C ALA B 158 8.12 16.09 -19.69
N VAL B 159 8.17 15.54 -18.49
CA VAL B 159 9.41 15.36 -17.75
C VAL B 159 9.79 13.89 -17.75
N ARG B 160 11.05 13.61 -18.09
CA ARG B 160 11.68 12.33 -17.84
C ARG B 160 12.85 12.55 -16.89
N ARG B 161 12.99 11.65 -15.91
CA ARG B 161 14.09 11.80 -14.96
C ARG B 161 15.43 11.52 -15.62
N ARG B 162 15.49 10.50 -16.48
CA ARG B 162 16.73 10.12 -17.15
C ARG B 162 16.43 9.15 -18.29
N ALA B 163 16.09 9.68 -19.46
CA ALA B 163 15.70 8.85 -20.59
C ALA B 163 15.97 9.61 -21.90
N VAL B 164 17.23 9.96 -22.11
CA VAL B 164 17.63 10.57 -23.38
C VAL B 164 17.58 9.51 -24.49
N PRO B 165 16.91 9.76 -25.60
CA PRO B 165 16.89 8.78 -26.70
C PRO B 165 18.27 8.67 -27.34
N THR B 166 18.84 7.47 -27.33
CA THR B 166 20.21 7.23 -27.78
C THR B 166 20.27 6.30 -28.98
N TRP B 167 19.20 6.22 -29.78
CA TRP B 167 19.16 5.31 -30.92
C TRP B 167 19.15 6.05 -32.25
N GLY B 168 19.56 7.32 -32.27
CA GLY B 168 19.55 8.06 -33.52
C GLY B 168 20.27 9.38 -33.51
N VAL B 169 19.55 10.45 -33.81
CA VAL B 169 20.17 11.76 -34.00
C VAL B 169 19.48 12.82 -33.16
N PHE B 170 18.77 12.39 -32.12
CA PHE B 170 18.05 13.32 -31.26
C PHE B 170 18.97 14.36 -30.61
N ASP B 172 21.48 16.25 -32.08
CA ASP B 172 22.18 16.86 -33.21
C ASP B 172 21.31 18.05 -33.65
N LYS B 173 21.59 19.22 -33.07
CA LYS B 173 20.81 20.43 -33.37
C LYS B 173 20.70 20.70 -34.87
N GLU B 174 21.65 20.19 -35.66
CA GLU B 174 21.59 20.36 -37.10
C GLU B 174 20.48 19.52 -37.73
N ALA B 175 20.09 18.41 -37.08
CA ALA B 175 19.07 17.54 -37.63
C ALA B 175 17.74 17.59 -36.88
N GLN B 176 17.72 18.13 -35.65
CA GLN B 176 16.50 18.22 -34.87
C GLN B 176 16.09 19.65 -34.55
N GLY B 177 17.02 20.60 -34.52
CA GLY B 177 16.68 21.99 -34.28
C GLY B 177 16.49 22.31 -32.82
N GLY B 178 16.25 21.29 -32.01
CA GLY B 178 16.04 21.49 -30.59
C GLY B 178 16.08 20.16 -29.86
N GLY B 179 16.06 20.26 -28.53
CA GLY B 179 16.11 19.10 -27.68
C GLY B 179 14.75 18.68 -27.16
N PRO B 180 14.69 18.29 -25.88
CA PRO B 180 13.43 17.75 -25.34
C PRO B 180 12.31 18.76 -25.26
N LEU B 181 12.56 20.04 -25.54
CA LEU B 181 11.46 21.01 -25.56
C LEU B 181 10.51 20.75 -26.72
N ILE B 182 11.05 20.48 -27.90
CA ILE B 182 10.24 20.19 -29.08
C ILE B 182 10.12 18.69 -29.35
N ASP B 183 10.71 17.84 -28.52
CA ASP B 183 10.61 16.41 -28.69
C ASP B 183 9.40 15.84 -27.96
N ILE B 184 9.26 16.14 -26.67
CA ILE B 184 8.16 15.61 -25.86
C ILE B 184 7.33 16.72 -25.22
N GLY B 185 7.83 17.95 -25.16
CA GLY B 185 6.98 19.05 -24.73
C GLY B 185 5.85 19.36 -25.68
N THR B 186 5.99 18.95 -26.95
CA THR B 186 4.93 19.19 -27.92
C THR B 186 3.71 18.33 -27.63
N HIS B 187 3.93 17.08 -27.19
CA HIS B 187 2.82 16.21 -26.82
C HIS B 187 1.99 16.81 -25.70
N ALA B 188 2.65 17.25 -24.63
CA ALA B 188 1.94 17.74 -23.46
C ALA B 188 1.24 19.07 -23.73
N LEU B 189 1.92 19.97 -24.45
CA LEU B 189 1.30 21.24 -24.79
C LEU B 189 0.12 21.04 -25.74
N ASP B 190 0.27 20.14 -26.71
CA ASP B 190 -0.84 19.81 -27.61
C ASP B 190 -2.08 19.40 -26.82
N ILE B 191 -1.93 18.43 -25.92
CA ILE B 191 -3.06 17.99 -25.10
C ILE B 191 -3.64 19.16 -24.31
N THR B 192 -2.75 19.94 -23.68
CA THR B 192 -3.20 20.98 -22.76
C THR B 192 -4.03 22.04 -23.47
N LEU B 193 -3.51 22.60 -24.58
CA LEU B 193 -4.28 23.59 -25.32
C LEU B 193 -5.49 22.98 -26.00
N TRP B 194 -5.39 21.71 -26.43
CA TRP B 194 -6.52 21.07 -27.11
C TRP B 194 -7.70 20.87 -26.17
N CYS B 195 -7.42 20.57 -24.90
CA CYS B 195 -8.51 20.40 -23.93
C CYS B 195 -9.11 21.73 -23.51
N ASN B 197 -9.17 24.32 -25.44
CA ASN B 197 -9.61 24.96 -26.67
C ASN B 197 -9.24 26.44 -26.66
N ASN B 198 -7.97 26.71 -26.34
CA ASN B 198 -7.45 28.07 -26.24
C ASN B 198 -6.14 28.15 -27.00
N TYR B 199 -6.04 29.11 -27.92
CA TYR B 199 -4.82 29.28 -28.70
C TYR B 199 -4.46 30.75 -28.83
N ASP B 200 -4.99 31.60 -27.94
CA ASP B 200 -4.80 33.05 -28.02
C ASP B 200 -3.61 33.42 -27.13
N VAL B 201 -2.41 33.28 -27.66
CA VAL B 201 -1.20 33.54 -26.88
C VAL B 201 -1.04 35.04 -26.68
N ASP B 202 -0.80 35.44 -25.43
CA ASP B 202 -0.47 36.83 -25.12
C ASP B 202 1.04 37.00 -24.98
N SER B 203 1.68 36.21 -24.12
CA SER B 203 3.09 36.33 -23.84
C SER B 203 3.68 34.96 -23.54
N VAL B 204 5.00 34.87 -23.62
CA VAL B 204 5.71 33.62 -23.35
C VAL B 204 7.03 33.93 -22.65
N THR B 205 7.24 33.34 -21.48
CA THR B 205 8.49 33.43 -20.75
C THR B 205 9.01 32.02 -20.49
N GLY B 206 10.26 31.77 -20.88
CA GLY B 206 10.80 30.43 -20.79
C GLY B 206 12.26 30.43 -20.39
N SER B 207 12.76 29.23 -20.10
CA SER B 207 14.16 29.00 -19.78
C SER B 207 14.58 27.68 -20.40
N VAL B 208 15.84 27.62 -20.82
CA VAL B 208 16.41 26.44 -21.46
C VAL B 208 17.70 26.09 -20.74
N PHE B 209 17.84 24.84 -20.32
CA PHE B 209 18.92 24.42 -19.44
C PHE B 209 19.89 23.50 -20.16
N TYR B 210 21.18 23.80 -20.04
CA TYR B 210 22.27 22.96 -20.52
C TYR B 210 23.12 22.62 -19.30
N LYS B 211 22.85 21.47 -18.68
CA LYS B 211 23.46 21.17 -17.39
C LYS B 211 23.93 19.72 -17.30
N LEU B 212 23.05 18.78 -17.65
CA LEU B 212 23.36 17.36 -17.48
C LEU B 212 23.75 16.67 -18.78
N GLY B 213 23.42 17.26 -19.93
CA GLY B 213 23.74 16.60 -21.19
C GLY B 213 25.23 16.44 -21.42
N GLN B 214 26.00 17.46 -21.02
CA GLN B 214 27.45 17.45 -21.18
C GLN B 214 28.20 17.05 -19.92
N LYS B 215 27.52 17.01 -18.78
CA LYS B 215 28.11 16.49 -17.55
C LYS B 215 28.64 15.09 -17.77
N GLU B 216 29.81 14.81 -17.19
CA GLU B 216 30.41 13.48 -17.31
C GLU B 216 29.54 12.41 -16.66
N ASN B 217 28.91 12.74 -15.54
CA ASN B 217 28.08 11.81 -14.81
C ASN B 217 26.63 11.82 -15.30
N GLY B 218 26.32 12.69 -16.26
CA GLY B 218 24.99 12.80 -16.82
C GLY B 218 24.39 11.48 -17.29
N PRO B 219 25.11 10.72 -18.11
CA PRO B 219 24.55 9.48 -18.66
C PRO B 219 24.22 8.41 -17.62
N GLU B 220 24.63 8.57 -16.37
CA GLU B 220 24.42 7.52 -15.38
C GLU B 220 22.95 7.37 -15.04
N GLY B 221 22.43 6.15 -15.19
CA GLY B 221 21.05 5.85 -14.91
C GLY B 221 20.10 6.01 -16.07
N ASN B 222 20.61 6.25 -17.27
CA ASN B 222 19.72 6.50 -18.41
C ASN B 222 19.00 5.22 -18.84
N LEU B 223 17.70 5.37 -19.11
CA LEU B 223 16.91 4.24 -19.59
C LEU B 223 17.49 3.64 -20.86
N PHE B 224 18.03 4.47 -21.74
CA PHE B 224 18.47 4.01 -23.05
C PHE B 224 19.99 3.98 -23.16
N GLY B 225 20.65 3.34 -22.20
CA GLY B 225 22.09 3.24 -22.21
C GLY B 225 22.79 4.59 -22.10
N PRO B 226 24.10 4.58 -22.16
CA PRO B 226 24.86 5.83 -22.02
C PRO B 226 24.85 6.65 -23.30
N TRP B 227 25.21 7.91 -23.14
CA TRP B 227 25.30 8.84 -24.26
C TRP B 227 26.62 9.59 -24.18
N ASP B 228 27.19 9.88 -25.34
CA ASP B 228 28.45 10.60 -25.39
C ASP B 228 28.22 12.05 -24.95
N PRO B 229 28.81 12.49 -23.83
CA PRO B 229 28.60 13.87 -23.39
C PRO B 229 29.21 14.90 -24.33
N LYS B 230 30.18 14.52 -25.16
CA LYS B 230 30.77 15.47 -26.10
C LYS B 230 29.79 15.94 -27.14
N THR B 231 28.95 15.03 -27.62
CA THR B 231 28.08 15.29 -28.74
C THR B 231 26.63 15.51 -28.31
N PHE B 232 26.43 16.22 -27.20
CA PHE B 232 25.10 16.61 -26.72
C PHE B 232 24.91 18.08 -27.09
N GLU B 233 24.33 18.32 -28.27
CA GLU B 233 24.29 19.64 -28.86
C GLU B 233 22.99 20.39 -28.57
N VAL B 234 22.12 19.84 -27.74
CA VAL B 234 20.84 20.48 -27.41
C VAL B 234 20.62 20.37 -25.91
N GLU B 235 19.52 20.94 -25.45
CA GLU B 235 19.27 21.06 -24.02
C GLU B 235 18.91 19.71 -23.41
N ASP B 236 18.78 19.70 -22.08
CA ASP B 236 18.29 18.55 -21.34
C ASP B 236 17.03 18.84 -20.56
N SER B 237 16.61 20.09 -20.44
CA SER B 237 15.33 20.46 -19.85
C SER B 237 15.00 21.88 -20.24
N ALA B 238 13.75 22.27 -19.99
CA ALA B 238 13.25 23.61 -20.26
C ALA B 238 11.87 23.75 -19.64
N VAL B 239 11.59 24.94 -19.10
CA VAL B 239 10.28 25.24 -18.53
C VAL B 239 9.79 26.55 -19.11
N GLY B 240 8.47 26.68 -19.25
CA GLY B 240 7.88 27.85 -19.84
C GLY B 240 6.76 28.40 -19.00
N PHE B 241 6.32 29.61 -19.35
CA PHE B 241 5.27 30.33 -18.64
C PHE B 241 4.49 31.13 -19.69
N VAL B 242 3.30 30.65 -20.03
CA VAL B 242 2.54 31.19 -21.14
C VAL B 242 1.26 31.83 -20.62
N LYS B 243 1.02 33.07 -21.01
CA LYS B 243 -0.19 33.80 -20.66
C LYS B 243 -1.06 33.95 -21.90
N LYS B 245 -4.70 35.66 -23.61
CA LYS B 245 -5.45 36.90 -23.52
C LYS B 245 -6.73 36.82 -22.70
N ASN B 246 -7.28 35.63 -22.50
CA ASN B 246 -8.44 35.49 -21.64
C ASN B 246 -8.08 35.43 -20.17
N GLY B 247 -6.79 35.51 -19.83
CA GLY B 247 -6.34 35.44 -18.46
C GLY B 247 -5.82 34.09 -18.01
N ALA B 248 -5.97 33.06 -18.84
CA ALA B 248 -5.50 31.72 -18.48
C ALA B 248 -3.99 31.63 -18.60
N THR B 249 -3.38 30.88 -17.69
CA THR B 249 -1.93 30.73 -17.63
C THR B 249 -1.56 29.25 -17.73
N ILE B 250 -0.51 28.95 -18.48
CA ILE B 250 -0.08 27.59 -18.74
C ILE B 250 1.38 27.45 -18.35
N GLY B 251 1.66 26.59 -17.37
CA GLY B 251 3.02 26.21 -17.08
C GLY B 251 3.43 25.02 -17.93
N LEU B 252 4.72 24.95 -18.23
CA LEU B 252 5.24 23.86 -19.04
C LEU B 252 6.57 23.40 -18.45
N GLU B 253 6.76 22.08 -18.41
CA GLU B 253 8.02 21.49 -17.98
C GLU B 253 8.37 20.38 -18.95
N ALA B 254 9.61 20.39 -19.43
CA ALA B 254 10.06 19.38 -20.38
C ALA B 254 11.51 19.04 -20.09
N SER B 255 11.90 17.80 -20.39
CA SER B 255 13.23 17.31 -20.08
C SER B 255 13.48 15.90 -20.59
N TRP B 256 14.71 15.61 -21.01
CA TRP B 256 15.19 14.23 -21.14
C TRP B 256 15.93 13.77 -19.89
N ALA B 257 16.62 14.68 -19.22
CA ALA B 257 17.40 14.36 -18.02
C ALA B 257 17.27 15.53 -17.04
N ILE B 258 16.77 15.24 -15.84
CA ILE B 258 16.70 16.22 -14.77
C ILE B 258 16.50 15.48 -13.45
N ASN B 259 17.12 15.98 -12.38
CA ASN B 259 17.04 15.30 -11.10
C ASN B 259 15.75 15.61 -10.37
N LEU B 261 11.99 13.71 -9.17
CA LEU B 261 11.53 12.37 -8.82
C LEU B 261 10.40 11.88 -9.71
N ASP B 262 9.51 12.78 -10.14
CA ASP B 262 8.28 12.44 -10.84
C ASP B 262 8.52 12.57 -12.35
N SER B 263 8.68 11.44 -13.01
CA SER B 263 8.77 11.37 -14.47
C SER B 263 7.36 11.27 -15.03
N ARG B 264 6.78 12.41 -15.39
CA ARG B 264 5.41 12.49 -15.90
C ARG B 264 5.46 13.22 -17.24
N GLU B 265 5.09 12.52 -18.31
CA GLU B 265 5.11 13.09 -19.65
C GLU B 265 3.78 12.82 -20.34
N ALA B 266 3.55 13.55 -21.44
CA ALA B 266 2.31 13.45 -22.22
C ALA B 266 1.08 13.61 -21.33
N SER B 267 1.20 14.50 -20.35
CA SER B 267 0.19 14.68 -19.32
C SER B 267 -0.17 16.15 -19.19
N THR B 268 -1.36 16.40 -18.66
CA THR B 268 -1.83 17.76 -18.46
C THR B 268 -2.56 17.86 -17.13
N THR B 269 -2.55 19.06 -16.56
CA THR B 269 -3.27 19.38 -15.34
C THR B 269 -4.09 20.64 -15.60
N LEU B 270 -5.38 20.60 -15.30
CA LEU B 270 -6.29 21.68 -15.61
C LEU B 270 -7.08 22.07 -14.38
N CYS B 271 -6.98 23.33 -13.98
CA CYS B 271 -7.75 23.88 -12.88
C CYS B 271 -8.86 24.74 -13.45
N GLY B 272 -10.11 24.39 -13.17
CA GLY B 272 -11.26 25.09 -13.68
C GLY B 272 -12.05 25.79 -12.58
N THR B 273 -13.00 26.62 -13.02
CA THR B 273 -13.85 27.32 -12.07
C THR B 273 -14.88 26.41 -11.44
N GLU B 274 -15.20 25.29 -12.09
CA GLU B 274 -16.18 24.34 -11.54
C GLU B 274 -15.56 23.03 -11.09
N ALA B 275 -14.40 22.66 -11.61
CA ALA B 275 -13.77 21.39 -11.27
C ALA B 275 -12.34 21.40 -11.79
N GLY B 276 -11.54 20.44 -11.32
CA GLY B 276 -10.19 20.26 -11.78
C GLY B 276 -9.96 18.85 -12.29
N ALA B 277 -8.82 18.65 -12.96
CA ALA B 277 -8.48 17.34 -13.49
C ALA B 277 -6.98 17.28 -13.74
N GLU B 278 -6.47 16.05 -13.84
CA GLU B 278 -5.07 15.85 -14.20
C GLU B 278 -4.89 14.46 -14.80
N ILE B 279 -4.02 14.38 -15.80
CA ILE B 279 -3.65 13.13 -16.45
C ILE B 279 -2.27 12.73 -15.94
N HIS B 280 -2.08 11.44 -15.69
CA HIS B 280 -0.78 10.91 -15.28
C HIS B 280 -0.33 9.87 -16.29
N SER B 281 0.88 10.06 -16.80
CA SER B 281 1.51 9.08 -17.68
C SER B 281 3.00 9.36 -17.70
N GLY B 282 3.78 8.31 -17.94
CA GLY B 282 5.22 8.41 -17.98
C GLY B 282 5.87 7.19 -17.36
N SER B 284 7.03 6.88 -14.28
CA SER B 284 6.62 6.70 -12.90
C SER B 284 5.16 6.27 -12.80
N TYR B 285 4.59 5.75 -13.88
CA TYR B 285 3.17 5.35 -13.90
C TYR B 285 3.03 4.10 -14.76
N PRO B 286 2.91 2.92 -14.14
CA PRO B 286 2.67 1.70 -14.92
C PRO B 286 1.31 1.66 -15.60
N LYS B 287 0.40 2.58 -15.24
CA LYS B 287 -0.89 2.71 -15.90
C LYS B 287 -1.24 4.17 -16.04
N ASN B 288 -1.73 4.56 -17.21
CA ASN B 288 -2.22 5.92 -17.39
C ASN B 288 -3.39 6.17 -16.46
N GLU B 289 -3.42 7.35 -15.86
CA GLU B 289 -4.44 7.72 -14.89
C GLU B 289 -5.15 9.00 -15.33
N LEU B 290 -6.39 9.13 -14.90
CA LEU B 290 -7.18 10.33 -15.06
C LEU B 290 -7.93 10.57 -13.77
N ILE B 291 -7.78 11.76 -13.19
CA ILE B 291 -8.33 12.07 -11.88
C ILE B 291 -9.07 13.40 -11.97
N TYR B 292 -10.39 13.37 -11.81
CA TYR B 292 -11.18 14.58 -11.62
C TYR B 292 -11.23 14.91 -10.13
N ASN B 293 -11.34 16.20 -9.84
CA ASN B 293 -11.52 16.64 -8.46
C ASN B 293 -12.52 17.79 -8.43
N ARG B 294 -13.25 17.87 -7.33
CA ARG B 294 -14.32 18.86 -7.19
C ARG B 294 -14.94 18.72 -5.80
N ALA B 295 -15.68 19.75 -5.41
CA ALA B 295 -16.55 19.65 -4.25
C ALA B 295 -17.90 19.09 -4.70
N ARG B 296 -18.41 18.11 -3.97
CA ARG B 296 -19.72 17.54 -4.23
C ARG B 296 -20.46 17.40 -2.92
N ASN B 297 -21.62 18.05 -2.83
CA ASN B 297 -22.42 18.08 -1.60
C ASN B 297 -21.58 18.52 -0.41
N ASN B 298 -20.75 19.55 -0.64
CA ASN B 298 -19.92 20.18 0.38
C ASN B 298 -18.84 19.25 0.93
N GLN B 299 -18.37 18.31 0.10
CA GLN B 299 -17.26 17.45 0.48
C GLN B 299 -16.30 17.33 -0.70
N LEU B 300 -15.00 17.32 -0.40
CA LEU B 300 -13.98 17.24 -1.44
C LEU B 300 -13.88 15.80 -1.94
N GLU B 302 -12.87 12.97 -5.50
CA GLU B 302 -11.98 12.74 -6.62
C GLU B 302 -12.45 11.52 -7.39
N GLU B 303 -12.61 11.68 -8.71
CA GLU B 303 -13.08 10.61 -9.58
C GLU B 303 -11.91 10.06 -10.38
N THR B 304 -11.74 8.74 -10.36
CA THR B 304 -10.59 8.09 -10.96
C THR B 304 -11.03 6.88 -11.77
N LEU B 305 -10.16 6.46 -12.69
CA LEU B 305 -10.41 5.25 -13.46
C LEU B 305 -10.41 4.03 -12.55
N SER B 306 -11.37 3.15 -12.78
CA SER B 306 -11.49 1.91 -12.00
C SER B 306 -10.69 0.80 -12.65
N SER B 307 -10.11 -0.06 -11.82
CA SER B 307 -9.19 -1.10 -12.26
C SER B 307 -9.94 -2.15 -13.07
N VAL B 308 -9.75 -2.15 -14.38
CA VAL B 308 -10.29 -3.20 -15.24
C VAL B 308 -9.27 -4.33 -15.33
N GLY B 309 -9.75 -5.56 -15.16
CA GLY B 309 -8.86 -6.71 -15.28
C GLY B 309 -9.39 -7.71 -16.31
N SER B 310 -9.23 -9.00 -16.03
CA SER B 310 -9.42 -10.05 -17.03
C SER B 310 -10.51 -11.04 -16.58
N ILE B 311 -10.64 -12.13 -17.34
CA ILE B 311 -11.68 -13.12 -17.10
C ILE B 311 -11.30 -14.49 -17.67
N ALA B 312 -10.41 -14.51 -18.66
CA ALA B 312 -9.99 -15.73 -19.35
C ALA B 312 -11.18 -16.49 -19.94
N GLU B 320 -2.41 0.41 -30.04
CA GLU B 320 -3.37 1.02 -29.12
C GLU B 320 -3.82 2.38 -29.65
N GLU B 321 -3.29 3.46 -29.08
CA GLU B 321 -3.68 4.78 -29.54
C GLU B 321 -3.09 5.08 -30.92
N GLY B 322 -1.92 4.52 -31.23
CA GLY B 322 -1.40 4.62 -32.58
C GLY B 322 -2.26 3.90 -33.59
N THR B 323 -2.86 2.77 -33.19
CA THR B 323 -3.77 2.07 -34.09
C THR B 323 -5.06 2.86 -34.30
N VAL B 324 -5.60 3.43 -33.22
CA VAL B 324 -6.79 4.27 -33.36
C VAL B 324 -6.47 5.49 -34.23
N ASP B 325 -5.30 6.10 -34.02
CA ASP B 325 -4.92 7.29 -34.78
C ASP B 325 -4.74 6.96 -36.25
N ASN B 326 -4.08 5.83 -36.55
CA ASN B 326 -3.83 5.48 -37.94
C ASN B 326 -5.13 5.18 -38.69
N ARG B 327 -6.08 4.55 -38.01
CA ARG B 327 -7.33 4.17 -38.69
C ARG B 327 -8.15 5.41 -39.07
N GLN B 328 -8.39 6.30 -38.11
CA GLN B 328 -9.15 7.51 -38.40
C GLN B 328 -8.45 8.39 -39.43
N TRP B 329 -7.14 8.26 -39.56
CA TRP B 329 -6.40 9.01 -40.58
C TRP B 329 -6.72 8.49 -41.97
N LEU B 330 -6.62 7.17 -42.18
CA LEU B 330 -6.88 6.62 -43.50
C LEU B 330 -8.35 6.75 -43.89
N GLU B 331 -9.25 6.64 -42.92
CA GLU B 331 -10.68 6.76 -43.22
C GLU B 331 -11.07 8.19 -43.54
N ALA B 332 -10.44 9.17 -42.90
CA ALA B 332 -10.65 10.56 -43.28
C ALA B 332 -10.29 10.79 -44.74
N ILE B 333 -9.21 10.14 -45.20
CA ILE B 333 -8.84 10.22 -46.61
C ILE B 333 -9.86 9.48 -47.47
N GLN B 334 -10.24 8.27 -47.05
CA GLN B 334 -11.14 7.45 -47.85
C GLN B 334 -12.49 8.12 -48.02
N ASN B 335 -13.09 8.57 -46.91
CA ASN B 335 -14.43 9.15 -46.92
C ASN B 335 -14.43 10.65 -47.06
N GLY B 336 -13.27 11.28 -47.25
CA GLY B 336 -13.24 12.72 -47.43
C GLY B 336 -13.75 13.52 -46.25
N THR B 337 -13.32 13.16 -45.04
CA THR B 337 -13.66 13.88 -43.82
C THR B 337 -12.38 14.45 -43.21
N GLU B 338 -12.51 15.00 -42.01
CA GLU B 338 -11.39 15.71 -41.39
C GLU B 338 -10.67 14.81 -40.39
N PRO B 339 -9.35 14.67 -40.51
CA PRO B 339 -8.59 14.02 -39.43
C PRO B 339 -8.64 14.85 -38.16
N LEU B 340 -8.38 14.17 -37.03
CA LEU B 340 -8.64 14.79 -35.74
C LEU B 340 -7.64 15.91 -35.44
N VAL B 341 -6.36 15.70 -35.71
CA VAL B 341 -5.33 16.69 -35.42
C VAL B 341 -5.24 17.64 -36.60
N LYS B 342 -5.73 18.86 -36.43
CA LYS B 342 -5.64 19.85 -37.49
C LYS B 342 -4.24 20.47 -37.52
N PRO B 343 -3.70 20.74 -38.71
CA PRO B 343 -2.37 21.37 -38.78
C PRO B 343 -2.31 22.71 -38.08
N GLU B 344 -3.42 23.46 -38.06
CA GLU B 344 -3.44 24.74 -37.35
C GLU B 344 -3.13 24.55 -35.87
N GLU B 345 -3.60 23.45 -35.28
CA GLU B 345 -3.36 23.20 -33.87
C GLU B 345 -1.89 22.91 -33.59
N ALA B 346 -1.25 22.13 -34.46
CA ALA B 346 0.18 21.86 -34.30
C ALA B 346 1.04 23.07 -34.60
N LEU B 347 0.53 24.04 -35.37
CA LEU B 347 1.32 25.23 -35.67
C LEU B 347 1.35 26.18 -34.47
N ALA B 348 0.22 26.34 -33.78
CA ALA B 348 0.21 27.11 -32.55
C ALA B 348 1.18 26.54 -31.53
N VAL B 349 1.28 25.21 -31.44
CA VAL B 349 2.16 24.59 -30.45
C VAL B 349 3.61 24.98 -30.70
N THR B 350 4.12 24.74 -31.93
CA THR B 350 5.51 25.02 -32.23
C THR B 350 5.81 26.52 -32.19
N LYS B 351 4.81 27.35 -32.47
CA LYS B 351 4.93 28.78 -32.23
C LYS B 351 5.25 29.06 -30.77
N ILE B 352 4.48 28.47 -29.84
CA ILE B 352 4.72 28.69 -28.42
C ILE B 352 6.07 28.10 -28.02
N LEU B 353 6.42 26.94 -28.60
CA LEU B 353 7.70 26.31 -28.23
C LEU B 353 8.88 27.13 -28.72
N ASP B 354 8.79 27.68 -29.93
CA ASP B 354 9.87 28.53 -30.43
C ASP B 354 9.98 29.80 -29.62
N ALA B 355 8.86 30.31 -29.11
CA ALA B 355 8.92 31.50 -28.26
C ALA B 355 9.54 31.19 -26.91
N ILE B 356 9.30 29.99 -26.37
CA ILE B 356 10.01 29.54 -25.18
C ILE B 356 11.51 29.51 -25.43
N TYR B 357 11.90 29.04 -26.60
CA TYR B 357 13.35 28.99 -26.88
C TYR B 357 13.88 30.41 -26.95
N LYS B 358 13.13 31.22 -27.71
CA LYS B 358 13.47 32.62 -28.03
C LYS B 358 13.51 33.44 -26.75
N SER B 359 13.71 32.77 -25.62
CA SER B 359 13.99 33.49 -24.37
C SER B 359 15.47 33.28 -24.05
N ALA B 360 16.27 33.13 -25.12
CA ALA B 360 17.73 33.12 -25.16
C ALA B 360 18.02 34.60 -25.21
N LYS B 361 16.96 35.38 -25.45
CA LYS B 361 17.08 36.83 -25.36
C LYS B 361 16.77 37.35 -23.96
N THR B 362 16.45 36.47 -23.01
CA THR B 362 16.04 36.85 -21.66
C THR B 362 14.95 37.92 -21.69
N ASN B 363 13.87 37.61 -22.41
CA ASN B 363 12.78 38.57 -22.51
C ASN B 363 11.48 37.85 -22.87
N THR B 364 10.38 38.40 -22.38
CA THR B 364 9.04 37.86 -22.59
C THR B 364 8.60 38.19 -24.00
N ILE B 365 8.70 37.21 -24.90
CA ILE B 365 8.15 37.37 -26.23
C ILE B 365 6.65 37.61 -26.12
N LYS B 366 6.18 38.64 -26.81
CA LYS B 366 4.77 38.99 -26.77
C LYS B 366 4.14 38.80 -28.15
N PHE B 367 2.87 38.42 -28.15
CA PHE B 367 2.15 38.12 -29.37
C PHE B 367 1.16 39.24 -29.70
N GLY C 1 38.27 -5.86 -35.82
CA GLY C 1 37.86 -7.17 -35.25
C GLY C 1 39.07 -7.97 -34.80
N SER C 3 39.71 -12.30 -34.78
CA SER C 3 39.24 -13.67 -35.00
C SER C 3 37.89 -13.99 -34.38
N LYS C 4 37.92 -14.51 -33.16
CA LYS C 4 36.81 -15.19 -32.49
C LYS C 4 37.39 -15.95 -31.29
N LEU C 5 36.55 -16.68 -30.56
CA LEU C 5 37.02 -17.59 -29.52
C LEU C 5 36.31 -18.93 -29.67
N LYS C 6 37.10 -19.99 -29.74
CA LYS C 6 36.57 -21.32 -29.98
C LYS C 6 36.30 -21.99 -28.64
N ILE C 7 35.02 -22.19 -28.33
CA ILE C 7 34.57 -22.59 -27.02
C ILE C 7 34.26 -24.09 -27.04
N GLY C 8 34.61 -24.77 -25.96
CA GLY C 8 34.27 -26.17 -25.77
C GLY C 8 33.39 -26.34 -24.56
N ILE C 9 32.27 -27.02 -24.70
CA ILE C 9 31.30 -27.17 -23.61
C ILE C 9 31.26 -28.63 -23.17
N ILE C 10 31.33 -28.84 -21.86
CA ILE C 10 31.29 -30.16 -21.25
C ILE C 10 30.06 -30.24 -20.36
N GLY C 11 29.21 -31.22 -20.60
CA GLY C 11 27.95 -31.33 -19.86
C GLY C 11 26.93 -30.33 -20.36
N CYS C 12 25.89 -30.82 -21.02
CA CYS C 12 24.85 -29.98 -21.60
C CYS C 12 23.54 -30.29 -20.90
N GLY C 13 23.09 -29.39 -20.03
CA GLY C 13 21.87 -29.59 -19.30
C GLY C 13 21.27 -28.33 -18.73
N GLY C 14 20.82 -28.39 -17.47
CA GLY C 14 19.96 -27.34 -16.93
C GLY C 14 20.50 -25.93 -17.15
N ILE C 15 21.75 -25.70 -16.73
CA ILE C 15 22.35 -24.37 -16.79
C ILE C 15 23.37 -24.24 -17.93
N ALA C 16 23.60 -25.31 -18.69
CA ALA C 16 24.12 -25.12 -20.04
C ALA C 16 23.03 -24.58 -20.96
N ASN C 17 21.78 -24.98 -20.71
CA ASN C 17 20.66 -24.62 -21.58
C ASN C 17 19.99 -23.30 -21.17
N GLN C 18 19.84 -23.04 -19.87
CA GLN C 18 19.13 -21.85 -19.43
C GLN C 18 20.04 -20.63 -19.26
N LYS C 19 21.34 -20.84 -19.03
CA LYS C 19 22.28 -19.74 -18.87
C LYS C 19 23.37 -19.73 -19.94
N HIS C 20 24.08 -20.84 -20.13
CA HIS C 20 25.35 -20.78 -20.85
C HIS C 20 25.17 -20.60 -22.35
N PHE C 21 24.30 -21.41 -22.96
CA PHE C 21 24.08 -21.31 -24.40
C PHE C 21 23.52 -19.95 -24.82
N PRO C 22 22.45 -19.43 -24.20
CA PRO C 22 21.99 -18.08 -24.59
C PRO C 22 23.02 -17.00 -24.33
N ALA C 23 23.83 -17.14 -23.28
CA ALA C 23 24.87 -16.15 -23.01
C ALA C 23 25.84 -16.05 -24.18
N LEU C 24 26.35 -17.19 -24.64
CA LEU C 24 27.32 -17.17 -25.73
C LEU C 24 26.71 -16.63 -27.02
N LYS C 25 25.48 -17.05 -27.34
CA LYS C 25 24.88 -16.64 -28.61
C LYS C 25 24.70 -15.13 -28.68
N ASN C 26 24.33 -14.50 -27.57
CA ASN C 26 24.16 -13.05 -27.52
C ASN C 26 25.49 -12.31 -27.43
N ASN C 27 26.60 -13.04 -27.47
CA ASN C 27 27.93 -12.47 -27.68
C ASN C 27 28.66 -13.24 -28.76
N ALA C 28 27.92 -13.71 -29.76
CA ALA C 28 28.50 -14.50 -30.84
C ALA C 28 29.62 -13.74 -31.55
N ASP C 29 29.56 -12.42 -31.56
CA ASP C 29 30.65 -11.64 -32.13
C ASP C 29 31.99 -11.96 -31.48
N LEU C 30 31.99 -12.45 -30.24
CA LEU C 30 33.22 -12.84 -29.55
C LEU C 30 33.41 -14.36 -29.45
N ASN C 31 32.34 -15.13 -29.53
CA ASN C 31 32.38 -16.57 -29.34
C ASN C 31 31.58 -17.28 -30.42
N GLU C 32 32.00 -18.49 -30.73
CA GLU C 32 31.14 -19.51 -31.32
C GLU C 32 31.69 -20.86 -30.92
N ILE C 33 30.77 -21.76 -30.57
CA ILE C 33 31.15 -23.04 -29.94
C ILE C 33 30.91 -24.25 -30.83
N VAL C 34 31.94 -25.11 -30.91
CA VAL C 34 31.81 -26.43 -31.57
C VAL C 34 31.42 -27.37 -30.41
N ALA C 35 32.37 -27.67 -29.51
CA ALA C 35 32.24 -28.47 -28.28
C ALA C 35 31.10 -29.49 -28.33
N PHE C 36 30.17 -29.36 -27.38
CA PHE C 36 28.96 -30.17 -27.17
C PHE C 36 29.25 -31.59 -26.67
N CYS C 37 29.89 -31.72 -25.50
CA CYS C 37 30.08 -33.01 -24.84
C CYS C 37 28.89 -33.27 -23.91
N ASP C 38 29.00 -34.36 -23.13
CA ASP C 38 28.02 -34.94 -22.20
C ASP C 38 28.17 -36.45 -22.28
N ILE C 39 28.09 -37.14 -21.14
CA ILE C 39 28.10 -38.60 -21.16
C ILE C 39 26.94 -39.11 -22.01
N GLN C 40 25.80 -38.44 -21.94
CA GLN C 40 24.68 -38.66 -22.84
C GLN C 40 24.91 -37.82 -24.09
N ILE C 41 25.34 -38.45 -25.18
CA ILE C 41 25.63 -37.71 -26.41
C ILE C 41 24.38 -37.21 -27.12
N ASP C 42 23.20 -37.74 -26.77
CA ASP C 42 21.97 -37.25 -27.40
C ASP C 42 21.84 -35.74 -27.25
N ARG C 43 21.98 -35.24 -26.03
CA ARG C 43 21.86 -33.80 -25.80
C ARG C 43 23.04 -33.05 -26.43
N ALA C 44 24.27 -33.54 -26.21
CA ALA C 44 25.46 -32.90 -26.76
C ALA C 44 25.29 -32.48 -28.21
N GLU C 45 24.80 -33.39 -29.06
CA GLU C 45 24.62 -33.08 -30.47
C GLU C 45 23.55 -32.01 -30.68
N LYS C 46 22.45 -32.07 -29.93
CA LYS C 46 21.34 -31.14 -30.14
C LYS C 46 21.79 -29.70 -29.96
N ALA C 47 22.50 -29.42 -28.86
CA ALA C 47 23.01 -28.08 -28.61
C ALA C 47 23.86 -27.60 -29.78
N ALA C 48 24.82 -28.43 -30.22
CA ALA C 48 25.66 -28.08 -31.34
C ALA C 48 24.90 -27.95 -32.65
N ALA C 49 23.62 -28.33 -32.68
CA ALA C 49 22.76 -28.06 -33.82
C ALA C 49 22.03 -26.72 -33.70
N GLU C 50 22.11 -26.09 -32.53
CA GLU C 50 21.51 -24.77 -32.30
C GLU C 50 22.55 -23.68 -32.13
N PHE C 51 23.63 -23.97 -31.42
CA PHE C 51 24.65 -22.98 -31.10
C PHE C 51 26.03 -23.35 -31.61
N GLY C 52 26.19 -24.54 -32.19
CA GLY C 52 27.47 -24.92 -32.77
C GLY C 52 27.63 -24.35 -34.17
N ALA C 53 28.88 -23.98 -34.50
CA ALA C 53 29.18 -23.28 -35.73
C ALA C 53 29.22 -24.26 -36.92
N GLU C 54 29.77 -23.80 -38.04
CA GLU C 54 29.77 -24.57 -39.27
C GLU C 54 30.65 -25.82 -39.19
N GLY C 55 30.06 -26.95 -38.81
CA GLY C 55 30.83 -28.18 -38.71
C GLY C 55 31.75 -28.15 -37.52
N ALA C 56 31.55 -29.08 -36.59
CA ALA C 56 32.13 -28.94 -35.26
C ALA C 56 32.32 -30.31 -34.62
N GLN C 57 33.06 -30.32 -33.51
CA GLN C 57 33.28 -31.50 -32.71
C GLN C 57 32.04 -31.79 -31.88
N VAL C 58 31.78 -33.07 -31.67
CA VAL C 58 30.66 -33.53 -30.84
C VAL C 58 31.07 -34.85 -30.21
N THR C 59 31.89 -34.78 -29.17
CA THR C 59 32.39 -35.99 -28.53
C THR C 59 31.43 -36.46 -27.42
N ALA C 60 31.47 -37.77 -27.16
CA ALA C 60 30.61 -38.37 -26.15
C ALA C 60 31.25 -38.45 -24.77
N ASP C 61 32.56 -38.25 -24.68
CA ASP C 61 33.24 -38.25 -23.39
C ASP C 61 34.39 -37.25 -23.48
N TYR C 62 34.56 -36.47 -22.40
CA TYR C 62 35.32 -35.23 -22.50
C TYR C 62 36.75 -35.47 -22.96
N LYS C 63 37.42 -36.48 -22.40
CA LYS C 63 38.85 -36.71 -22.57
C LYS C 63 39.37 -36.44 -23.98
N GLU C 64 38.52 -36.51 -25.00
CA GLU C 64 38.97 -36.18 -26.35
C GLU C 64 38.31 -34.92 -26.92
N LEU C 65 37.34 -34.33 -26.23
CA LEU C 65 37.04 -32.92 -26.52
C LEU C 65 38.25 -32.07 -26.22
N LEU C 66 38.90 -32.36 -25.09
CA LEU C 66 40.14 -31.75 -24.69
C LEU C 66 41.30 -32.12 -25.60
N ALA C 67 41.13 -33.11 -26.47
CA ALA C 67 42.16 -33.48 -27.43
C ALA C 67 42.32 -32.39 -28.48
N ASN C 68 41.24 -32.12 -29.23
CA ASN C 68 41.14 -31.10 -30.25
C ASN C 68 41.86 -29.82 -29.81
N PRO C 69 43.03 -29.54 -30.36
CA PRO C 69 43.77 -28.32 -29.97
C PRO C 69 43.29 -27.05 -30.63
N GLU C 70 42.15 -27.07 -31.33
CA GLU C 70 41.56 -25.86 -31.87
C GLU C 70 40.58 -25.21 -30.90
N VAL C 71 39.90 -26.01 -30.08
CA VAL C 71 39.16 -25.44 -28.96
C VAL C 71 40.16 -24.75 -28.03
N GLU C 72 39.75 -23.63 -27.43
CA GLU C 72 40.67 -22.84 -26.63
C GLU C 72 40.15 -22.53 -25.23
N VAL C 73 38.84 -22.66 -24.99
CA VAL C 73 38.24 -22.39 -23.69
C VAL C 73 37.12 -23.40 -23.47
N VAL C 74 36.96 -23.88 -22.23
CA VAL C 74 36.01 -24.94 -21.90
C VAL C 74 35.07 -24.47 -20.78
N HIS C 75 33.77 -24.77 -20.92
CA HIS C 75 32.75 -24.41 -19.94
C HIS C 75 32.22 -25.69 -19.29
N VAL C 76 32.60 -25.93 -18.04
CA VAL C 76 32.32 -27.20 -17.38
C VAL C 76 30.98 -27.07 -16.66
N CYS C 77 29.92 -27.54 -17.32
CA CYS C 77 28.57 -27.55 -16.76
C CYS C 77 28.14 -28.96 -16.36
N THR C 78 29.11 -29.75 -15.89
CA THR C 78 29.04 -31.01 -15.16
C THR C 78 28.00 -31.03 -14.05
N PRO C 79 27.90 -32.10 -13.27
CA PRO C 79 27.46 -31.95 -11.88
C PRO C 79 28.65 -31.60 -10.99
N ASN C 80 28.45 -31.58 -9.67
CA ASN C 80 29.43 -30.97 -8.78
C ASN C 80 30.70 -31.81 -8.60
N VAL C 81 30.56 -33.13 -8.43
CA VAL C 81 31.72 -33.96 -8.16
C VAL C 81 32.54 -34.23 -9.42
N SER C 82 31.93 -34.08 -10.59
CA SER C 82 32.69 -34.02 -11.83
C SER C 82 33.39 -32.67 -11.99
N HIS C 83 32.94 -31.62 -11.27
CA HIS C 83 33.55 -30.30 -11.41
C HIS C 83 35.07 -30.36 -11.21
N SER C 84 35.55 -31.26 -10.35
CA SER C 84 37.00 -31.36 -10.13
C SER C 84 37.66 -32.10 -11.28
N GLU C 85 37.26 -33.36 -11.47
CA GLU C 85 37.60 -34.20 -12.61
C GLU C 85 37.84 -33.44 -13.91
N ILE C 86 36.74 -33.13 -14.61
CA ILE C 86 36.80 -32.46 -15.91
C ILE C 86 37.61 -31.17 -15.89
N THR C 87 37.73 -30.52 -14.73
CA THR C 87 38.53 -29.30 -14.64
C THR C 87 39.98 -29.61 -14.26
N ILE C 88 40.21 -30.13 -13.05
CA ILE C 88 41.56 -30.24 -12.51
C ILE C 88 42.47 -31.00 -13.46
N ALA C 89 43.56 -30.35 -13.88
CA ALA C 89 44.58 -30.93 -14.74
C ALA C 89 44.02 -31.38 -16.08
N ALA C 90 42.91 -32.13 -16.06
CA ALA C 90 42.27 -32.57 -17.29
C ALA C 90 42.09 -31.42 -18.27
N PHE C 91 41.29 -30.41 -17.88
CA PHE C 91 40.98 -29.33 -18.81
C PHE C 91 42.18 -28.44 -19.08
N GLU C 92 43.05 -28.22 -18.08
CA GLU C 92 44.21 -27.36 -18.28
C GLU C 92 45.39 -28.15 -18.82
N ALA C 93 45.11 -29.22 -19.57
CA ALA C 93 46.07 -29.74 -20.53
C ALA C 93 46.11 -28.79 -21.73
N GLY C 94 46.13 -27.49 -21.45
CA GLY C 94 46.21 -26.47 -22.48
C GLY C 94 44.98 -25.62 -22.73
N LYS C 95 44.15 -25.35 -21.72
CA LYS C 95 42.97 -24.52 -21.90
C LYS C 95 42.82 -23.49 -20.79
N HIS C 96 42.10 -22.42 -21.11
CA HIS C 96 41.32 -21.66 -20.15
C HIS C 96 40.04 -22.44 -19.88
N VAL C 97 39.52 -22.35 -18.65
CA VAL C 97 38.35 -23.14 -18.29
C VAL C 97 37.41 -22.32 -17.39
N TYR C 98 36.13 -22.31 -17.75
CA TYR C 98 35.06 -21.74 -16.93
C TYR C 98 34.36 -22.89 -16.25
N CYS C 99 34.60 -23.06 -14.95
CA CYS C 99 33.87 -24.10 -14.19
C CYS C 99 32.60 -23.45 -13.63
N GLU C 100 31.56 -24.25 -13.37
CA GLU C 100 30.29 -23.66 -12.90
C GLU C 100 30.28 -23.47 -11.38
N LYS C 101 29.17 -22.92 -10.90
CA LYS C 101 28.78 -22.47 -9.54
C LYS C 101 29.63 -22.99 -8.38
N PRO C 102 29.14 -23.97 -7.60
CA PRO C 102 29.85 -24.41 -6.41
C PRO C 102 31.11 -24.98 -7.03
N SER C 104 33.71 -26.66 -6.28
CA SER C 104 33.62 -28.07 -6.02
C SER C 104 32.93 -28.23 -4.67
N HIS C 105 32.40 -29.42 -4.41
CA HIS C 105 31.84 -29.73 -3.11
C HIS C 105 32.91 -30.00 -2.06
N SER C 106 34.13 -30.32 -2.48
CA SER C 106 35.24 -30.62 -1.59
C SER C 106 36.26 -29.49 -1.60
N THR C 107 36.86 -29.22 -0.44
CA THR C 107 37.89 -28.19 -0.37
C THR C 107 39.20 -28.70 -0.97
N GLU C 108 39.53 -29.97 -0.76
CA GLU C 108 40.78 -30.51 -1.29
C GLU C 108 40.76 -30.50 -2.81
N GLU C 109 39.66 -30.99 -3.41
CA GLU C 109 39.54 -30.96 -4.86
C GLU C 109 39.60 -29.54 -5.39
N ALA C 110 38.96 -28.60 -4.68
CA ALA C 110 39.06 -27.19 -5.03
C ALA C 110 40.49 -26.70 -4.95
N GLU C 111 41.21 -27.08 -3.89
CA GLU C 111 42.61 -26.71 -3.78
C GLU C 111 43.45 -27.35 -4.87
N LYS C 112 43.02 -28.51 -5.37
CA LYS C 112 43.73 -29.14 -6.47
C LYS C 112 43.56 -28.34 -7.76
N VAL C 114 42.84 -25.22 -8.17
CA VAL C 114 43.47 -23.91 -8.18
C VAL C 114 44.96 -24.03 -8.46
N GLU C 115 45.59 -25.14 -8.06
CA GLU C 115 47.00 -25.32 -8.37
C GLU C 115 47.21 -25.87 -9.79
N ALA C 116 46.34 -26.77 -10.23
CA ALA C 116 46.32 -27.09 -11.66
C ALA C 116 46.16 -25.82 -12.48
N TRP C 117 45.40 -24.86 -11.96
CA TRP C 117 45.20 -23.59 -12.65
C TRP C 117 46.43 -22.69 -12.55
N LYS C 118 47.06 -22.63 -11.38
CA LYS C 118 48.13 -21.66 -11.28
C LYS C 118 49.32 -21.97 -12.19
N LYS C 119 49.34 -23.16 -12.79
CA LYS C 119 50.36 -23.54 -13.76
C LYS C 119 49.85 -23.61 -15.19
N SER C 120 48.53 -23.80 -15.37
CA SER C 120 47.82 -23.56 -16.62
C SER C 120 48.50 -22.57 -17.55
N GLY C 121 48.91 -21.44 -17.01
CA GLY C 121 49.26 -20.28 -17.80
C GLY C 121 47.98 -19.55 -18.15
N LYS C 122 46.94 -20.32 -18.39
CA LYS C 122 45.65 -19.81 -18.85
C LYS C 122 44.84 -19.22 -17.71
N GLN C 123 43.52 -19.18 -17.88
CA GLN C 123 42.63 -18.43 -17.00
C GLN C 123 41.50 -19.33 -16.51
N PHE C 124 40.80 -18.84 -15.51
CA PHE C 124 39.91 -19.64 -14.69
C PHE C 124 38.86 -18.72 -14.07
N THR C 125 37.64 -19.22 -13.94
CA THR C 125 36.59 -18.44 -13.31
C THR C 125 35.44 -19.38 -12.94
N ILE C 126 34.58 -18.88 -12.06
CA ILE C 126 33.48 -19.66 -11.48
C ILE C 126 32.17 -18.92 -11.73
N GLY C 127 31.10 -19.69 -11.89
CA GLY C 127 29.82 -19.14 -12.29
C GLY C 127 28.99 -18.48 -11.19
N TYR C 128 29.57 -17.47 -10.53
CA TYR C 128 28.82 -16.65 -9.59
C TYR C 128 28.29 -15.41 -10.32
N GLN C 129 27.38 -15.67 -11.26
CA GLN C 129 26.89 -14.61 -12.13
C GLN C 129 26.07 -13.55 -11.40
N ASN C 130 25.58 -13.86 -10.20
CA ASN C 130 24.81 -12.88 -9.44
C ASN C 130 25.61 -11.63 -9.11
N ARG C 131 26.94 -11.73 -9.12
CA ARG C 131 27.77 -10.54 -8.94
C ARG C 131 27.51 -9.48 -10.00
N PHE C 132 26.95 -9.87 -11.14
CA PHE C 132 26.79 -8.97 -12.27
C PHE C 132 25.42 -8.30 -12.32
N ARG C 133 24.53 -8.64 -11.39
CA ARG C 133 23.30 -7.86 -11.24
C ARG C 133 23.65 -6.41 -10.92
N GLU C 134 22.86 -5.49 -11.47
CA GLU C 134 23.21 -4.06 -11.39
C GLU C 134 23.28 -3.58 -9.94
N GLU C 135 22.40 -4.09 -9.08
CA GLU C 135 22.36 -3.60 -7.71
C GLU C 135 23.47 -4.21 -6.85
N VAL C 136 23.84 -5.46 -7.10
CA VAL C 136 24.96 -6.06 -6.37
C VAL C 136 26.24 -5.33 -6.71
N ASN C 138 26.30 -2.22 -7.63
CA ASN C 138 26.08 -0.97 -6.91
C ASN C 138 26.57 -1.07 -5.47
N LEU C 139 26.18 -2.14 -4.78
CA LEU C 139 26.61 -2.30 -3.38
C LEU C 139 28.10 -2.58 -3.30
N LYS C 140 28.62 -3.43 -4.19
CA LYS C 140 30.05 -3.70 -4.19
C LYS C 140 30.85 -2.43 -4.41
N LYS C 141 30.44 -1.63 -5.39
CA LYS C 141 31.12 -0.35 -5.63
C LYS C 141 31.06 0.55 -4.39
N SER C 142 29.93 0.54 -3.68
CA SER C 142 29.80 1.39 -2.50
C SER C 142 30.79 0.97 -1.41
N CYS C 143 30.91 -0.34 -1.18
CA CYS C 143 31.84 -0.84 -0.19
C CYS C 143 33.29 -0.65 -0.62
N ASP C 144 33.55 -0.48 -1.91
CA ASP C 144 34.92 -0.23 -2.37
C ASP C 144 35.35 1.19 -2.06
N LYS C 145 34.43 2.15 -2.17
CA LYS C 145 34.70 3.53 -1.78
C LYS C 145 34.57 3.75 -0.27
N GLY C 146 34.39 2.68 0.51
CA GLY C 146 34.29 2.82 1.94
C GLY C 146 33.09 3.59 2.42
N GLU C 147 32.09 3.80 1.57
CA GLU C 147 30.91 4.59 1.93
C GLU C 147 30.03 3.91 2.97
N LEU C 148 30.33 2.67 3.34
CA LEU C 148 29.68 2.03 4.48
C LEU C 148 30.57 2.02 5.72
N GLY C 149 31.76 2.59 5.63
CA GLY C 149 32.72 2.50 6.71
C GLY C 149 33.39 1.15 6.72
N GLU C 150 33.64 0.58 7.89
CA GLU C 150 34.17 -0.77 7.96
C GLU C 150 33.08 -1.73 8.43
N ILE C 151 32.83 -2.75 7.61
CA ILE C 151 31.73 -3.68 7.85
C ILE C 151 32.17 -4.65 8.94
N TYR C 152 31.38 -4.73 10.00
CA TYR C 152 31.66 -5.63 11.10
C TYR C 152 30.59 -6.68 11.32
N TYR C 153 29.45 -6.59 10.63
CA TYR C 153 28.40 -7.60 10.74
C TYR C 153 27.77 -7.80 9.37
N GLY C 154 27.83 -9.03 8.88
CA GLY C 154 27.23 -9.37 7.60
C GLY C 154 26.27 -10.54 7.76
N LYS C 155 25.28 -10.58 6.88
CA LYS C 155 24.34 -11.69 6.83
C LYS C 155 24.21 -12.16 5.39
N ALA C 156 24.11 -13.47 5.21
CA ALA C 156 23.97 -14.07 3.90
C ALA C 156 22.62 -14.75 3.85
N HIS C 157 21.72 -14.27 3.00
CA HIS C 157 20.37 -14.78 2.91
C HIS C 157 20.26 -15.70 1.69
N ALA C 158 19.91 -16.96 1.93
CA ALA C 158 19.69 -17.92 0.87
C ALA C 158 18.56 -18.86 1.27
N VAL C 159 17.41 -18.28 1.62
CA VAL C 159 16.30 -19.01 2.22
C VAL C 159 15.20 -19.20 1.19
N ARG C 160 14.59 -20.39 1.18
CA ARG C 160 13.38 -20.67 0.45
C ARG C 160 12.38 -21.31 1.39
N ARG C 161 11.12 -20.90 1.29
CA ARG C 161 10.10 -21.46 2.17
C ARG C 161 9.82 -22.92 1.79
N ARG C 162 9.47 -23.17 0.53
CA ARG C 162 9.33 -24.52 0.00
C ARG C 162 9.54 -24.45 -1.52
N ALA C 163 10.81 -24.38 -1.92
CA ALA C 163 11.20 -24.35 -3.32
C ALA C 163 12.32 -25.36 -3.55
N VAL C 164 12.04 -26.61 -3.17
CA VAL C 164 12.99 -27.71 -3.37
C VAL C 164 13.02 -28.07 -4.85
N PRO C 165 14.18 -28.00 -5.52
CA PRO C 165 14.23 -28.43 -6.92
C PRO C 165 14.06 -29.94 -7.04
N THR C 166 13.10 -30.35 -7.87
CA THR C 166 12.79 -31.77 -8.06
C THR C 166 13.05 -32.24 -9.48
N TRP C 167 13.84 -31.49 -10.24
CA TRP C 167 13.96 -31.73 -11.68
C TRP C 167 15.32 -32.22 -12.12
N GLY C 168 16.27 -32.44 -11.20
CA GLY C 168 17.57 -32.87 -11.68
C GLY C 168 18.56 -33.42 -10.68
N VAL C 169 19.75 -32.84 -10.69
CA VAL C 169 20.90 -33.43 -9.99
C VAL C 169 20.93 -33.06 -8.51
N PHE C 170 20.18 -32.02 -8.11
CA PHE C 170 20.38 -31.39 -6.81
C PHE C 170 20.03 -32.31 -5.64
N ASP C 172 20.54 -35.79 -5.69
CA ASP C 172 21.52 -36.88 -5.65
C ASP C 172 22.68 -36.46 -4.76
N LYS C 173 22.65 -36.88 -3.49
CA LYS C 173 23.70 -36.50 -2.54
C LYS C 173 25.09 -36.82 -3.05
N GLU C 174 25.23 -37.81 -3.93
CA GLU C 174 26.55 -38.16 -4.42
C GLU C 174 27.02 -37.31 -5.59
N ALA C 175 26.11 -36.82 -6.43
CA ALA C 175 26.52 -36.06 -7.61
C ALA C 175 26.85 -34.61 -7.32
N GLN C 176 26.27 -34.01 -6.26
CA GLN C 176 26.54 -32.63 -5.87
C GLN C 176 27.06 -32.48 -4.43
N GLY C 177 27.10 -33.55 -3.65
CA GLY C 177 27.77 -33.54 -2.36
C GLY C 177 26.99 -32.98 -1.17
N GLY C 178 26.10 -32.03 -1.42
CA GLY C 178 25.34 -31.42 -0.35
C GLY C 178 24.03 -30.87 -0.88
N GLY C 179 23.25 -30.30 0.04
CA GLY C 179 21.94 -29.78 -0.30
C GLY C 179 21.93 -28.29 -0.51
N PRO C 180 20.94 -27.62 0.09
CA PRO C 180 20.78 -26.17 -0.15
C PRO C 180 21.95 -25.34 0.33
N LEU C 181 22.73 -25.82 1.31
CA LEU C 181 23.87 -25.05 1.79
C LEU C 181 24.86 -24.77 0.67
N ILE C 182 25.18 -25.77 -0.14
CA ILE C 182 26.08 -25.58 -1.27
C ILE C 182 25.35 -25.37 -2.58
N ASP C 183 24.02 -25.48 -2.60
CA ASP C 183 23.26 -25.17 -3.82
C ASP C 183 23.10 -23.66 -3.97
N ILE C 184 22.38 -23.03 -3.06
CA ILE C 184 22.09 -21.60 -3.17
C ILE C 184 22.88 -20.81 -2.14
N GLY C 185 23.13 -21.43 -0.98
CA GLY C 185 23.90 -20.77 0.07
C GLY C 185 25.28 -20.32 -0.38
N THR C 186 25.82 -20.93 -1.44
CA THR C 186 27.09 -20.51 -1.97
C THR C 186 27.00 -19.17 -2.70
N HIS C 187 25.82 -18.86 -3.26
CA HIS C 187 25.63 -17.58 -3.93
C HIS C 187 25.67 -16.43 -2.92
N ALA C 188 24.87 -16.54 -1.86
CA ALA C 188 24.73 -15.46 -0.89
C ALA C 188 26.05 -15.20 -0.17
N LEU C 189 26.73 -16.27 0.25
CA LEU C 189 28.00 -16.07 0.95
C LEU C 189 29.04 -15.45 0.04
N ASP C 190 28.99 -15.73 -1.26
CA ASP C 190 29.96 -15.13 -2.18
C ASP C 190 29.84 -13.61 -2.18
N ILE C 191 28.61 -13.10 -2.27
CA ILE C 191 28.41 -11.65 -2.31
C ILE C 191 28.81 -11.02 -0.98
N THR C 192 28.39 -11.64 0.12
CA THR C 192 28.69 -11.11 1.45
C THR C 192 30.17 -10.89 1.64
N LEU C 193 30.98 -11.93 1.36
CA LEU C 193 32.43 -11.78 1.44
C LEU C 193 32.92 -10.76 0.42
N TRP C 194 32.43 -10.84 -0.81
CA TRP C 194 32.94 -9.99 -1.90
C TRP C 194 32.76 -8.52 -1.57
N CYS C 195 31.59 -8.13 -1.05
CA CYS C 195 31.38 -6.74 -0.69
C CYS C 195 32.18 -6.36 0.55
N ASN C 197 34.81 -7.71 1.33
CA ASN C 197 36.21 -7.94 0.95
C ASN C 197 37.01 -8.55 2.11
N ASN C 198 36.35 -9.34 2.95
CA ASN C 198 37.00 -10.06 4.04
C ASN C 198 36.94 -11.55 3.71
N TYR C 199 38.12 -12.16 3.59
CA TYR C 199 38.21 -13.61 3.35
C TYR C 199 39.09 -14.29 4.37
N ASP C 200 39.49 -13.61 5.44
CA ASP C 200 40.39 -14.17 6.46
C ASP C 200 39.53 -14.80 7.55
N VAL C 201 39.29 -16.09 7.42
CA VAL C 201 38.42 -16.82 8.32
C VAL C 201 39.16 -17.14 9.62
N ASP C 202 38.43 -17.09 10.73
CA ASP C 202 38.95 -17.53 12.04
C ASP C 202 38.21 -18.74 12.53
N SER C 203 36.93 -18.62 12.86
CA SER C 203 36.14 -19.74 13.36
C SER C 203 34.90 -19.92 12.51
N VAL C 204 34.32 -21.12 12.58
CA VAL C 204 33.11 -21.46 11.85
C VAL C 204 32.27 -22.37 12.74
N THR C 205 31.01 -22.00 12.93
CA THR C 205 30.04 -22.85 13.60
C THR C 205 28.81 -22.99 12.71
N GLY C 206 28.18 -24.16 12.76
CA GLY C 206 27.04 -24.41 11.90
C GLY C 206 26.15 -25.49 12.45
N SER C 207 24.96 -25.59 11.84
CA SER C 207 23.99 -26.62 12.18
C SER C 207 23.26 -27.01 10.91
N VAL C 208 23.09 -28.32 10.69
CA VAL C 208 22.47 -28.84 9.48
C VAL C 208 21.23 -29.63 9.90
N PHE C 209 20.07 -29.21 9.41
CA PHE C 209 18.81 -29.80 9.79
C PHE C 209 18.32 -30.77 8.72
N TYR C 210 17.75 -31.89 9.18
CA TYR C 210 17.10 -32.88 8.33
C TYR C 210 15.71 -33.09 8.92
N LYS C 211 14.77 -32.20 8.56
CA LYS C 211 13.49 -32.18 9.23
C LYS C 211 12.31 -32.27 8.18
N LEU C 212 12.15 -31.25 7.35
CA LEU C 212 11.07 -31.32 6.36
C LEU C 212 11.40 -32.24 5.20
N GLY C 213 12.69 -32.49 4.95
CA GLY C 213 13.09 -33.35 3.84
C GLY C 213 12.60 -34.77 3.96
N GLN C 214 12.26 -35.23 5.16
CA GLN C 214 11.80 -36.60 5.36
C GLN C 214 10.45 -36.68 6.04
N LYS C 215 9.70 -35.57 6.09
CA LYS C 215 8.35 -35.59 6.63
C LYS C 215 7.36 -35.89 5.51
N GLU C 216 6.35 -36.70 5.82
CA GLU C 216 5.36 -37.08 4.82
C GLU C 216 4.69 -35.86 4.21
N ASN C 217 4.20 -34.96 5.05
CA ASN C 217 3.61 -33.71 4.62
C ASN C 217 4.65 -32.64 4.26
N GLY C 218 5.91 -33.04 4.10
CA GLY C 218 6.97 -32.14 3.73
C GLY C 218 6.74 -31.48 2.39
N PRO C 219 6.64 -32.27 1.31
CA PRO C 219 6.46 -31.69 -0.03
C PRO C 219 5.19 -30.87 -0.19
N GLU C 220 4.29 -30.91 0.79
CA GLU C 220 3.05 -30.14 0.73
C GLU C 220 3.36 -28.65 0.61
N GLY C 221 3.05 -28.06 -0.55
CA GLY C 221 3.28 -26.66 -0.79
C GLY C 221 4.52 -26.34 -1.58
N ASN C 222 5.33 -27.34 -1.92
CA ASN C 222 6.56 -27.07 -2.65
C ASN C 222 6.26 -26.49 -4.02
N LEU C 223 7.06 -25.50 -4.42
CA LEU C 223 6.84 -24.82 -5.69
C LEU C 223 6.98 -25.77 -6.86
N PHE C 224 7.97 -26.65 -6.81
CA PHE C 224 8.30 -27.54 -7.93
C PHE C 224 7.71 -28.94 -7.76
N GLY C 225 6.46 -29.03 -7.34
CA GLY C 225 5.79 -30.30 -7.22
C GLY C 225 6.32 -31.13 -6.07
N PRO C 226 5.62 -32.23 -5.77
CA PRO C 226 6.04 -33.08 -4.65
C PRO C 226 7.34 -33.82 -4.96
N TRP C 227 7.94 -34.36 -3.90
CA TRP C 227 9.13 -35.17 -4.01
C TRP C 227 9.01 -36.35 -3.07
N ASP C 228 9.71 -37.43 -3.39
CA ASP C 228 9.65 -38.65 -2.59
C ASP C 228 10.27 -38.43 -1.22
N PRO C 229 9.50 -38.37 -0.14
CA PRO C 229 10.09 -38.00 1.16
C PRO C 229 11.06 -39.03 1.71
N LYS C 230 10.88 -40.31 1.39
CA LYS C 230 11.72 -41.38 1.91
C LYS C 230 13.04 -41.53 1.15
N THR C 231 13.39 -40.57 0.28
CA THR C 231 14.62 -40.62 -0.48
C THR C 231 15.44 -39.33 -0.37
N PHE C 232 15.13 -38.47 0.62
CA PHE C 232 15.85 -37.22 0.77
C PHE C 232 17.20 -37.49 1.41
N GLU C 233 18.27 -37.42 0.61
CA GLU C 233 19.61 -37.71 1.09
C GLU C 233 20.35 -36.48 1.58
N VAL C 234 19.87 -35.29 1.24
CA VAL C 234 20.50 -34.05 1.68
C VAL C 234 19.64 -33.40 2.76
N GLU C 235 19.95 -32.15 3.10
CA GLU C 235 19.29 -31.41 4.16
C GLU C 235 18.20 -30.50 3.59
N ASP C 236 17.33 -30.01 4.47
CA ASP C 236 16.34 -29.02 4.07
C ASP C 236 16.72 -27.60 4.50
N SER C 237 17.59 -27.44 5.48
CA SER C 237 18.03 -26.12 5.91
C SER C 237 19.35 -26.25 6.66
N ALA C 238 20.04 -25.12 6.79
CA ALA C 238 21.29 -25.04 7.54
C ALA C 238 21.55 -23.58 7.88
N VAL C 239 22.23 -23.36 9.00
CA VAL C 239 22.52 -22.01 9.49
C VAL C 239 23.99 -21.95 9.91
N GLY C 240 24.63 -20.82 9.61
CA GLY C 240 26.06 -20.67 9.82
C GLY C 240 26.41 -19.47 10.68
N PHE C 241 27.64 -19.48 11.18
CA PHE C 241 28.12 -18.41 12.05
C PHE C 241 29.65 -18.35 11.91
N VAL C 242 30.14 -17.35 11.17
CA VAL C 242 31.56 -17.28 10.83
C VAL C 242 32.14 -16.00 11.40
N LYS C 243 33.27 -16.13 12.08
CA LYS C 243 34.00 -15.01 12.65
C LYS C 243 35.29 -14.79 11.87
N LYS C 245 39.10 -12.64 11.24
CA LYS C 245 40.25 -12.29 12.06
C LYS C 245 40.33 -10.81 12.40
N ASN C 246 39.62 -9.95 11.66
CA ASN C 246 39.52 -8.55 12.05
C ASN C 246 38.38 -8.30 13.03
N GLY C 247 37.63 -9.33 13.38
CA GLY C 247 36.52 -9.22 14.31
C GLY C 247 35.16 -9.32 13.66
N ALA C 248 35.08 -9.14 12.34
CA ALA C 248 33.80 -9.18 11.65
C ALA C 248 33.14 -10.55 11.79
N THR C 249 31.81 -10.56 11.71
CA THR C 249 31.02 -11.77 11.88
C THR C 249 29.98 -11.84 10.76
N ILE C 250 29.74 -13.05 10.26
CA ILE C 250 28.73 -13.29 9.24
C ILE C 250 27.79 -14.39 9.71
N GLY C 251 26.49 -14.12 9.68
CA GLY C 251 25.48 -15.14 9.85
C GLY C 251 24.96 -15.58 8.50
N LEU C 252 24.67 -16.88 8.38
CA LEU C 252 24.17 -17.45 7.14
C LEU C 252 22.92 -18.26 7.43
N GLU C 253 21.94 -18.15 6.56
CA GLU C 253 20.76 -19.00 6.57
C GLU C 253 20.52 -19.52 5.16
N ALA C 254 20.45 -20.84 5.02
CA ALA C 254 20.23 -21.47 3.73
C ALA C 254 19.20 -22.58 3.90
N SER C 255 18.34 -22.75 2.88
CA SER C 255 17.28 -23.73 2.95
C SER C 255 16.54 -23.87 1.62
N TRP C 256 16.02 -25.06 1.36
CA TRP C 256 14.97 -25.25 0.37
C TRP C 256 13.59 -25.35 1.00
N ALA C 257 13.51 -25.93 2.19
CA ALA C 257 12.24 -26.13 2.89
C ALA C 257 12.43 -25.74 4.35
N ILE C 258 11.68 -24.74 4.79
CA ILE C 258 11.65 -24.31 6.19
C ILE C 258 10.43 -23.41 6.38
N ASN C 259 9.76 -23.55 7.52
CA ASN C 259 8.53 -22.80 7.75
C ASN C 259 8.79 -21.38 8.21
N LEU C 261 8.79 -17.26 6.71
CA LEU C 261 7.93 -16.49 5.82
C LEU C 261 8.69 -15.79 4.69
N ASP C 262 9.90 -15.30 4.95
CA ASP C 262 10.62 -14.48 3.99
C ASP C 262 11.58 -15.36 3.19
N SER C 263 11.21 -15.68 1.96
CA SER C 263 12.08 -16.42 1.05
C SER C 263 12.99 -15.42 0.35
N ARG C 264 14.21 -15.26 0.87
CA ARG C 264 15.17 -14.29 0.36
C ARG C 264 16.49 -15.01 0.09
N GLU C 265 16.95 -14.93 -1.16
CA GLU C 265 18.17 -15.61 -1.56
C GLU C 265 19.01 -14.71 -2.47
N ALA C 266 20.27 -15.10 -2.65
CA ALA C 266 21.25 -14.32 -3.42
C ALA C 266 21.37 -12.90 -2.88
N SER C 267 21.13 -12.76 -1.58
CA SER C 267 21.08 -11.46 -0.92
C SER C 267 22.08 -11.41 0.22
N THR C 268 22.35 -10.20 0.70
CA THR C 268 23.18 -10.04 1.89
C THR C 268 22.79 -8.76 2.62
N THR C 269 23.19 -8.68 3.89
CA THR C 269 22.89 -7.56 4.76
C THR C 269 24.18 -7.13 5.43
N LEU C 270 24.64 -5.91 5.17
CA LEU C 270 25.91 -5.42 5.66
C LEU C 270 25.70 -4.30 6.68
N CYS C 271 26.49 -4.33 7.75
CA CYS C 271 26.41 -3.35 8.83
C CYS C 271 27.79 -2.76 9.06
N GLY C 272 28.00 -1.53 8.62
CA GLY C 272 29.27 -0.84 8.78
C GLY C 272 29.22 0.23 9.85
N THR C 273 30.35 0.93 9.98
CA THR C 273 30.47 1.98 10.98
C THR C 273 29.90 3.32 10.51
N GLU C 274 29.77 3.52 9.20
CA GLU C 274 29.17 4.75 8.68
C GLU C 274 27.77 4.55 8.13
N ALA C 275 27.46 3.39 7.55
CA ALA C 275 26.15 3.14 6.99
C ALA C 275 25.93 1.64 6.89
N GLY C 276 24.70 1.26 6.53
CA GLY C 276 24.36 -0.12 6.29
C GLY C 276 23.69 -0.27 4.93
N ALA C 277 23.39 -1.53 4.59
CA ALA C 277 22.77 -1.82 3.32
C ALA C 277 22.21 -3.24 3.35
N GLU C 278 21.17 -3.47 2.56
CA GLU C 278 20.63 -4.82 2.40
C GLU C 278 20.06 -4.96 1.01
N ILE C 279 20.28 -6.14 0.42
CA ILE C 279 19.76 -6.48 -0.89
C ILE C 279 18.66 -7.52 -0.70
N HIS C 280 17.61 -7.42 -1.52
CA HIS C 280 16.47 -8.33 -1.45
C HIS C 280 16.29 -9.00 -2.80
N SER C 281 16.09 -10.32 -2.77
CA SER C 281 15.88 -11.11 -3.98
C SER C 281 15.40 -12.49 -3.57
N GLY C 282 14.46 -13.05 -4.32
CA GLY C 282 13.96 -14.38 -4.06
C GLY C 282 12.47 -14.45 -4.29
N SER C 284 9.83 -14.16 -2.56
CA SER C 284 8.97 -13.12 -1.99
C SER C 284 9.29 -11.73 -2.53
N TYR C 285 10.12 -11.63 -3.56
CA TYR C 285 10.55 -10.34 -4.11
C TYR C 285 10.40 -10.36 -5.62
N PRO C 286 9.30 -9.81 -6.16
CA PRO C 286 9.13 -9.80 -7.62
C PRO C 286 10.18 -8.96 -8.33
N LYS C 287 10.73 -7.95 -7.66
CA LYS C 287 11.83 -7.15 -8.22
C LYS C 287 12.96 -7.11 -7.20
N ASN C 288 14.19 -7.17 -7.69
CA ASN C 288 15.36 -7.07 -6.83
C ASN C 288 15.42 -5.68 -6.20
N GLU C 289 15.82 -5.63 -4.94
CA GLU C 289 15.79 -4.41 -4.15
C GLU C 289 17.15 -4.15 -3.51
N LEU C 290 17.47 -2.86 -3.36
CA LEU C 290 18.71 -2.43 -2.73
C LEU C 290 18.38 -1.21 -1.88
N ILE C 291 18.70 -1.28 -0.59
CA ILE C 291 18.31 -0.24 0.36
C ILE C 291 19.52 0.12 1.21
N TYR C 292 20.06 1.33 1.01
CA TYR C 292 21.03 1.87 1.94
C TYR C 292 20.31 2.50 3.12
N ASN C 293 20.99 2.55 4.26
CA ASN C 293 20.45 3.20 5.45
C ASN C 293 21.57 3.89 6.20
N ARG C 294 21.34 5.15 6.58
CA ARG C 294 22.33 5.95 7.27
C ARG C 294 21.64 7.10 7.97
N ALA C 295 22.40 7.80 8.81
CA ALA C 295 21.95 9.04 9.42
C ALA C 295 22.61 10.20 8.68
N ARG C 296 21.79 11.02 8.03
CA ARG C 296 22.27 12.16 7.27
C ARG C 296 21.69 13.44 7.88
N ASN C 297 22.58 14.36 8.26
CA ASN C 297 22.18 15.64 8.85
C ASN C 297 21.22 15.43 10.03
N ASN C 298 21.52 14.43 10.84
CA ASN C 298 20.87 14.11 12.13
C ASN C 298 19.54 13.41 11.99
N GLN C 299 19.18 12.93 10.80
CA GLN C 299 17.93 12.22 10.59
C GLN C 299 18.21 10.86 9.96
N LEU C 300 17.50 9.84 10.45
CA LEU C 300 17.64 8.50 9.91
C LEU C 300 16.89 8.41 8.58
N GLU C 302 16.69 6.33 4.40
CA GLU C 302 16.93 5.11 3.64
C GLU C 302 16.88 5.45 2.16
N GLU C 303 17.85 4.91 1.41
CA GLU C 303 17.99 5.16 -0.02
C GLU C 303 17.80 3.85 -0.76
N THR C 304 16.81 3.82 -1.65
CA THR C 304 16.46 2.61 -2.39
C THR C 304 16.34 2.93 -3.88
N LEU C 305 16.28 1.88 -4.68
CA LEU C 305 16.12 2.03 -6.12
C LEU C 305 14.75 2.60 -6.45
N SER C 306 14.72 3.55 -7.37
CA SER C 306 13.48 4.12 -7.86
C SER C 306 12.88 3.23 -8.93
N SER C 307 11.55 3.30 -9.05
CA SER C 307 10.82 2.44 -9.98
C SER C 307 10.99 2.94 -11.40
N VAL C 308 11.51 2.08 -12.27
CA VAL C 308 11.79 2.42 -13.66
C VAL C 308 10.64 1.95 -14.52
N GLY C 309 10.06 2.87 -15.31
CA GLY C 309 9.01 2.57 -16.23
C GLY C 309 9.43 2.69 -17.67
N SER C 310 8.46 2.55 -18.55
CA SER C 310 8.65 2.59 -20.00
C SER C 310 8.00 3.83 -20.60
N ILE C 311 8.26 4.03 -21.89
CA ILE C 311 7.69 5.13 -22.66
C ILE C 311 6.71 4.54 -23.66
N ALA C 312 6.28 5.35 -24.64
CA ALA C 312 5.25 4.94 -25.57
C ALA C 312 5.65 3.70 -26.36
N TYR C 313 6.82 3.75 -27.01
CA TYR C 313 7.21 2.68 -27.93
C TYR C 313 8.64 2.19 -27.71
N PHE C 314 9.28 2.53 -26.59
CA PHE C 314 10.67 2.13 -26.39
C PHE C 314 10.93 1.78 -24.94
N ALA C 315 11.92 0.90 -24.74
CA ALA C 315 12.39 0.51 -23.41
C ALA C 315 13.69 -0.26 -23.53
N GLU C 320 20.04 -11.15 -18.46
CA GLU C 320 20.88 -9.96 -18.45
C GLU C 320 22.21 -10.24 -17.74
N GLU C 321 22.13 -10.64 -16.47
CA GLU C 321 23.35 -10.83 -15.68
C GLU C 321 24.14 -12.05 -16.14
N GLY C 322 23.46 -13.09 -16.63
CA GLY C 322 24.17 -14.22 -17.21
C GLY C 322 24.95 -13.82 -18.45
N THR C 323 24.36 -12.96 -19.29
CA THR C 323 25.08 -12.45 -20.45
C THR C 323 26.25 -11.58 -20.03
N VAL C 324 26.03 -10.71 -19.03
CA VAL C 324 27.11 -9.83 -18.57
C VAL C 324 28.23 -10.66 -17.95
N ASP C 325 27.89 -11.69 -17.19
CA ASP C 325 28.90 -12.61 -16.66
C ASP C 325 29.74 -13.20 -17.79
N ASN C 326 29.09 -13.70 -18.84
CA ASN C 326 29.80 -14.41 -19.89
C ASN C 326 30.60 -13.45 -20.77
N ARG C 327 30.00 -12.33 -21.17
CA ARG C 327 30.72 -11.39 -22.03
C ARG C 327 32.01 -10.92 -21.37
N GLN C 328 31.91 -10.48 -20.13
CA GLN C 328 33.10 -10.11 -19.37
C GLN C 328 34.10 -11.26 -19.31
N TRP C 329 33.62 -12.51 -19.36
CA TRP C 329 34.52 -13.66 -19.33
C TRP C 329 35.34 -13.75 -20.61
N LEU C 330 34.71 -13.56 -21.77
CA LEU C 330 35.42 -13.69 -23.04
C LEU C 330 36.41 -12.54 -23.23
N GLU C 331 35.94 -11.30 -23.10
CA GLU C 331 36.87 -10.17 -23.16
C GLU C 331 38.03 -10.33 -22.20
N ALA C 332 37.87 -11.15 -21.16
CA ALA C 332 38.95 -11.35 -20.20
C ALA C 332 40.08 -12.17 -20.82
N ILE C 333 39.74 -13.26 -21.48
CA ILE C 333 40.77 -14.05 -22.14
C ILE C 333 41.22 -13.38 -23.43
N GLN C 334 40.27 -12.73 -24.13
CA GLN C 334 40.55 -11.95 -25.32
C GLN C 334 41.67 -10.94 -25.07
N ASN C 335 41.32 -9.82 -24.43
CA ASN C 335 42.29 -8.76 -24.16
C ASN C 335 43.33 -9.16 -23.12
N GLY C 336 43.20 -10.33 -22.51
CA GLY C 336 44.18 -10.80 -21.56
C GLY C 336 44.18 -10.05 -20.24
N THR C 337 43.03 -10.01 -19.57
CA THR C 337 42.94 -9.38 -18.26
C THR C 337 42.42 -10.37 -17.22
N GLU C 338 41.94 -9.85 -16.09
CA GLU C 338 41.41 -10.85 -15.18
C GLU C 338 39.89 -10.83 -15.16
N PRO C 339 39.24 -11.99 -15.17
CA PRO C 339 37.79 -12.01 -14.97
C PRO C 339 37.43 -11.52 -13.57
N LEU C 340 36.17 -11.10 -13.43
CA LEU C 340 35.74 -10.50 -12.16
C LEU C 340 35.77 -11.53 -11.03
N VAL C 341 35.17 -12.70 -11.26
CA VAL C 341 35.20 -13.75 -10.24
C VAL C 341 36.61 -14.32 -10.17
N LYS C 342 37.26 -14.17 -9.02
CA LYS C 342 38.63 -14.66 -8.84
C LYS C 342 38.61 -16.07 -8.23
N PRO C 343 39.50 -16.94 -8.70
CA PRO C 343 39.46 -18.34 -8.25
C PRO C 343 39.66 -18.51 -6.74
N GLU C 344 40.55 -17.73 -6.14
CA GLU C 344 40.78 -17.84 -4.70
C GLU C 344 39.56 -17.43 -3.88
N GLU C 345 38.69 -16.57 -4.42
CA GLU C 345 37.49 -16.17 -3.70
C GLU C 345 36.49 -17.31 -3.63
N ALA C 346 36.22 -17.95 -4.78
CA ALA C 346 35.35 -19.12 -4.79
C ALA C 346 35.92 -20.22 -3.89
N LEU C 347 37.24 -20.26 -3.74
CA LEU C 347 37.85 -21.24 -2.84
C LEU C 347 37.50 -20.91 -1.39
N ALA C 348 37.68 -19.65 -0.99
CA ALA C 348 37.30 -19.23 0.36
C ALA C 348 35.84 -19.56 0.64
N VAL C 349 34.99 -19.44 -0.38
CA VAL C 349 33.56 -19.67 -0.18
C VAL C 349 33.29 -21.14 0.12
N THR C 350 33.82 -22.04 -0.71
CA THR C 350 33.50 -23.46 -0.56
C THR C 350 34.08 -24.03 0.73
N LYS C 351 35.24 -23.54 1.17
CA LYS C 351 35.84 -24.08 2.38
C LYS C 351 35.07 -23.68 3.63
N ILE C 352 34.32 -22.57 3.59
CA ILE C 352 33.48 -22.20 4.73
C ILE C 352 32.21 -23.03 4.75
N LEU C 353 31.54 -23.15 3.60
CA LEU C 353 30.37 -24.02 3.48
C LEU C 353 30.71 -25.44 3.89
N ASP C 354 31.86 -25.93 3.42
CA ASP C 354 32.35 -27.21 3.88
C ASP C 354 32.56 -27.20 5.38
N ALA C 355 33.18 -26.14 5.90
CA ALA C 355 33.42 -26.04 7.33
C ALA C 355 32.11 -26.03 8.12
N ILE C 356 31.09 -25.35 7.58
CA ILE C 356 29.77 -25.37 8.23
C ILE C 356 29.22 -26.79 8.24
N TYR C 357 29.42 -27.52 7.14
CA TYR C 357 29.02 -28.93 7.09
C TYR C 357 29.78 -29.74 8.13
N LYS C 358 31.11 -29.61 8.15
CA LYS C 358 31.94 -30.42 9.04
C LYS C 358 31.69 -30.12 10.51
N SER C 359 30.99 -29.03 10.84
CA SER C 359 30.42 -28.84 12.17
C SER C 359 29.28 -29.83 12.43
N ALA C 360 29.17 -30.84 11.56
CA ALA C 360 28.45 -32.07 11.86
C ALA C 360 29.14 -32.88 12.96
N LYS C 361 30.27 -32.40 13.47
CA LYS C 361 30.92 -32.97 14.64
C LYS C 361 30.64 -32.16 15.91
N THR C 362 29.60 -31.30 15.87
CA THR C 362 29.15 -30.48 17.01
C THR C 362 30.29 -29.72 17.69
N ASN C 363 31.28 -29.30 16.91
CA ASN C 363 32.39 -28.51 17.45
C ASN C 363 32.79 -27.42 16.46
N THR C 364 33.14 -26.24 16.98
CA THR C 364 33.52 -25.10 16.14
C THR C 364 34.87 -25.37 15.47
N ILE C 365 34.96 -25.09 14.17
CA ILE C 365 36.16 -25.36 13.40
C ILE C 365 36.97 -24.06 13.30
N LYS C 366 38.14 -24.04 13.93
CA LYS C 366 39.04 -22.90 13.82
C LYS C 366 39.89 -23.01 12.57
N PHE C 367 40.16 -21.86 11.94
CA PHE C 367 40.92 -21.83 10.69
C PHE C 367 42.37 -21.42 10.94
N GLY D 1 -12.07 -10.94 49.61
CA GLY D 1 -10.73 -10.34 49.65
C GLY D 1 -9.78 -11.19 50.47
N SER D 3 -6.90 -10.31 51.66
CA SER D 3 -6.05 -9.25 52.26
C SER D 3 -5.29 -8.43 51.21
N LYS D 4 -4.79 -7.27 51.66
CA LYS D 4 -4.06 -6.25 50.91
C LYS D 4 -2.57 -6.45 51.17
N LEU D 5 -1.82 -6.69 50.11
CA LEU D 5 -0.39 -6.93 50.26
C LEU D 5 0.34 -5.63 50.57
N LYS D 6 1.42 -5.75 51.33
CA LYS D 6 2.20 -4.60 51.79
C LYS D 6 3.48 -4.56 50.97
N ILE D 7 3.65 -3.51 50.17
CA ILE D 7 4.66 -3.46 49.12
C ILE D 7 5.68 -2.38 49.44
N GLY D 8 6.95 -2.71 49.23
CA GLY D 8 8.02 -1.73 49.34
C GLY D 8 8.82 -1.63 48.06
N ILE D 9 9.07 -0.40 47.60
CA ILE D 9 9.80 -0.15 46.36
C ILE D 9 11.21 0.32 46.71
N ILE D 10 12.22 -0.27 46.06
CA ILE D 10 13.61 0.15 46.20
C ILE D 10 14.02 0.80 44.88
N GLY D 11 14.37 2.08 44.93
CA GLY D 11 14.62 2.83 43.73
C GLY D 11 13.34 3.11 42.96
N CYS D 12 13.05 4.39 42.74
CA CYS D 12 11.84 4.83 42.05
C CYS D 12 12.18 5.58 40.77
N GLY D 13 13.21 5.13 40.05
CA GLY D 13 13.57 5.74 38.79
C GLY D 13 12.92 5.06 37.61
N GLY D 14 12.70 5.84 36.56
CA GLY D 14 12.29 5.34 35.26
C GLY D 14 11.16 4.34 35.22
N ILE D 15 11.47 3.07 35.45
CA ILE D 15 10.50 2.00 35.20
C ILE D 15 9.55 1.84 36.37
N ALA D 16 9.98 2.18 37.59
CA ALA D 16 9.03 2.28 38.69
C ALA D 16 7.95 3.31 38.38
N ASN D 17 8.35 4.43 37.79
CA ASN D 17 7.38 5.45 37.39
C ASN D 17 6.60 5.03 36.14
N GLN D 18 7.22 4.28 35.24
CA GLN D 18 6.56 3.92 33.99
C GLN D 18 5.73 2.64 34.13
N LYS D 19 6.31 1.59 34.71
CA LYS D 19 5.62 0.31 34.79
C LYS D 19 4.92 0.11 36.12
N HIS D 20 5.70 0.07 37.21
CA HIS D 20 5.19 -0.48 38.46
C HIS D 20 4.11 0.39 39.08
N PHE D 21 4.40 1.69 39.30
CA PHE D 21 3.48 2.56 40.02
C PHE D 21 2.08 2.61 39.42
N PRO D 22 1.89 2.83 38.12
CA PRO D 22 0.52 2.82 37.59
C PRO D 22 -0.15 1.46 37.68
N ALA D 23 0.63 0.37 37.61
CA ALA D 23 0.06 -0.97 37.73
C ALA D 23 -0.31 -1.28 39.17
N LEU D 24 0.62 -1.06 40.10
CA LEU D 24 0.30 -1.21 41.52
C LEU D 24 -0.92 -0.38 41.90
N LYS D 25 -1.04 0.82 41.30
CA LYS D 25 -2.25 1.60 41.49
C LYS D 25 -3.44 0.99 40.74
N ASN D 26 -3.19 0.45 39.55
CA ASN D 26 -4.26 -0.21 38.80
C ASN D 26 -4.83 -1.39 39.59
N ASN D 27 -3.95 -2.17 40.21
CA ASN D 27 -4.36 -3.28 41.09
C ASN D 27 -4.31 -2.85 42.54
N ALA D 28 -4.93 -1.71 42.87
CA ALA D 28 -5.02 -1.27 44.25
C ALA D 28 -5.73 -2.32 45.11
N ASP D 29 -6.69 -3.02 44.52
CA ASP D 29 -7.48 -4.09 45.14
C ASP D 29 -6.67 -4.94 46.13
N LEU D 30 -5.45 -5.33 45.76
CA LEU D 30 -4.70 -6.34 46.49
C LEU D 30 -3.40 -5.83 47.11
N ASN D 31 -3.14 -4.52 47.11
CA ASN D 31 -1.89 -4.03 47.67
C ASN D 31 -2.00 -2.53 47.97
N GLU D 32 -1.03 -2.04 48.75
CA GLU D 32 -0.65 -0.64 48.71
C GLU D 32 0.73 -0.53 49.35
N ILE D 33 1.41 0.57 49.03
CA ILE D 33 2.86 0.67 49.14
C ILE D 33 3.25 1.46 50.37
N VAL D 34 4.27 0.98 51.09
CA VAL D 34 4.77 1.63 52.29
C VAL D 34 6.30 1.74 52.27
N PHE D 36 8.92 3.01 50.22
CA PHE D 36 9.56 3.75 49.15
C PHE D 36 11.04 4.00 49.45
N CYS D 37 11.82 4.33 48.41
CA CYS D 37 13.25 4.53 48.56
C CYS D 37 13.95 4.96 47.28
N ASP D 38 14.99 5.78 47.40
CA ASP D 38 15.86 6.11 46.28
C ASP D 38 17.06 6.90 46.79
N ILE D 39 18.24 6.58 46.27
CA ILE D 39 19.45 7.32 46.65
C ILE D 39 19.24 8.82 46.46
N GLN D 40 18.55 9.21 45.39
CA GLN D 40 18.05 10.57 45.27
C GLN D 40 16.78 10.65 46.12
N ILE D 41 16.96 11.00 47.40
CA ILE D 41 15.87 10.89 48.36
C ILE D 41 14.67 11.72 47.91
N ASP D 42 14.90 12.80 47.15
CA ASP D 42 13.79 13.54 46.56
C ASP D 42 13.00 12.70 45.55
N ARG D 43 13.64 11.67 44.97
CA ARG D 43 12.93 10.83 43.99
C ARG D 43 11.86 9.99 44.65
N ALA D 44 12.16 9.42 45.82
CA ALA D 44 11.16 8.62 46.53
C ALA D 44 9.99 9.48 47.00
N GLU D 45 10.23 10.78 47.17
CA GLU D 45 9.18 11.66 47.72
C GLU D 45 8.00 11.78 46.76
N LYS D 46 8.24 12.27 45.54
CA LYS D 46 7.15 12.41 44.58
C LYS D 46 6.47 11.08 44.31
N ALA D 47 7.22 9.98 44.34
CA ALA D 47 6.62 8.65 44.23
C ALA D 47 5.78 8.32 45.45
N ALA D 48 6.31 8.58 46.65
CA ALA D 48 5.61 8.33 47.90
C ALA D 48 4.29 9.07 47.98
N ALA D 49 4.37 10.39 48.03
CA ALA D 49 3.18 11.24 48.10
C ALA D 49 2.46 11.25 46.74
N GLU D 50 2.04 10.06 46.32
CA GLU D 50 1.27 9.88 45.09
C GLU D 50 0.81 8.44 44.94
N PHE D 51 1.50 7.51 45.61
CA PHE D 51 1.17 6.07 45.45
C PHE D 51 1.28 5.34 46.78
N GLY D 52 1.44 6.07 47.88
CA GLY D 52 1.50 5.44 49.22
C GLY D 52 0.25 5.76 50.02
N ALA D 53 -0.58 6.69 49.51
CA ALA D 53 -1.85 7.14 50.13
C ALA D 53 -1.65 7.74 51.53
N GLU D 54 -1.40 6.91 52.54
CA GLU D 54 -1.18 7.38 53.94
C GLU D 54 0.31 7.37 54.26
N GLY D 55 0.68 7.93 55.42
CA GLY D 55 2.06 8.05 55.91
C GLY D 55 2.93 6.86 55.55
N ALA D 56 3.88 7.05 54.63
CA ALA D 56 4.77 5.97 54.13
C ALA D 56 6.01 5.78 54.99
N GLN D 57 7.18 5.58 54.37
CA GLN D 57 8.44 5.34 55.13
C GLN D 57 9.67 5.81 54.34
N VAL D 58 9.46 6.62 53.30
CA VAL D 58 10.43 7.25 52.40
C VAL D 58 11.83 7.32 52.98
N THR D 59 12.71 6.45 52.51
CA THR D 59 14.07 6.37 53.01
C THR D 59 15.05 6.54 51.85
N ALA D 60 16.34 6.44 52.18
CA ALA D 60 17.40 6.56 51.19
C ALA D 60 18.54 5.62 51.60
N ASP D 61 18.17 4.36 51.83
CA ASP D 61 19.10 3.28 52.16
C ASP D 61 18.32 1.98 52.30
N TYR D 62 18.40 1.10 51.29
CA TYR D 62 17.55 -0.09 51.23
C TYR D 62 17.64 -0.93 52.49
N LYS D 63 18.78 -0.88 53.19
CA LYS D 63 19.08 -1.87 54.23
C LYS D 63 18.03 -1.89 55.34
N GLU D 64 17.57 -0.67 55.66
CA GLU D 64 16.62 -0.38 56.77
C GLU D 64 15.21 -0.22 56.23
N LEU D 65 15.04 -0.27 54.91
CA LEU D 65 13.64 -0.33 54.42
C LEU D 65 13.20 -1.78 54.62
N LEU D 66 14.13 -2.70 54.46
CA LEU D 66 13.88 -4.13 54.67
C LEU D 66 13.64 -4.31 56.17
N ALA D 67 14.43 -3.66 57.02
CA ALA D 67 14.25 -3.93 58.45
C ALA D 67 12.88 -3.48 58.95
N ASN D 68 12.21 -2.61 58.20
CA ASN D 68 10.79 -2.37 58.43
C ASN D 68 10.06 -3.72 58.48
N PRO D 69 9.22 -3.96 59.47
CA PRO D 69 8.48 -5.23 59.51
C PRO D 69 7.18 -5.17 58.73
N GLU D 70 6.68 -3.96 58.46
CA GLU D 70 5.46 -3.81 57.69
C GLU D 70 5.68 -4.02 56.19
N VAL D 71 6.93 -4.11 55.73
CA VAL D 71 7.20 -4.44 54.34
C VAL D 71 7.08 -5.95 54.16
N GLU D 72 6.59 -6.38 52.99
CA GLU D 72 6.31 -7.79 52.75
C GLU D 72 6.89 -8.25 51.42
N VAL D 73 6.57 -7.55 50.34
CA VAL D 73 7.12 -7.83 49.02
C VAL D 73 7.92 -6.61 48.59
N VAL D 74 9.20 -6.82 48.30
CA VAL D 74 10.11 -5.77 47.89
C VAL D 74 10.31 -5.83 46.38
N HIS D 75 10.11 -4.70 45.71
CA HIS D 75 10.27 -4.59 44.27
C HIS D 75 11.57 -3.84 43.98
N VAL D 76 12.58 -4.56 43.52
CA VAL D 76 13.86 -3.95 43.19
C VAL D 76 13.77 -3.39 41.76
N CYS D 77 13.76 -2.06 41.64
CA CYS D 77 13.75 -1.36 40.37
C CYS D 77 14.97 -0.46 40.24
N THR D 78 16.08 -0.88 40.83
CA THR D 78 17.37 -0.20 40.73
C THR D 78 18.14 -0.73 39.52
N PRO D 79 19.34 -0.17 39.22
CA PRO D 79 20.16 -0.72 38.12
C PRO D 79 20.51 -2.21 38.26
N ASN D 80 21.59 -2.67 37.61
CA ASN D 80 21.72 -4.11 37.44
C ASN D 80 22.57 -4.78 38.54
N VAL D 81 23.79 -4.31 38.78
CA VAL D 81 24.61 -4.90 39.83
C VAL D 81 23.97 -4.65 41.19
N SER D 82 23.14 -3.60 41.28
CA SER D 82 22.31 -3.40 42.47
C SER D 82 21.45 -4.62 42.74
N HIS D 83 21.10 -5.37 41.70
CA HIS D 83 20.07 -6.41 41.83
C HIS D 83 20.53 -7.53 42.75
N SER D 84 21.80 -7.94 42.64
CA SER D 84 22.25 -9.07 43.43
C SER D 84 22.20 -8.75 44.92
N GLU D 85 22.94 -7.72 45.35
CA GLU D 85 23.01 -7.42 46.78
C GLU D 85 21.65 -7.07 47.35
N ILE D 86 20.91 -6.15 46.70
CA ILE D 86 19.63 -5.71 47.25
C ILE D 86 18.61 -6.84 47.34
N THR D 87 18.86 -7.97 46.68
CA THR D 87 17.98 -9.13 46.77
C THR D 87 18.58 -10.25 47.60
N ILE D 88 19.87 -10.56 47.42
CA ILE D 88 20.46 -11.79 47.92
C ILE D 88 20.46 -11.89 49.44
N ALA D 89 21.43 -11.25 50.09
CA ALA D 89 21.52 -11.30 51.56
C ALA D 89 20.95 -10.03 52.19
N ALA D 90 19.82 -9.56 51.65
CA ALA D 90 19.17 -8.37 52.17
C ALA D 90 17.66 -8.57 52.20
N PHE D 91 17.08 -8.94 51.07
CA PHE D 91 15.64 -9.10 50.92
C PHE D 91 15.22 -10.57 51.00
N GLU D 92 15.94 -11.46 50.31
CA GLU D 92 15.76 -12.90 50.51
C GLU D 92 16.33 -13.30 51.87
N ALA D 93 16.69 -12.30 52.68
CA ALA D 93 16.82 -12.44 54.11
C ALA D 93 15.59 -11.88 54.82
N GLY D 94 14.40 -12.09 54.24
CA GLY D 94 13.17 -11.63 54.85
C GLY D 94 11.90 -11.72 54.02
N LYS D 95 11.91 -11.20 52.78
CA LYS D 95 10.69 -10.85 52.07
C LYS D 95 10.66 -11.45 50.66
N HIS D 96 9.47 -11.40 50.05
CA HIS D 96 9.32 -11.72 48.64
C HIS D 96 9.91 -10.63 47.76
N VAL D 97 10.59 -11.00 46.68
CA VAL D 97 11.21 -10.05 45.77
C VAL D 97 10.65 -10.21 44.37
N TYR D 98 10.33 -9.08 43.74
CA TYR D 98 10.17 -8.95 42.29
C TYR D 98 11.39 -8.15 41.82
N CYS D 99 12.42 -8.84 41.35
CA CYS D 99 13.60 -8.18 40.82
C CYS D 99 13.40 -7.85 39.35
N GLU D 100 13.93 -6.70 38.94
CA GLU D 100 13.59 -6.21 37.62
C GLU D 100 14.46 -6.85 36.53
N LYS D 101 14.05 -6.59 35.29
CA LYS D 101 14.44 -7.13 33.98
C LYS D 101 15.65 -8.09 34.04
N PRO D 102 16.92 -7.65 34.00
CA PRO D 102 17.98 -8.67 34.03
C PRO D 102 18.34 -8.98 35.47
N SER D 104 20.96 -10.20 36.74
CA SER D 104 22.23 -9.57 37.04
C SER D 104 23.11 -9.61 35.81
N HIS D 105 24.09 -8.70 35.79
CA HIS D 105 25.18 -8.76 34.82
C HIS D 105 25.83 -10.13 34.80
N SER D 106 26.03 -10.73 35.98
CA SER D 106 26.94 -11.86 36.12
C SER D 106 26.20 -13.16 36.38
N THR D 107 26.76 -14.25 35.84
CA THR D 107 26.26 -15.60 36.12
C THR D 107 26.21 -15.89 37.61
N GLU D 108 27.35 -15.80 38.28
CA GLU D 108 27.46 -16.41 39.60
C GLU D 108 26.69 -15.60 40.66
N GLU D 109 26.74 -14.27 40.58
CA GLU D 109 25.84 -13.46 41.39
C GLU D 109 24.39 -13.81 41.10
N ALA D 110 24.06 -14.15 39.85
CA ALA D 110 22.72 -14.62 39.53
C ALA D 110 22.41 -15.91 40.26
N GLU D 111 23.35 -16.86 40.26
CA GLU D 111 23.15 -18.09 41.01
C GLU D 111 23.11 -17.84 42.52
N LYS D 112 23.88 -16.86 43.00
CA LYS D 112 23.86 -16.57 44.44
C LYS D 112 22.53 -15.97 44.89
N VAL D 114 19.55 -17.16 43.48
CA VAL D 114 18.65 -18.31 43.52
C VAL D 114 18.86 -19.12 44.79
N GLU D 115 20.12 -19.28 45.21
CA GLU D 115 20.40 -19.95 46.48
C GLU D 115 19.75 -19.19 47.63
N ALA D 116 19.98 -17.88 47.69
CA ALA D 116 19.33 -17.05 48.70
C ALA D 116 17.82 -17.13 48.61
N TRP D 117 17.29 -17.39 47.42
CA TRP D 117 15.84 -17.58 47.27
C TRP D 117 15.40 -18.86 47.95
N LYS D 118 16.08 -19.98 47.66
CA LYS D 118 15.70 -21.26 48.26
C LYS D 118 15.90 -21.24 49.77
N LYS D 119 16.96 -20.58 50.24
CA LYS D 119 17.25 -20.47 51.66
C LYS D 119 16.26 -19.61 52.42
N SER D 120 15.18 -19.15 51.78
CA SER D 120 14.15 -18.37 52.46
C SER D 120 12.76 -18.95 52.33
N GLY D 121 12.50 -19.80 51.34
CA GLY D 121 11.16 -20.31 51.15
C GLY D 121 10.15 -19.21 50.86
N LYS D 122 10.58 -18.18 50.17
CA LYS D 122 9.72 -17.10 49.73
C LYS D 122 9.61 -17.14 48.21
N GLN D 123 8.85 -16.21 47.66
CA GLN D 123 8.57 -16.20 46.23
C GLN D 123 9.47 -15.20 45.50
N PHE D 124 9.37 -15.24 44.18
CA PHE D 124 10.42 -14.69 43.35
C PHE D 124 10.00 -14.71 41.89
N THR D 125 9.88 -13.53 41.28
CA THR D 125 9.66 -13.43 39.85
C THR D 125 10.55 -12.32 39.31
N ILE D 126 10.74 -12.32 37.99
CA ILE D 126 11.58 -11.35 37.33
C ILE D 126 10.70 -10.52 36.39
N GLY D 127 11.17 -9.31 36.09
CA GLY D 127 10.43 -8.40 35.24
C GLY D 127 10.48 -8.76 33.77
N TYR D 128 9.59 -9.64 33.34
CA TYR D 128 9.48 -10.05 31.94
C TYR D 128 8.02 -9.89 31.50
N GLN D 129 7.51 -8.66 31.61
CA GLN D 129 6.11 -8.37 31.30
C GLN D 129 5.78 -8.59 29.84
N ASN D 130 6.77 -8.69 28.95
CA ASN D 130 6.50 -8.96 27.54
C ASN D 130 5.87 -10.33 27.33
N ARG D 131 5.97 -11.23 28.30
CA ARG D 131 5.29 -12.51 28.19
C ARG D 131 3.77 -12.37 28.19
N PHE D 132 3.25 -11.25 28.69
CA PHE D 132 1.82 -11.07 28.87
C PHE D 132 1.14 -10.34 27.72
N ARG D 133 1.89 -9.95 26.70
CA ARG D 133 1.26 -9.43 25.49
C ARG D 133 0.34 -10.50 24.92
N GLU D 134 -0.89 -10.08 24.57
CA GLU D 134 -1.89 -11.06 24.14
C GLU D 134 -1.41 -11.87 22.95
N GLU D 135 -0.61 -11.27 22.07
CA GLU D 135 -0.10 -12.01 20.93
C GLU D 135 1.07 -12.93 21.32
N VAL D 136 1.82 -12.56 22.36
CA VAL D 136 2.92 -13.41 22.81
C VAL D 136 2.39 -14.68 23.47
N ASN D 138 -0.51 -15.88 22.85
CA ASN D 138 -1.07 -16.62 21.72
C ASN D 138 -0.04 -17.59 21.15
N LEU D 139 1.17 -17.10 20.90
CA LEU D 139 2.22 -17.98 20.38
C LEU D 139 2.62 -19.03 21.41
N LYS D 140 2.65 -18.65 22.69
CA LYS D 140 3.02 -19.59 23.74
C LYS D 140 2.04 -20.76 23.80
N LYS D 141 0.74 -20.47 23.71
CA LYS D 141 -0.26 -21.52 23.84
C LYS D 141 -0.21 -22.51 22.69
N SER D 142 0.02 -22.01 21.46
CA SER D 142 0.07 -22.86 20.29
C SER D 142 1.32 -23.73 20.27
N CYS D 143 2.46 -23.18 20.71
CA CYS D 143 3.65 -24.00 20.92
C CYS D 143 3.41 -25.07 21.97
N ASP D 144 2.69 -24.72 23.04
CA ASP D 144 2.41 -25.68 24.09
C ASP D 144 1.49 -26.79 23.59
N LYS D 145 0.60 -26.49 22.65
CA LYS D 145 -0.27 -27.49 22.06
C LYS D 145 0.37 -28.20 20.87
N GLY D 146 1.64 -27.92 20.59
CA GLY D 146 2.36 -28.62 19.54
C GLY D 146 1.94 -28.26 18.13
N GLU D 147 1.26 -27.13 17.93
CA GLU D 147 0.79 -26.74 16.61
C GLU D 147 1.91 -26.15 15.74
N LEU D 148 3.16 -26.20 16.21
CA LEU D 148 4.31 -25.92 15.38
C LEU D 148 5.21 -27.14 15.22
N GLY D 149 4.88 -28.25 15.88
CA GLY D 149 5.71 -29.44 15.84
C GLY D 149 7.00 -29.25 16.64
N GLU D 150 8.00 -30.03 16.28
CA GLU D 150 9.32 -29.87 16.87
C GLU D 150 9.96 -28.60 16.33
N ILE D 151 10.36 -27.71 17.23
CA ILE D 151 10.97 -26.44 16.86
C ILE D 151 12.48 -26.60 16.92
N TYR D 152 13.14 -26.44 15.77
CA TYR D 152 14.57 -26.67 15.67
C TYR D 152 15.38 -25.42 15.35
N TYR D 153 14.77 -24.37 14.80
CA TYR D 153 15.47 -23.12 14.55
C TYR D 153 14.68 -21.98 15.18
N GLY D 154 15.32 -21.24 16.07
CA GLY D 154 14.72 -20.07 16.68
C GLY D 154 15.52 -18.82 16.39
N LYS D 155 14.90 -17.66 16.58
CA LYS D 155 15.56 -16.39 16.31
C LYS D 155 15.03 -15.36 17.30
N ALA D 156 15.92 -14.74 18.06
CA ALA D 156 15.55 -13.73 19.04
C ALA D 156 15.99 -12.37 18.53
N HIS D 157 15.04 -11.47 18.34
CA HIS D 157 15.33 -10.12 17.83
C HIS D 157 15.24 -9.12 18.98
N ALA D 158 16.33 -8.41 19.22
CA ALA D 158 16.35 -7.30 20.16
C ALA D 158 17.14 -6.14 19.56
N VAL D 159 16.74 -5.73 18.36
CA VAL D 159 17.51 -4.79 17.55
C VAL D 159 16.84 -3.43 17.58
N ARG D 160 17.62 -2.41 17.89
CA ARG D 160 17.23 -1.02 17.69
C ARG D 160 18.23 -0.38 16.74
N ARG D 161 17.72 0.42 15.80
CA ARG D 161 18.61 1.05 14.84
C ARG D 161 19.43 2.15 15.48
N ARG D 162 18.81 3.01 16.28
CA ARG D 162 19.49 4.13 16.91
C ARG D 162 18.66 4.67 18.06
N ALA D 163 18.51 3.88 19.13
CA ALA D 163 17.71 4.25 20.29
C ALA D 163 18.42 3.83 21.58
N VAL D 164 19.59 4.40 21.82
CA VAL D 164 20.32 4.17 23.07
C VAL D 164 19.61 4.94 24.19
N PRO D 165 19.29 4.33 25.33
CA PRO D 165 18.66 5.12 26.41
C PRO D 165 19.67 6.10 27.00
N THR D 166 19.24 7.34 27.17
CA THR D 166 20.11 8.41 27.64
C THR D 166 19.57 9.09 28.90
N TRP D 167 18.72 8.42 29.67
CA TRP D 167 18.11 9.03 30.83
C TRP D 167 18.47 8.36 32.15
N GLY D 168 19.21 7.25 32.12
CA GLY D 168 19.57 6.56 33.34
C GLY D 168 21.06 6.37 33.51
N VAL D 169 21.50 5.12 33.58
CA VAL D 169 22.91 4.78 33.67
C VAL D 169 23.21 3.60 32.76
N PHE D 170 22.31 3.35 31.79
CA PHE D 170 22.41 2.17 30.95
C PHE D 170 23.76 2.07 30.24
N ASP D 172 26.60 3.06 31.63
CA ASP D 172 27.65 2.97 32.65
C ASP D 172 27.89 1.51 33.01
N LYS D 173 29.14 1.07 32.83
CA LYS D 173 29.43 -0.37 32.89
C LYS D 173 29.38 -0.90 34.33
N GLU D 174 29.97 -0.17 35.29
CA GLU D 174 29.99 -0.64 36.66
C GLU D 174 28.66 -0.41 37.39
N ALA D 175 27.67 0.16 36.70
CA ALA D 175 26.32 0.22 37.23
C ALA D 175 25.36 -0.77 36.56
N GLN D 176 25.67 -1.20 35.34
CA GLN D 176 24.80 -2.10 34.59
C GLN D 176 25.47 -3.42 34.20
N GLY D 177 26.79 -3.44 34.07
CA GLY D 177 27.50 -4.66 33.71
C GLY D 177 27.51 -5.00 32.24
N GLY D 178 26.67 -4.36 31.43
CA GLY D 178 26.63 -4.66 30.01
C GLY D 178 25.60 -3.79 29.33
N GLY D 179 25.71 -3.73 28.01
CA GLY D 179 24.85 -2.89 27.21
C GLY D 179 23.58 -3.57 26.75
N PRO D 180 23.25 -3.40 25.46
CA PRO D 180 21.97 -3.90 24.95
C PRO D 180 21.85 -5.42 24.93
N LEU D 181 22.95 -6.15 25.06
CA LEU D 181 22.86 -7.61 25.07
C LEU D 181 22.03 -8.09 26.25
N ILE D 182 22.28 -7.54 27.45
CA ILE D 182 21.48 -7.88 28.62
C ILE D 182 20.34 -6.90 28.87
N ASP D 183 20.31 -5.77 28.15
CA ASP D 183 19.30 -4.75 28.38
C ASP D 183 18.02 -4.99 27.59
N ILE D 184 18.11 -5.52 26.38
CA ILE D 184 16.89 -5.79 25.61
C ILE D 184 16.95 -7.22 25.10
N GLY D 185 18.17 -7.72 24.87
CA GLY D 185 18.35 -9.08 24.40
C GLY D 185 17.77 -10.13 25.31
N THR D 186 17.62 -9.83 26.60
CA THR D 186 17.02 -10.78 27.52
C THR D 186 15.50 -10.87 27.32
N HIS D 187 14.86 -9.78 26.91
CA HIS D 187 13.43 -9.84 26.61
C HIS D 187 13.16 -10.79 25.44
N ALA D 188 14.00 -10.72 24.40
CA ALA D 188 13.81 -11.57 23.23
C ALA D 188 14.18 -13.01 23.53
N LEU D 189 15.40 -13.24 24.05
CA LEU D 189 15.82 -14.58 24.44
C LEU D 189 14.79 -15.25 25.34
N ASP D 190 14.26 -14.51 26.30
CA ASP D 190 13.26 -15.06 27.22
C ASP D 190 12.05 -15.57 26.44
N ILE D 191 11.50 -14.73 25.57
CA ILE D 191 10.34 -15.13 24.76
C ILE D 191 10.67 -16.37 23.95
N THR D 192 11.86 -16.39 23.34
CA THR D 192 12.25 -17.49 22.48
C THR D 192 12.28 -18.81 23.24
N LEU D 193 13.13 -18.90 24.26
CA LEU D 193 13.26 -20.12 25.04
C LEU D 193 11.93 -20.53 25.67
N TRP D 194 11.11 -19.55 26.07
CA TRP D 194 9.87 -19.86 26.77
C TRP D 194 8.92 -20.67 25.91
N CYS D 195 8.67 -20.21 24.69
CA CYS D 195 7.73 -20.87 23.79
C CYS D 195 8.29 -22.17 23.23
N ASN D 197 10.21 -23.81 24.98
CA ASN D 197 10.27 -24.55 26.24
C ASN D 197 11.46 -25.50 26.22
N ASN D 198 12.63 -24.94 25.93
CA ASN D 198 13.88 -25.68 25.83
C ASN D 198 14.94 -24.83 26.50
N TYR D 199 15.54 -25.35 27.57
CA TYR D 199 16.57 -24.63 28.30
C TYR D 199 17.87 -25.40 28.42
N ASP D 200 17.91 -26.67 28.07
CA ASP D 200 19.14 -27.47 28.09
C ASP D 200 20.05 -27.00 26.97
N VAL D 201 21.05 -26.20 27.32
CA VAL D 201 21.94 -25.58 26.36
C VAL D 201 23.13 -26.49 26.12
N ASP D 202 23.67 -26.44 24.90
CA ASP D 202 24.87 -27.18 24.54
C ASP D 202 26.07 -26.26 24.34
N SER D 203 26.00 -25.33 23.38
CA SER D 203 27.10 -24.43 23.09
C SER D 203 26.57 -23.02 22.93
N VAL D 204 27.47 -22.05 23.09
CA VAL D 204 27.15 -20.63 22.91
C VAL D 204 28.36 -19.96 22.29
N THR D 205 28.21 -19.49 21.04
CA THR D 205 29.21 -18.67 20.39
C THR D 205 28.62 -17.30 20.11
N GLY D 206 29.43 -16.26 20.29
CA GLY D 206 28.92 -14.92 20.13
C GLY D 206 29.97 -13.93 19.66
N SER D 207 29.50 -12.73 19.35
CA SER D 207 30.36 -11.61 19.00
C SER D 207 29.78 -10.36 19.65
N VAL D 208 30.68 -9.46 20.07
CA VAL D 208 30.30 -8.21 20.71
C VAL D 208 31.03 -7.08 20.00
N PHE D 209 30.34 -5.95 19.83
CA PHE D 209 30.87 -4.87 19.00
C PHE D 209 30.90 -3.57 19.78
N TYR D 210 32.05 -2.88 19.73
CA TYR D 210 32.24 -1.55 20.28
C TYR D 210 32.61 -0.66 19.10
N LYS D 211 31.61 -0.25 18.32
CA LYS D 211 31.88 0.44 17.07
C LYS D 211 31.15 1.78 16.97
N LEU D 212 29.84 1.78 17.22
CA LEU D 212 29.04 2.99 17.13
C LEU D 212 28.87 3.71 18.46
N GLY D 213 28.80 2.96 19.57
CA GLY D 213 28.76 3.60 20.87
C GLY D 213 29.97 4.47 21.15
N GLN D 214 31.07 4.27 20.42
CA GLN D 214 32.29 5.02 20.66
C GLN D 214 32.66 5.96 19.52
N LYS D 215 32.12 5.77 18.32
CA LYS D 215 32.36 6.69 17.22
C LYS D 215 31.75 8.05 17.54
N GLU D 216 32.25 9.08 16.84
CA GLU D 216 31.87 10.44 17.21
C GLU D 216 30.49 10.84 16.66
N ASN D 217 30.20 10.50 15.40
CA ASN D 217 28.88 10.74 14.84
C ASN D 217 27.90 9.60 15.14
N GLY D 218 28.22 8.75 16.11
CA GLY D 218 27.36 7.70 16.55
C GLY D 218 25.97 8.16 16.99
N PRO D 219 25.91 9.09 17.94
CA PRO D 219 24.60 9.54 18.44
C PRO D 219 23.72 10.20 17.38
N GLU D 220 24.29 10.58 16.23
CA GLU D 220 23.53 11.25 15.19
C GLU D 220 22.30 10.44 14.78
N GLY D 221 21.12 10.97 15.05
CA GLY D 221 19.88 10.29 14.76
C GLY D 221 19.29 9.50 15.91
N ASN D 222 19.89 9.56 17.09
CA ASN D 222 19.39 8.79 18.22
C ASN D 222 18.00 9.26 18.62
N LEU D 223 17.09 8.30 18.82
CA LEU D 223 15.71 8.64 19.15
C LEU D 223 15.62 9.47 20.43
N PHE D 224 16.45 9.16 21.42
CA PHE D 224 16.39 9.82 22.72
C PHE D 224 17.41 10.96 22.84
N GLY D 225 17.98 11.42 21.74
CA GLY D 225 18.91 12.52 21.79
C GLY D 225 20.35 12.07 21.81
N PRO D 226 21.28 13.03 21.74
CA PRO D 226 22.70 12.66 21.67
C PRO D 226 23.23 12.09 22.96
N TRP D 227 24.49 11.65 22.95
CA TRP D 227 25.16 11.15 24.14
C TRP D 227 26.66 11.34 23.98
N ASP D 228 27.36 11.28 25.10
CA ASP D 228 28.81 11.47 25.12
C ASP D 228 29.50 10.17 24.74
N PRO D 229 30.17 10.11 23.58
CA PRO D 229 30.83 8.86 23.18
C PRO D 229 31.93 8.41 24.12
N LYS D 230 32.57 9.34 24.84
CA LYS D 230 33.67 8.97 25.73
C LYS D 230 33.16 8.31 27.01
N THR D 231 31.89 8.49 27.37
CA THR D 231 31.31 7.81 28.53
C THR D 231 30.60 6.51 28.16
N PHE D 232 30.63 6.12 26.88
CA PHE D 232 30.02 4.88 26.43
C PHE D 232 30.95 3.73 26.79
N GLU D 233 30.56 2.94 27.79
CA GLU D 233 31.44 1.92 28.34
C GLU D 233 31.01 0.51 27.99
N VAL D 234 29.96 0.35 27.19
CA VAL D 234 29.39 -0.95 26.89
C VAL D 234 29.28 -1.11 25.37
N GLU D 235 28.82 -2.29 24.95
CA GLU D 235 28.68 -2.56 23.53
C GLU D 235 27.51 -1.78 22.94
N ASP D 236 27.54 -1.62 21.62
CA ASP D 236 26.39 -1.10 20.88
C ASP D 236 25.59 -2.20 20.19
N SER D 237 26.18 -3.38 20.03
CA SER D 237 25.50 -4.52 19.41
C SER D 237 26.25 -5.79 19.76
N ALA D 238 25.52 -6.91 19.73
CA ALA D 238 26.08 -8.22 20.00
C ALA D 238 25.19 -9.26 19.35
N VAL D 239 25.81 -10.23 18.68
CA VAL D 239 25.09 -11.32 18.04
C VAL D 239 25.52 -12.63 18.70
N GLY D 240 24.56 -13.57 18.77
CA GLY D 240 24.83 -14.85 19.41
C GLY D 240 24.45 -16.00 18.50
N PHE D 241 24.90 -17.19 18.90
CA PHE D 241 24.63 -18.43 18.16
C PHE D 241 24.59 -19.54 19.20
N VAL D 242 23.40 -20.01 19.53
CA VAL D 242 23.20 -20.93 20.64
C VAL D 242 22.69 -22.25 20.09
N LYS D 243 23.46 -23.31 20.30
CA LYS D 243 23.04 -24.66 19.98
C LYS D 243 22.59 -25.36 21.24
N LYS D 245 20.79 -29.00 23.34
CA LYS D 245 21.08 -30.42 23.48
C LYS D 245 20.28 -31.26 22.48
N ASN D 246 19.04 -30.86 22.19
CA ASN D 246 18.20 -31.61 21.27
C ASN D 246 18.51 -31.33 19.81
N GLY D 247 19.49 -30.45 19.52
CA GLY D 247 19.83 -30.10 18.17
C GLY D 247 19.32 -28.76 17.70
N ALA D 248 18.47 -28.10 18.49
CA ALA D 248 17.92 -26.82 18.11
C ALA D 248 19.01 -25.75 18.11
N THR D 249 18.78 -24.68 17.33
CA THR D 249 19.72 -23.58 17.22
C THR D 249 18.96 -22.27 17.28
N ILE D 250 19.54 -21.29 17.99
CA ILE D 250 18.90 -20.01 18.26
C ILE D 250 19.87 -18.90 17.84
N GLY D 251 19.43 -18.05 16.90
CA GLY D 251 20.16 -16.84 16.59
C GLY D 251 19.71 -15.68 17.47
N LEU D 252 20.67 -14.83 17.84
CA LEU D 252 20.38 -13.68 18.68
C LEU D 252 21.03 -12.44 18.10
N GLU D 253 20.26 -11.35 18.07
CA GLU D 253 20.79 -10.05 17.67
C GLU D 253 20.23 -9.01 18.62
N ALA D 254 21.12 -8.34 19.34
CA ALA D 254 20.76 -7.27 20.26
C ALA D 254 21.58 -6.04 19.91
N SER D 255 20.93 -4.88 19.91
CA SER D 255 21.64 -3.64 19.59
C SER D 255 20.81 -2.42 19.93
N TRP D 256 21.44 -1.43 20.58
CA TRP D 256 20.86 -0.10 20.70
C TRP D 256 21.15 0.78 19.50
N ALA D 257 22.23 0.49 18.76
CA ALA D 257 22.64 1.34 17.65
C ALA D 257 23.36 0.45 16.64
N ILE D 258 22.74 0.23 15.49
CA ILE D 258 23.35 -0.50 14.39
C ILE D 258 22.74 0.01 13.09
N ASN D 259 23.56 0.06 12.03
CA ASN D 259 23.10 0.54 10.74
C ASN D 259 22.30 -0.56 10.01
N LEU D 261 18.18 -1.61 8.89
CA LEU D 261 16.92 -0.92 8.64
C LEU D 261 15.79 -1.39 9.54
N ASP D 262 15.83 -2.66 9.98
CA ASP D 262 14.72 -3.29 10.67
C ASP D 262 14.91 -3.19 12.18
N SER D 263 14.15 -2.31 12.82
CA SER D 263 14.17 -2.16 14.27
C SER D 263 13.09 -3.06 14.86
N ARG D 264 13.48 -4.29 15.19
CA ARG D 264 12.59 -5.28 15.78
C ARG D 264 13.15 -5.72 17.13
N GLU D 265 12.30 -5.69 18.15
CA GLU D 265 12.74 -6.04 19.50
C GLU D 265 11.57 -6.66 20.25
N ALA D 266 11.89 -7.36 21.35
CA ALA D 266 10.92 -8.15 22.11
C ALA D 266 10.19 -9.13 21.20
N SER D 267 10.86 -9.57 20.14
CA SER D 267 10.28 -10.38 19.10
C SER D 267 11.06 -11.67 18.95
N THR D 268 10.41 -12.69 18.40
CA THR D 268 11.04 -13.98 18.19
C THR D 268 10.55 -14.60 16.89
N THR D 269 11.31 -15.58 16.42
CA THR D 269 10.99 -16.31 15.19
C THR D 269 11.26 -17.80 15.43
N LEU D 270 10.25 -18.63 15.21
CA LEU D 270 10.34 -20.05 15.48
C LEU D 270 9.96 -20.84 14.23
N CYS D 271 10.84 -21.75 13.82
CA CYS D 271 10.61 -22.63 12.68
C CYS D 271 10.43 -24.05 13.19
N GLY D 272 9.27 -24.65 12.90
CA GLY D 272 8.95 -25.98 13.37
C GLY D 272 8.70 -26.96 12.23
N THR D 273 8.47 -28.22 12.63
CA THR D 273 8.21 -29.27 11.66
C THR D 273 6.86 -29.11 10.98
N GLU D 274 5.86 -28.63 11.72
CA GLU D 274 4.50 -28.54 11.22
C GLU D 274 4.11 -27.14 10.77
N ALA D 275 4.73 -26.11 11.33
CA ALA D 275 4.39 -24.73 11.02
C ALA D 275 5.49 -23.83 11.58
N GLY D 276 5.38 -22.55 11.26
CA GLY D 276 6.29 -21.55 11.79
C GLY D 276 5.51 -20.34 12.29
N ALA D 277 6.26 -19.38 12.82
CA ALA D 277 5.65 -18.18 13.36
C ALA D 277 6.74 -17.18 13.69
N GLU D 278 6.40 -15.89 13.58
CA GLU D 278 7.27 -14.83 14.03
C GLU D 278 6.42 -13.72 14.64
N ILE D 279 6.92 -13.12 15.70
CA ILE D 279 6.28 -12.00 16.36
C ILE D 279 7.02 -10.72 15.96
N HIS D 280 6.27 -9.65 15.76
CA HIS D 280 6.84 -8.36 15.36
C HIS D 280 6.52 -7.32 16.43
N SER D 281 7.57 -6.65 16.91
CA SER D 281 7.43 -5.59 17.90
C SER D 281 8.66 -4.69 17.82
N GLY D 282 8.45 -3.39 18.02
CA GLY D 282 9.55 -2.45 17.92
C GLY D 282 9.19 -1.17 17.21
N SER D 284 9.75 0.01 14.38
CA SER D 284 9.33 -0.12 12.99
C SER D 284 7.97 -0.79 12.87
N TYR D 285 7.24 -0.92 13.98
CA TYR D 285 5.95 -1.59 13.99
C TYR D 285 5.02 -0.82 14.92
N PRO D 286 4.15 0.03 14.36
CA PRO D 286 3.17 0.73 15.21
C PRO D 286 2.17 -0.21 15.87
N LYS D 287 1.96 -1.39 15.30
CA LYS D 287 1.07 -2.40 15.87
C LYS D 287 1.83 -3.70 16.01
N ASN D 288 1.72 -4.33 17.18
CA ASN D 288 2.32 -5.65 17.37
C ASN D 288 1.69 -6.65 16.43
N GLU D 289 2.51 -7.42 15.73
CA GLU D 289 2.03 -8.42 14.78
C GLU D 289 2.47 -9.81 15.20
N LEU D 290 1.64 -10.79 14.84
CA LEU D 290 1.96 -12.20 15.01
C LEU D 290 1.47 -12.93 13.77
N ILE D 291 2.36 -13.68 13.12
CA ILE D 291 2.08 -14.30 11.84
C ILE D 291 2.47 -15.77 11.91
N TYR D 292 1.49 -16.66 11.91
CA TYR D 292 1.75 -18.08 11.70
C TYR D 292 1.88 -18.34 10.20
N ASN D 293 2.76 -19.28 9.84
CA ASN D 293 2.88 -19.73 8.46
C ASN D 293 2.89 -21.25 8.44
N ARG D 294 2.06 -21.82 7.55
CA ARG D 294 1.97 -23.26 7.43
C ARG D 294 1.58 -23.60 6.00
N ALA D 295 1.56 -24.89 5.70
CA ALA D 295 1.07 -25.41 4.43
C ALA D 295 -0.26 -26.10 4.70
N ARG D 296 -1.33 -25.56 4.14
CA ARG D 296 -2.68 -26.06 4.35
C ARG D 296 -3.25 -26.52 3.00
N ASN D 297 -3.46 -27.83 2.86
CA ASN D 297 -4.02 -28.42 1.65
C ASN D 297 -3.19 -28.09 0.42
N ASN D 298 -1.89 -28.39 0.52
CA ASN D 298 -0.91 -28.25 -0.56
C ASN D 298 -0.65 -26.79 -0.95
N GLN D 299 -1.04 -25.83 -0.11
CA GLN D 299 -0.83 -24.42 -0.40
C GLN D 299 -0.19 -23.73 0.79
N LEU D 300 0.74 -22.83 0.51
CA LEU D 300 1.45 -22.09 1.55
C LEU D 300 0.61 -20.89 1.97
N GLU D 302 -0.65 -18.06 5.48
CA GLU D 302 -0.16 -17.27 6.60
C GLU D 302 -1.34 -16.67 7.36
N GLU D 303 -1.35 -16.86 8.67
CA GLU D 303 -2.42 -16.36 9.54
C GLU D 303 -1.89 -15.21 10.38
N THR D 304 -2.56 -14.07 10.33
CA THR D 304 -2.15 -12.87 11.03
C THR D 304 -3.34 -12.27 11.79
N LEU D 305 -3.04 -11.33 12.69
CA LEU D 305 -4.06 -10.68 13.49
C LEU D 305 -4.90 -9.72 12.65
N SER D 306 -6.16 -9.55 13.04
CA SER D 306 -7.17 -8.86 12.25
C SER D 306 -7.55 -7.54 12.91
N SER D 307 -6.86 -6.47 12.53
CA SER D 307 -7.20 -5.08 12.86
C SER D 307 -7.87 -4.85 14.23
N VAL D 308 -9.20 -4.95 14.27
CA VAL D 308 -10.07 -4.55 15.38
C VAL D 308 -10.10 -3.03 15.53
N GLY D 309 -11.32 -2.44 15.58
CA GLY D 309 -11.51 -1.00 15.70
C GLY D 309 -12.62 -0.55 16.66
N SER D 310 -12.94 0.75 16.70
CA SER D 310 -13.90 1.37 17.64
C SER D 310 -15.31 1.55 17.03
N ILE D 311 -16.34 1.53 17.90
CA ILE D 311 -17.78 1.60 17.57
C ILE D 311 -18.50 2.70 18.35
N ALA D 312 -17.95 3.90 18.44
CA ALA D 312 -18.66 4.92 19.23
C ALA D 312 -18.80 4.45 20.69
N TYR D 313 -18.34 3.24 21.01
CA TYR D 313 -18.51 2.70 22.36
C TYR D 313 -17.26 1.97 22.87
N PHE D 314 -16.50 1.36 21.97
CA PHE D 314 -15.36 0.50 22.32
C PHE D 314 -14.52 1.02 23.48
N GLU D 320 -2.72 -2.58 29.81
CA GLU D 320 -1.77 -3.28 28.95
C GLU D 320 -1.10 -4.44 29.67
N GLU D 321 -0.04 -4.98 29.07
CA GLU D 321 0.65 -6.13 29.66
C GLU D 321 1.31 -5.76 30.98
N GLY D 322 1.75 -4.51 31.12
CA GLY D 322 2.50 -4.12 32.30
C GLY D 322 1.71 -4.30 33.58
N THR D 323 0.40 -4.04 33.53
CA THR D 323 -0.45 -4.26 34.68
C THR D 323 -0.84 -5.74 34.82
N VAL D 324 -1.14 -6.40 33.69
CA VAL D 324 -1.52 -7.82 33.72
C VAL D 324 -0.44 -8.64 34.40
N ASP D 325 0.83 -8.30 34.15
CA ASP D 325 1.93 -8.97 34.85
C ASP D 325 1.86 -8.72 36.35
N ASN D 326 1.83 -7.45 36.75
CA ASN D 326 1.89 -7.11 38.17
C ASN D 326 0.79 -7.80 38.96
N ARG D 327 -0.38 -7.99 38.37
CA ARG D 327 -1.50 -8.60 39.09
C ARG D 327 -1.25 -10.08 39.35
N GLN D 328 -0.91 -10.84 38.30
CA GLN D 328 -0.68 -12.27 38.48
C GLN D 328 0.40 -12.55 39.52
N TRP D 329 1.36 -11.63 39.66
CA TRP D 329 2.40 -11.80 40.67
C TRP D 329 1.85 -11.64 42.08
N LEU D 330 0.81 -10.82 42.26
CA LEU D 330 0.24 -10.61 43.59
C LEU D 330 -0.73 -11.73 43.97
N GLU D 331 -1.70 -12.01 43.10
CA GLU D 331 -2.61 -13.14 43.28
C GLU D 331 -1.83 -14.41 43.63
N ALA D 332 -0.63 -14.54 43.07
CA ALA D 332 0.19 -15.72 43.30
C ALA D 332 0.57 -15.85 44.77
N ILE D 333 1.12 -14.79 45.35
CA ILE D 333 1.52 -14.77 46.76
C ILE D 333 0.32 -15.05 47.66
N GLN D 334 -0.84 -14.51 47.31
CA GLN D 334 -2.01 -14.62 48.18
C GLN D 334 -2.50 -16.05 48.26
N ASN D 335 -2.43 -16.78 47.14
CA ASN D 335 -2.88 -18.16 47.09
C ASN D 335 -1.73 -19.15 47.21
N GLY D 336 -0.53 -18.69 47.58
CA GLY D 336 0.62 -19.58 47.67
C GLY D 336 0.91 -20.33 46.39
N THR D 337 0.63 -19.73 45.24
CA THR D 337 0.73 -20.40 43.95
C THR D 337 2.08 -20.09 43.31
N GLU D 338 2.18 -20.31 42.01
CA GLU D 338 3.41 -20.13 41.25
C GLU D 338 3.27 -18.93 40.32
N PRO D 339 4.27 -18.04 40.28
CA PRO D 339 4.25 -16.98 39.28
C PRO D 339 4.73 -17.50 37.93
N LEU D 340 4.31 -16.80 36.88
CA LEU D 340 4.55 -17.28 35.52
C LEU D 340 6.05 -17.30 35.21
N VAL D 341 6.75 -16.21 35.52
CA VAL D 341 8.18 -16.13 35.24
C VAL D 341 8.93 -16.82 36.38
N LYS D 342 9.51 -17.98 36.10
CA LYS D 342 10.17 -18.70 37.16
C LYS D 342 11.67 -18.41 37.16
N PRO D 343 12.26 -18.27 38.35
CA PRO D 343 13.68 -17.87 38.44
C PRO D 343 14.62 -18.76 37.65
N GLU D 344 14.31 -20.04 37.52
CA GLU D 344 15.16 -20.94 36.73
C GLU D 344 15.22 -20.49 35.27
N GLU D 345 14.06 -20.15 34.70
CA GLU D 345 14.02 -19.65 33.33
C GLU D 345 14.87 -18.40 33.20
N ALA D 346 14.69 -17.44 34.10
CA ALA D 346 15.46 -16.20 34.03
C ALA D 346 16.95 -16.45 34.15
N LEU D 347 17.35 -17.41 35.00
CA LEU D 347 18.76 -17.74 35.14
C LEU D 347 19.33 -18.25 33.82
N ALA D 348 18.61 -19.15 33.14
CA ALA D 348 19.06 -19.65 31.85
C ALA D 348 19.27 -18.51 30.86
N VAL D 349 18.41 -17.50 30.89
CA VAL D 349 18.59 -16.33 30.03
C VAL D 349 19.93 -15.66 30.32
N THR D 350 20.21 -15.40 31.60
CA THR D 350 21.39 -14.62 31.95
C THR D 350 22.68 -15.39 31.69
N LYS D 351 22.66 -16.72 31.82
CA LYS D 351 23.87 -17.50 31.53
C LYS D 351 24.20 -17.46 30.04
N ILE D 352 23.19 -17.65 29.20
CA ILE D 352 23.40 -17.65 27.75
C ILE D 352 23.92 -16.28 27.30
N LEU D 353 23.30 -15.21 27.81
CA LEU D 353 23.81 -13.88 27.54
C LEU D 353 25.22 -13.71 28.06
N ASP D 354 25.46 -14.15 29.30
CA ASP D 354 26.81 -14.07 29.85
C ASP D 354 27.78 -14.93 29.06
N ALA D 355 27.30 -16.07 28.54
CA ALA D 355 28.16 -16.91 27.72
C ALA D 355 28.50 -16.25 26.39
N ILE D 356 27.63 -15.35 25.90
CA ILE D 356 27.96 -14.59 24.70
C ILE D 356 29.05 -13.56 25.01
N TYR D 357 28.94 -12.90 26.16
CA TYR D 357 30.05 -12.08 26.64
C TYR D 357 31.30 -12.93 26.81
N LYS D 358 31.14 -14.11 27.40
CA LYS D 358 32.21 -15.12 27.41
C LYS D 358 32.52 -15.55 25.98
N SER D 359 32.84 -14.54 25.18
CA SER D 359 33.33 -14.71 23.80
C SER D 359 34.28 -13.55 23.48
N ALA D 360 34.91 -13.08 24.55
CA ALA D 360 36.09 -12.18 24.57
C ALA D 360 37.33 -13.10 24.60
N LYS D 361 37.10 -14.41 24.81
CA LYS D 361 38.06 -15.52 24.79
C LYS D 361 38.14 -16.10 23.38
N THR D 362 37.35 -15.56 22.45
CA THR D 362 37.29 -15.99 21.02
C THR D 362 37.28 -17.51 20.92
N ASN D 363 36.35 -18.16 21.63
CA ASN D 363 36.23 -19.62 21.57
C ASN D 363 34.84 -19.99 22.07
N THR D 364 34.15 -20.88 21.38
CA THR D 364 32.82 -21.33 21.77
C THR D 364 32.80 -21.76 23.23
N ILE D 365 31.80 -21.27 23.97
CA ILE D 365 31.55 -21.74 25.32
C ILE D 365 30.64 -22.95 25.26
N LYS D 366 31.09 -24.05 25.87
CA LYS D 366 30.31 -25.27 25.99
C LYS D 366 29.88 -25.45 27.43
N PHE D 367 28.74 -26.11 27.61
CA PHE D 367 28.14 -26.25 28.92
C PHE D 367 28.29 -27.67 29.46
N GLY E 1 25.46 33.65 35.67
CA GLY E 1 24.09 33.69 35.11
C GLY E 1 23.87 34.92 34.26
N SER E 3 21.56 37.78 32.77
CA SER E 3 20.29 38.48 33.12
C SER E 3 19.27 38.24 32.02
N LYS E 4 18.04 37.92 32.42
CA LYS E 4 16.99 37.63 31.46
C LYS E 4 16.68 38.84 30.59
N LEU E 5 16.48 38.59 29.29
CA LEU E 5 16.06 39.63 28.37
C LEU E 5 14.64 40.07 28.71
N LYS E 6 14.41 41.37 28.65
CA LYS E 6 13.11 41.94 28.97
C LYS E 6 12.36 42.17 27.64
N ILE E 7 11.37 41.32 27.39
CA ILE E 7 10.63 41.31 26.13
C ILE E 7 9.41 42.19 26.27
N GLY E 8 9.10 42.95 25.22
CA GLY E 8 7.84 43.65 25.14
C GLY E 8 7.05 43.24 23.91
N ILE E 9 5.81 42.79 24.10
CA ILE E 9 4.99 42.30 22.98
C ILE E 9 4.10 43.44 22.50
N ILE E 10 4.11 43.67 21.19
CA ILE E 10 3.21 44.62 20.54
C ILE E 10 2.25 43.82 19.66
N GLY E 11 0.99 43.75 20.06
CA GLY E 11 -0.01 42.99 19.35
C GLY E 11 -0.25 41.63 19.96
N CYS E 12 -1.17 41.56 20.91
CA CYS E 12 -1.44 40.33 21.66
C CYS E 12 -2.56 39.53 20.97
N GLY E 13 -2.31 39.22 19.70
CA GLY E 13 -3.30 38.63 18.82
C GLY E 13 -3.20 37.12 18.74
N GLY E 14 -3.49 36.59 17.56
CA GLY E 14 -3.53 35.13 17.41
C GLY E 14 -2.15 34.52 17.33
N ILE E 15 -1.21 35.19 16.66
CA ILE E 15 0.13 34.63 16.52
C ILE E 15 0.89 34.70 17.84
N ALA E 16 0.58 35.69 18.68
CA ALA E 16 1.24 35.77 19.98
C ALA E 16 0.78 34.63 20.89
N ASN E 17 -0.52 34.31 20.86
CA ASN E 17 -1.07 33.29 21.75
C ASN E 17 -0.81 31.87 21.24
N GLN E 18 -0.47 31.70 19.97
CA GLN E 18 -0.16 30.37 19.45
C GLN E 18 1.34 30.13 19.29
N LYS E 19 2.12 31.17 18.99
CA LYS E 19 3.53 31.02 18.70
C LYS E 19 4.43 31.68 19.73
N HIS E 20 4.20 32.96 20.05
CA HIS E 20 5.17 33.71 20.84
C HIS E 20 5.03 33.43 22.34
N PHE E 21 3.80 33.44 22.86
CA PHE E 21 3.62 33.22 24.29
C PHE E 21 4.06 31.82 24.73
N PRO E 22 3.64 30.72 24.10
CA PRO E 22 4.12 29.41 24.55
C PRO E 22 5.60 29.19 24.30
N ALA E 23 6.16 29.79 23.25
CA ALA E 23 7.60 29.68 23.03
C ALA E 23 8.37 30.37 24.14
N LEU E 24 7.95 31.60 24.50
CA LEU E 24 8.67 32.35 25.52
C LEU E 24 8.56 31.71 26.89
N LYS E 25 7.47 31.00 27.17
CA LYS E 25 7.39 30.24 28.41
C LYS E 25 8.17 28.94 28.34
N ASN E 26 8.38 28.40 27.13
CA ASN E 26 9.24 27.23 26.98
C ASN E 26 10.71 27.59 27.11
N ASN E 27 11.06 28.85 26.86
CA ASN E 27 12.38 29.40 27.16
C ASN E 27 12.28 30.45 28.26
N ALA E 28 11.44 30.19 29.26
CA ALA E 28 11.20 31.14 30.34
C ALA E 28 12.45 31.45 31.15
N ASP E 29 13.51 30.66 31.01
CA ASP E 29 14.76 30.92 31.71
C ASP E 29 15.59 32.03 31.06
N LEU E 30 15.26 32.42 29.82
CA LEU E 30 16.01 33.43 29.09
C LEU E 30 15.26 34.74 28.94
N ASN E 31 14.01 34.83 29.37
CA ASN E 31 13.19 35.99 29.07
C ASN E 31 12.17 36.21 30.18
N GLU E 32 11.55 37.39 30.14
CA GLU E 32 10.34 37.66 30.89
C GLU E 32 9.72 38.93 30.30
N ILE E 33 8.40 38.91 30.11
CA ILE E 33 7.72 40.01 29.43
C ILE E 33 7.39 41.10 30.45
N VAL E 34 7.46 42.35 30.00
CA VAL E 34 7.12 43.50 30.83
C VAL E 34 6.32 44.52 30.04
N PHE E 36 3.31 44.20 27.09
CA PHE E 36 2.02 43.82 26.52
C PHE E 36 1.25 45.04 26.03
N CYS E 37 1.17 45.22 24.71
CA CYS E 37 0.42 46.31 24.12
C CYS E 37 -0.48 45.77 23.03
N ASP E 38 -1.77 46.13 23.11
CA ASP E 38 -2.78 45.70 22.16
C ASP E 38 -3.90 46.71 22.19
N ILE E 39 -4.19 47.36 21.05
CA ILE E 39 -5.20 48.41 21.03
C ILE E 39 -6.53 47.89 21.57
N GLN E 40 -6.86 46.63 21.30
CA GLN E 40 -7.97 45.95 21.96
C GLN E 40 -7.44 45.58 23.35
N ILE E 41 -7.59 46.52 24.28
CA ILE E 41 -6.79 46.52 25.50
C ILE E 41 -7.04 45.29 26.37
N ASP E 42 -8.20 44.64 26.24
CA ASP E 42 -8.45 43.47 27.06
C ASP E 42 -7.65 42.26 26.62
N ARG E 43 -7.09 42.29 25.40
CA ARG E 43 -6.17 41.23 24.99
C ARG E 43 -4.85 41.31 25.72
N ALA E 44 -4.24 42.50 25.72
CA ALA E 44 -3.00 42.70 26.45
C ALA E 44 -3.18 42.48 27.95
N GLU E 45 -4.26 43.01 28.50
CA GLU E 45 -4.53 42.84 29.92
C GLU E 45 -4.69 41.36 30.28
N LYS E 46 -5.33 40.59 29.40
CA LYS E 46 -5.47 39.16 29.64
C LYS E 46 -4.17 38.41 29.35
N ALA E 47 -3.39 38.87 28.37
CA ALA E 47 -2.11 38.26 28.10
C ALA E 47 -1.14 38.48 29.26
N ALA E 48 -1.20 39.66 29.89
CA ALA E 48 -0.32 39.93 31.02
C ALA E 48 -0.65 39.07 32.23
N ALA E 49 -1.92 38.70 32.39
CA ALA E 49 -2.30 37.87 33.53
C ALA E 49 -1.85 36.42 33.36
N GLU E 50 -1.52 36.01 32.13
CA GLU E 50 -1.16 34.62 31.86
C GLU E 50 0.33 34.42 31.68
N PHE E 51 1.02 35.32 30.99
CA PHE E 51 2.45 35.18 30.75
C PHE E 51 3.27 36.35 31.24
N GLY E 52 2.64 37.34 31.88
CA GLY E 52 3.35 38.49 32.38
C GLY E 52 4.10 38.22 33.67
N ALA E 53 4.96 39.18 34.04
CA ALA E 53 5.82 39.05 35.21
C ALA E 53 5.58 40.25 36.13
N GLU E 54 4.83 40.03 37.19
CA GLU E 54 4.57 41.00 38.25
C GLU E 54 4.00 42.27 37.62
N GLY E 55 4.34 43.43 38.18
CA GLY E 55 3.97 44.69 37.59
C GLY E 55 4.37 44.78 36.13
N ALA E 56 3.50 44.31 35.25
CA ALA E 56 3.71 44.36 33.81
C ALA E 56 3.00 45.57 33.23
N GLN E 57 3.56 46.12 32.14
CA GLN E 57 3.03 47.32 31.52
C GLN E 57 1.97 46.92 30.49
N VAL E 58 0.71 47.22 30.79
CA VAL E 58 -0.40 46.94 29.89
C VAL E 58 -0.96 48.28 29.43
N THR E 59 -0.66 48.65 28.20
CA THR E 59 -1.22 49.86 27.59
C THR E 59 -1.63 49.55 26.16
N ALA E 60 -2.41 50.46 25.58
CA ALA E 60 -2.96 50.27 24.24
C ALA E 60 -2.22 51.07 23.17
N ASP E 61 -1.36 52.00 23.55
CA ASP E 61 -0.54 52.74 22.60
C ASP E 61 0.86 52.12 22.60
N TYR E 62 1.30 51.65 21.44
CA TYR E 62 2.60 51.02 21.35
C TYR E 62 3.71 52.02 21.65
N LYS E 63 3.54 53.27 21.23
CA LYS E 63 4.56 54.29 21.44
C LYS E 63 4.83 54.54 22.91
N GLU E 64 3.93 54.10 23.80
CA GLU E 64 4.21 54.16 25.24
C GLU E 64 5.13 53.02 25.67
N LEU E 65 4.83 51.79 25.27
CA LEU E 65 5.69 50.66 25.58
C LEU E 65 7.12 50.93 25.16
N LEU E 66 7.30 51.49 23.97
CA LEU E 66 8.64 51.79 23.48
C LEU E 66 9.33 52.81 24.39
N ALA E 67 8.58 53.71 25.00
CA ALA E 67 9.11 54.62 26.01
C ALA E 67 9.31 53.96 27.37
N ASN E 68 9.13 52.65 27.46
CA ASN E 68 9.51 51.92 28.67
C ASN E 68 11.00 51.64 28.63
N PRO E 69 11.79 52.18 29.56
CA PRO E 69 13.23 51.85 29.57
C PRO E 69 13.49 50.40 29.94
N GLU E 70 12.53 49.72 30.54
CA GLU E 70 12.70 48.35 31.00
C GLU E 70 12.51 47.30 29.91
N VAL E 71 12.23 47.70 28.67
CA VAL E 71 12.09 46.73 27.58
C VAL E 71 13.28 46.90 26.64
N GLU E 72 13.77 45.78 26.12
CA GLU E 72 14.94 45.76 25.24
C GLU E 72 14.76 44.90 23.99
N VAL E 73 13.88 43.91 24.01
CA VAL E 73 13.53 43.15 22.81
C VAL E 73 12.03 43.25 22.62
N VAL E 74 11.62 43.64 21.43
CA VAL E 74 10.21 43.83 21.10
C VAL E 74 9.86 42.88 19.96
N HIS E 75 8.84 42.06 20.19
CA HIS E 75 8.23 41.28 19.13
C HIS E 75 7.03 42.07 18.60
N VAL E 76 6.97 42.24 17.28
CA VAL E 76 5.90 42.99 16.63
C VAL E 76 4.98 41.98 15.96
N CYS E 77 3.78 41.80 16.54
CA CYS E 77 2.84 40.77 16.10
C CYS E 77 1.48 41.39 15.73
N THR E 78 1.49 42.63 15.27
CA THR E 78 0.33 43.33 14.72
C THR E 78 0.14 42.81 13.30
N PRO E 79 -0.81 43.32 12.51
CA PRO E 79 -0.86 42.96 11.09
C PRO E 79 0.21 43.65 10.26
N ASN E 80 0.29 43.23 8.99
CA ASN E 80 1.36 43.69 8.09
C ASN E 80 1.33 45.20 7.88
N VAL E 81 0.13 45.79 7.84
CA VAL E 81 0.03 47.22 7.57
C VAL E 81 0.78 48.05 8.60
N SER E 82 0.94 47.54 9.82
CA SER E 82 1.69 48.22 10.85
C SER E 82 3.04 47.59 11.14
N HIS E 83 3.37 46.47 10.50
CA HIS E 83 4.66 45.82 10.67
C HIS E 83 5.82 46.81 10.53
N SER E 84 5.62 47.93 9.82
CA SER E 84 6.71 48.87 9.52
C SER E 84 6.82 49.98 10.57
N GLU E 85 5.81 50.86 10.65
CA GLU E 85 5.91 52.04 11.50
C GLU E 85 6.07 51.66 12.97
N ILE E 86 5.43 50.58 13.41
CA ILE E 86 5.67 50.09 14.76
C ILE E 86 7.05 49.48 14.93
N THR E 87 7.79 49.33 13.84
CA THR E 87 9.14 48.77 13.84
C THR E 87 10.19 49.77 13.38
N ILE E 88 9.89 50.58 12.36
CA ILE E 88 10.82 51.62 11.92
C ILE E 88 10.69 52.85 12.83
N ALA E 89 11.63 53.77 12.66
CA ALA E 89 11.70 54.99 13.48
C ALA E 89 11.65 54.64 14.96
N ALA E 90 10.48 54.21 15.43
CA ALA E 90 10.35 53.60 16.74
C ALA E 90 10.96 52.20 16.72
N PHE E 91 10.81 51.47 17.82
CA PHE E 91 11.37 50.13 17.98
C PHE E 91 12.87 50.16 17.72
N GLU E 92 13.28 50.34 16.46
CA GLU E 92 14.65 50.70 16.15
C GLU E 92 14.92 52.11 16.66
N ALA E 93 14.70 52.29 17.95
CA ALA E 93 14.97 53.52 18.68
C ALA E 93 15.29 53.12 20.11
N GLY E 94 16.16 52.12 20.25
CA GLY E 94 16.56 51.60 21.54
C GLY E 94 16.51 50.08 21.64
N LYS E 95 15.62 49.43 20.89
CA LYS E 95 15.29 48.04 21.11
C LYS E 95 15.73 47.15 19.94
N HIS E 96 15.97 45.88 20.27
CA HIS E 96 15.94 44.81 19.27
C HIS E 96 14.49 44.52 18.91
N VAL E 97 14.26 44.10 17.67
CA VAL E 97 12.89 43.87 17.21
C VAL E 97 12.81 42.53 16.46
N TYR E 98 11.79 41.74 16.80
CA TYR E 98 11.41 40.53 16.08
C TYR E 98 10.08 40.84 15.42
N CYS E 99 10.11 41.12 14.12
CA CYS E 99 8.89 41.36 13.36
C CYS E 99 8.36 40.05 12.80
N GLU E 100 7.04 39.94 12.72
CA GLU E 100 6.41 38.66 12.38
C GLU E 100 6.46 38.44 10.87
N LYS E 101 5.80 37.35 10.43
CA LYS E 101 6.03 36.58 9.21
C LYS E 101 6.47 37.42 8.00
N PRO E 102 5.62 38.22 7.36
CA PRO E 102 6.12 39.02 6.25
C PRO E 102 6.65 40.34 6.77
N SER E 104 6.90 43.35 5.19
CA SER E 104 5.77 44.22 4.91
C SER E 104 5.11 43.76 3.62
N HIS E 105 3.87 44.20 3.44
CA HIS E 105 3.23 44.08 2.12
C HIS E 105 3.92 44.99 1.12
N SER E 106 4.34 46.17 1.55
CA SER E 106 5.03 47.11 0.69
C SER E 106 6.51 46.77 0.60
N THR E 107 7.07 46.93 -0.61
CA THR E 107 8.50 46.72 -0.80
C THR E 107 9.30 47.85 -0.14
N GLU E 108 8.90 49.10 -0.38
CA GLU E 108 9.67 50.23 0.12
C GLU E 108 9.48 50.43 1.62
N GLU E 109 8.31 50.08 2.16
CA GLU E 109 8.16 49.98 3.61
C GLU E 109 9.20 49.02 4.18
N ALA E 110 9.50 47.95 3.45
CA ALA E 110 10.47 46.95 3.91
C ALA E 110 11.91 47.44 3.75
N GLU E 111 12.22 48.08 2.61
CA GLU E 111 13.57 48.58 2.41
C GLU E 111 13.95 49.66 3.40
N LYS E 112 12.99 50.29 4.07
CA LYS E 112 13.27 51.36 5.01
C LYS E 112 13.37 50.88 6.46
N VAL E 114 14.92 48.00 7.09
CA VAL E 114 16.33 47.59 7.05
C VAL E 114 17.23 48.78 7.33
N GLU E 115 16.94 49.93 6.71
CA GLU E 115 17.74 51.13 6.93
C GLU E 115 17.62 51.63 8.35
N ALA E 116 16.42 51.50 8.95
CA ALA E 116 16.26 51.86 10.35
C ALA E 116 16.92 50.83 11.26
N TRP E 117 17.14 49.61 10.78
CA TRP E 117 17.81 48.59 11.58
C TRP E 117 19.33 48.69 11.49
N LYS E 118 19.85 49.08 10.32
CA LYS E 118 21.29 49.26 10.20
C LYS E 118 21.74 50.53 10.91
N LYS E 119 20.93 51.58 10.84
CA LYS E 119 21.21 52.81 11.57
C LYS E 119 20.80 52.65 13.03
N SER E 120 20.87 51.42 13.54
CA SER E 120 20.36 51.12 14.87
C SER E 120 21.38 50.46 15.76
N GLY E 121 22.21 49.60 15.18
CA GLY E 121 23.10 48.77 15.99
C GLY E 121 22.41 47.68 16.76
N LYS E 122 21.11 47.46 16.55
CA LYS E 122 20.36 46.45 17.27
C LYS E 122 20.14 45.22 16.39
N GLN E 123 19.58 44.17 16.99
CA GLN E 123 19.32 42.93 16.28
C GLN E 123 17.92 42.94 15.66
N PHE E 124 17.74 42.04 14.70
CA PHE E 124 16.55 42.06 13.84
C PHE E 124 16.37 40.68 13.23
N THR E 125 15.17 40.11 13.38
CA THR E 125 14.86 38.86 12.70
C THR E 125 13.36 38.80 12.43
N ILE E 126 13.00 37.99 11.45
CA ILE E 126 11.62 37.88 10.96
C ILE E 126 11.14 36.46 11.16
N GLY E 127 9.88 36.31 11.56
CA GLY E 127 9.33 35.04 11.98
C GLY E 127 9.10 34.02 10.88
N TYR E 128 10.12 33.75 10.08
CA TYR E 128 10.08 32.65 9.11
C TYR E 128 10.50 31.35 9.81
N GLN E 129 9.65 30.90 10.74
CA GLN E 129 10.03 29.87 11.71
C GLN E 129 10.09 28.47 11.10
N ASN E 130 9.59 28.26 9.89
CA ASN E 130 9.61 26.92 9.32
C ASN E 130 10.98 26.54 8.76
N ARG E 131 11.94 27.46 8.79
CA ARG E 131 13.33 27.10 8.53
C ARG E 131 13.86 26.13 9.56
N PHE E 132 13.19 25.99 10.71
CA PHE E 132 13.69 25.22 11.83
C PHE E 132 13.07 23.83 11.92
N ARG E 133 12.28 23.43 10.94
CA ARG E 133 11.86 22.03 10.87
C ARG E 133 13.05 21.17 10.48
N GLU E 134 13.20 20.03 11.18
CA GLU E 134 14.42 19.24 11.05
C GLU E 134 14.70 18.84 9.61
N GLU E 135 13.65 18.50 8.86
CA GLU E 135 13.86 18.11 7.48
C GLU E 135 14.20 19.30 6.58
N VAL E 136 13.80 20.51 6.98
CA VAL E 136 14.08 21.68 6.15
C VAL E 136 15.56 22.07 6.27
N ASN E 138 17.96 19.84 7.21
CA ASN E 138 18.59 18.71 6.53
C ASN E 138 18.84 19.06 5.07
N LEU E 139 17.81 19.51 4.38
CA LEU E 139 17.97 19.96 3.00
C LEU E 139 18.89 21.17 2.93
N LYS E 140 18.72 22.13 3.86
CA LYS E 140 19.57 23.31 3.89
C LYS E 140 21.03 22.94 4.09
N LYS E 141 21.30 21.97 4.97
CA LYS E 141 22.68 21.57 5.20
C LYS E 141 23.28 20.87 3.99
N SER E 142 22.47 20.10 3.24
CA SER E 142 23.02 19.31 2.13
C SER E 142 23.40 20.18 0.94
N CYS E 143 22.66 21.26 0.70
CA CYS E 143 22.99 22.20 -0.38
C CYS E 143 24.19 23.08 0.00
N ASP E 144 24.23 23.55 1.26
CA ASP E 144 25.41 24.25 1.76
C ASP E 144 26.68 23.46 1.48
N LYS E 145 26.61 22.13 1.68
CA LYS E 145 27.72 21.24 1.34
C LYS E 145 27.79 20.95 -0.15
N GLY E 146 26.91 21.55 -0.96
CA GLY E 146 26.96 21.34 -2.40
C GLY E 146 26.60 19.95 -2.86
N GLU E 147 25.92 19.16 -2.03
CA GLU E 147 25.65 17.76 -2.37
C GLU E 147 24.54 17.62 -3.40
N LEU E 148 23.84 18.70 -3.74
CA LEU E 148 22.96 18.71 -4.90
C LEU E 148 23.62 19.33 -6.12
N GLY E 149 24.77 19.98 -5.95
CA GLY E 149 25.37 20.76 -7.00
C GLY E 149 24.78 22.15 -7.05
N GLU E 150 24.88 22.76 -8.23
CA GLU E 150 24.28 24.07 -8.45
C GLU E 150 22.81 23.88 -8.81
N ILE E 151 21.93 24.51 -8.05
CA ILE E 151 20.49 24.36 -8.20
C ILE E 151 20.02 25.34 -9.26
N TYR E 152 19.67 24.83 -10.45
CA TYR E 152 19.29 25.67 -11.56
C TYR E 152 17.79 25.75 -11.79
N TYR E 153 16.99 24.93 -11.10
CA TYR E 153 15.55 25.03 -11.21
C TYR E 153 14.92 24.64 -9.89
N GLY E 154 14.05 25.51 -9.36
CA GLY E 154 13.37 25.26 -8.12
C GLY E 154 11.89 25.57 -8.24
N LYS E 155 11.13 25.06 -7.26
CA LYS E 155 9.69 25.27 -7.22
C LYS E 155 9.27 25.56 -5.79
N ALA E 156 8.43 26.57 -5.62
CA ALA E 156 7.91 26.95 -4.31
C ALA E 156 6.44 26.59 -4.24
N HIS E 157 6.08 25.77 -3.26
CA HIS E 157 4.75 25.18 -3.15
C HIS E 157 4.02 25.82 -1.96
N ALA E 158 2.89 26.46 -2.23
CA ALA E 158 2.06 27.04 -1.18
C ALA E 158 0.59 26.87 -1.54
N VAL E 159 0.21 25.66 -1.91
CA VAL E 159 -1.11 25.38 -2.46
C VAL E 159 -2.00 24.76 -1.39
N ARG E 160 -3.23 25.26 -1.29
CA ARG E 160 -4.29 24.63 -0.54
C ARG E 160 -5.46 24.37 -1.48
N ARG E 161 -6.03 23.17 -1.40
CA ARG E 161 -7.17 22.85 -2.26
C ARG E 161 -8.38 23.69 -1.88
N ARG E 162 -8.80 23.63 -0.61
CA ARG E 162 -9.84 24.52 -0.10
C ARG E 162 -9.63 24.65 1.40
N ALA E 163 -8.87 25.67 1.79
CA ALA E 163 -8.63 25.97 3.19
C ALA E 163 -8.41 27.48 3.33
N VAL E 164 -9.41 28.26 2.92
CA VAL E 164 -9.39 29.70 3.13
C VAL E 164 -9.53 29.95 4.62
N PRO E 165 -8.53 30.57 5.27
CA PRO E 165 -8.64 30.82 6.72
C PRO E 165 -9.81 31.74 7.05
N THR E 166 -10.84 31.17 7.68
CA THR E 166 -12.09 31.88 7.93
C THR E 166 -12.09 32.66 9.24
N TRP E 167 -10.94 32.78 9.90
CA TRP E 167 -10.85 33.48 11.17
C TRP E 167 -9.76 34.55 11.08
N GLY E 168 -9.62 35.31 12.16
CA GLY E 168 -8.49 36.20 12.30
C GLY E 168 -8.46 37.32 11.28
N VAL E 169 -7.27 37.59 10.75
CA VAL E 169 -7.00 38.79 9.98
C VAL E 169 -6.73 38.50 8.51
N PHE E 170 -6.64 37.23 8.11
CA PHE E 170 -6.07 36.89 6.81
C PHE E 170 -6.94 37.35 5.65
N ASP E 172 -8.74 40.04 5.51
CA ASP E 172 -8.83 41.50 5.51
C ASP E 172 -7.67 42.06 4.70
N LYS E 173 -7.94 42.44 3.45
CA LYS E 173 -6.89 42.99 2.60
C LYS E 173 -6.31 44.29 3.16
N GLU E 174 -7.08 44.98 4.00
CA GLU E 174 -6.61 46.23 4.58
C GLU E 174 -5.38 46.01 5.45
N ALA E 175 -5.39 44.95 6.25
CA ALA E 175 -4.35 44.69 7.23
C ALA E 175 -3.27 43.75 6.72
N GLN E 176 -3.46 43.13 5.55
CA GLN E 176 -2.47 42.24 4.98
C GLN E 176 -1.96 42.65 3.62
N GLY E 177 -2.81 43.24 2.78
CA GLY E 177 -2.39 43.66 1.45
C GLY E 177 -2.39 42.57 0.41
N GLY E 178 -2.94 41.40 0.73
CA GLY E 178 -2.98 40.30 -0.22
C GLY E 178 -3.47 39.04 0.45
N GLY E 179 -3.75 38.06 -0.39
CA GLY E 179 -4.31 36.80 0.08
C GLY E 179 -3.27 35.73 0.30
N PRO E 180 -3.47 34.57 -0.31
CA PRO E 180 -2.56 33.43 -0.07
C PRO E 180 -1.16 33.66 -0.61
N LEU E 181 -0.96 34.57 -1.56
CA LEU E 181 0.38 34.80 -2.10
C LEU E 181 1.32 35.36 -1.04
N ILE E 182 0.81 36.17 -0.12
CA ILE E 182 1.62 36.71 0.97
C ILE E 182 1.25 36.09 2.32
N ASP E 183 0.26 35.20 2.36
CA ASP E 183 -0.07 34.51 3.61
C ASP E 183 0.74 33.24 3.78
N ILE E 184 0.88 32.45 2.72
CA ILE E 184 1.67 31.22 2.78
C ILE E 184 2.70 31.12 1.67
N GLY E 185 2.56 31.85 0.55
CA GLY E 185 3.60 31.84 -0.46
C GLY E 185 4.91 32.41 0.05
N THR E 186 4.84 33.27 1.07
CA THR E 186 6.04 33.75 1.76
C THR E 186 6.88 32.60 2.29
N HIS E 187 6.25 31.73 3.09
CA HIS E 187 6.95 30.59 3.67
C HIS E 187 7.65 29.75 2.61
N ALA E 188 6.90 29.38 1.56
CA ALA E 188 7.44 28.49 0.53
C ALA E 188 8.62 29.14 -0.19
N LEU E 189 8.51 30.43 -0.52
CA LEU E 189 9.58 31.07 -1.28
C LEU E 189 10.81 31.30 -0.41
N ASP E 190 10.61 31.61 0.87
CA ASP E 190 11.72 31.78 1.80
C ASP E 190 12.60 30.54 1.82
N ILE E 191 11.99 29.36 1.98
CA ILE E 191 12.75 28.12 2.02
C ILE E 191 13.49 27.90 0.70
N THR E 192 12.78 28.09 -0.41
CA THR E 192 13.35 27.84 -1.73
C THR E 192 14.61 28.68 -1.97
N LEU E 193 14.50 30.01 -1.82
CA LEU E 193 15.66 30.88 -1.96
C LEU E 193 16.77 30.52 -0.98
N TRP E 194 16.39 30.12 0.24
CA TRP E 194 17.37 29.93 1.30
C TRP E 194 18.29 28.76 1.01
N CYS E 195 17.75 27.67 0.45
CA CYS E 195 18.54 26.49 0.13
C CYS E 195 19.39 26.69 -1.12
N ASN E 197 20.42 29.39 -1.99
CA ASN E 197 21.29 30.51 -1.63
C ASN E 197 21.47 31.44 -2.82
N ASN E 198 20.33 31.84 -3.40
CA ASN E 198 20.30 32.78 -4.52
C ASN E 198 19.24 33.83 -4.21
N TYR E 199 19.69 35.04 -3.88
CA TYR E 199 18.81 36.17 -3.63
C TYR E 199 19.04 37.28 -4.64
N ASP E 200 19.38 36.91 -5.88
CA ASP E 200 19.73 37.85 -6.94
C ASP E 200 18.70 37.68 -8.07
N VAL E 201 17.67 38.52 -8.05
CA VAL E 201 16.58 38.43 -9.02
C VAL E 201 16.97 39.16 -10.31
N ASP E 202 16.40 38.71 -11.42
CA ASP E 202 16.51 39.39 -12.70
C ASP E 202 15.18 39.56 -13.42
N SER E 203 14.16 38.78 -13.07
CA SER E 203 12.87 38.83 -13.74
C SER E 203 11.82 38.20 -12.85
N VAL E 204 10.58 38.71 -12.97
CA VAL E 204 9.44 38.16 -12.26
C VAL E 204 8.21 38.27 -13.17
N THR E 205 7.57 37.15 -13.45
CA THR E 205 6.33 37.12 -14.20
C THR E 205 5.30 36.31 -13.42
N GLY E 206 4.14 36.92 -13.16
CA GLY E 206 3.12 36.26 -12.37
C GLY E 206 1.73 36.54 -12.91
N SER E 207 0.78 35.75 -12.41
CA SER E 207 -0.63 35.93 -12.69
C SER E 207 -1.42 35.68 -11.42
N VAL E 208 -2.48 36.46 -11.22
CA VAL E 208 -3.28 36.42 -10.01
C VAL E 208 -4.72 36.14 -10.41
N PHE E 209 -5.36 35.21 -9.72
CA PHE E 209 -6.66 34.71 -10.12
C PHE E 209 -7.71 35.06 -9.09
N TYR E 210 -8.83 35.61 -9.54
CA TYR E 210 -9.98 35.94 -8.71
C TYR E 210 -11.17 35.14 -9.24
N LYS E 211 -11.19 33.85 -8.91
CA LYS E 211 -12.16 32.93 -9.51
C LYS E 211 -13.07 32.32 -8.45
N LEU E 212 -12.58 31.41 -7.62
CA LEU E 212 -13.42 30.77 -6.62
C LEU E 212 -13.77 31.68 -5.46
N GLY E 213 -13.05 32.80 -5.31
CA GLY E 213 -13.19 33.61 -4.11
C GLY E 213 -14.49 34.37 -4.01
N GLN E 214 -15.05 34.79 -5.14
CA GLN E 214 -16.33 35.47 -5.12
C GLN E 214 -17.41 34.63 -5.81
N LYS E 215 -17.10 33.38 -6.13
CA LYS E 215 -18.07 32.45 -6.68
C LYS E 215 -18.95 31.90 -5.57
N GLU E 216 -20.23 31.72 -5.88
CA GLU E 216 -21.22 31.40 -4.85
C GLU E 216 -20.96 30.03 -4.22
N ASN E 217 -20.53 29.05 -5.02
CA ASN E 217 -20.27 27.71 -4.52
C ASN E 217 -18.81 27.48 -4.14
N GLY E 218 -17.94 28.46 -4.37
CA GLY E 218 -16.56 28.40 -3.94
C GLY E 218 -16.34 27.90 -2.53
N PRO E 219 -17.08 28.43 -1.55
CA PRO E 219 -16.91 27.98 -0.16
C PRO E 219 -17.27 26.52 0.09
N GLU E 220 -17.87 25.82 -0.88
CA GLU E 220 -18.25 24.44 -0.66
C GLU E 220 -17.02 23.58 -0.37
N GLY E 221 -17.09 22.80 0.72
CA GLY E 221 -16.00 21.92 1.07
C GLY E 221 -14.80 22.58 1.69
N ASN E 222 -14.91 23.85 2.11
CA ASN E 222 -13.78 24.53 2.71
C ASN E 222 -13.46 23.92 4.07
N LEU E 223 -12.16 23.67 4.31
CA LEU E 223 -11.76 22.93 5.50
C LEU E 223 -12.15 23.67 6.77
N PHE E 224 -12.02 25.00 6.77
CA PHE E 224 -12.27 25.80 7.95
C PHE E 224 -13.71 26.27 8.05
N GLY E 225 -14.57 25.90 7.11
CA GLY E 225 -15.94 26.33 7.10
C GLY E 225 -16.21 27.36 6.02
N PRO E 226 -17.43 27.85 5.95
CA PRO E 226 -17.78 28.78 4.87
C PRO E 226 -17.25 30.18 5.09
N TRP E 227 -17.16 30.90 3.97
CA TRP E 227 -16.86 32.32 3.93
C TRP E 227 -17.84 32.94 2.95
N ASP E 228 -18.09 34.24 3.09
CA ASP E 228 -19.06 34.87 2.20
C ASP E 228 -18.37 35.39 0.98
N PRO E 229 -18.66 34.82 -0.23
CA PRO E 229 -17.99 35.27 -1.45
C PRO E 229 -18.25 36.72 -1.81
N LYS E 230 -19.28 37.35 -1.25
CA LYS E 230 -19.57 38.73 -1.59
C LYS E 230 -18.58 39.69 -0.93
N THR E 231 -17.99 39.31 0.20
CA THR E 231 -17.03 40.14 0.90
C THR E 231 -15.59 39.80 0.57
N PHE E 232 -15.33 38.71 -0.14
CA PHE E 232 -13.98 38.26 -0.42
C PHE E 232 -13.23 39.32 -1.23
N GLU E 233 -12.18 39.87 -0.64
CA GLU E 233 -11.44 41.00 -1.22
C GLU E 233 -10.17 40.59 -1.95
N VAL E 234 -9.63 39.40 -1.67
CA VAL E 234 -8.30 39.03 -2.13
C VAL E 234 -8.42 37.89 -3.14
N GLU E 235 -7.28 37.56 -3.73
CA GLU E 235 -7.21 36.47 -4.70
C GLU E 235 -7.38 35.12 -4.00
N ASP E 236 -7.65 34.09 -4.80
CA ASP E 236 -7.64 32.72 -4.29
C ASP E 236 -6.45 31.91 -4.74
N SER E 237 -5.70 32.36 -5.74
CA SER E 237 -4.47 31.69 -6.14
C SER E 237 -3.63 32.66 -6.97
N ALA E 238 -2.39 32.25 -7.22
CA ALA E 238 -1.44 32.99 -8.05
C ALA E 238 -0.28 32.07 -8.38
N VAL E 239 0.34 32.31 -9.52
CA VAL E 239 1.51 31.56 -9.96
C VAL E 239 2.56 32.53 -10.46
N GLY E 240 3.83 32.24 -10.18
CA GLY E 240 4.91 33.12 -10.55
C GLY E 240 6.01 32.38 -11.28
N PHE E 241 6.83 33.16 -12.00
CA PHE E 241 7.95 32.64 -12.80
C PHE E 241 9.12 33.59 -12.59
N VAL E 242 9.99 33.25 -11.66
CA VAL E 242 11.07 34.13 -11.20
C VAL E 242 12.38 33.61 -11.76
N LYS E 243 12.99 34.39 -12.66
CA LYS E 243 14.33 34.09 -13.15
C LYS E 243 15.36 34.84 -12.30
N LYS E 245 19.81 35.79 -11.87
CA LYS E 245 20.86 36.25 -12.78
C LYS E 245 21.82 35.14 -13.16
N ASN E 246 22.11 34.21 -12.25
CA ASN E 246 23.01 33.10 -12.58
C ASN E 246 22.37 32.16 -13.59
N GLY E 247 21.12 32.44 -13.97
CA GLY E 247 20.39 31.65 -14.94
C GLY E 247 19.29 30.79 -14.36
N ALA E 248 19.26 30.61 -13.04
CA ALA E 248 18.31 29.71 -12.41
C ALA E 248 16.88 30.21 -12.64
N THR E 249 15.93 29.31 -12.37
CA THR E 249 14.50 29.59 -12.54
C THR E 249 13.74 29.04 -11.35
N ILE E 250 12.72 29.77 -10.91
CA ILE E 250 11.89 29.38 -9.79
C ILE E 250 10.42 29.60 -10.17
N GLY E 251 9.68 28.51 -10.31
CA GLY E 251 8.24 28.58 -10.38
C GLY E 251 7.63 28.56 -8.99
N LEU E 252 6.49 29.25 -8.84
CA LEU E 252 5.82 29.31 -7.55
C LEU E 252 4.33 29.09 -7.74
N GLU E 253 3.73 28.34 -6.82
CA GLU E 253 2.30 28.11 -6.78
C GLU E 253 1.79 28.44 -5.39
N ALA E 254 0.73 29.25 -5.31
CA ALA E 254 0.15 29.64 -4.04
C ALA E 254 -1.36 29.74 -4.19
N SER E 255 -2.09 29.34 -3.16
CA SER E 255 -3.54 29.34 -3.23
C SER E 255 -4.12 29.00 -1.86
N TRP E 256 -5.26 29.62 -1.55
CA TRP E 256 -6.14 29.11 -0.51
C TRP E 256 -7.18 28.14 -1.07
N ALA E 257 -7.59 28.36 -2.32
CA ALA E 257 -8.62 27.55 -2.94
C ALA E 257 -8.31 27.41 -4.42
N ILE E 258 -8.05 26.18 -4.86
CA ILE E 258 -7.85 25.86 -6.27
C ILE E 258 -8.21 24.41 -6.47
N ASN E 259 -8.70 24.08 -7.66
CA ASN E 259 -9.18 22.73 -7.95
C ASN E 259 -8.05 21.83 -8.45
N LEU E 261 -5.43 18.52 -6.81
CA LEU E 261 -5.55 17.41 -5.88
C LEU E 261 -4.55 17.48 -4.74
N ASP E 262 -3.40 18.12 -4.93
CA ASP E 262 -2.28 18.05 -3.98
C ASP E 262 -2.21 19.34 -3.17
N SER E 263 -2.62 19.26 -1.89
CA SER E 263 -2.51 20.39 -0.98
C SER E 263 -1.12 20.37 -0.36
N ARG E 264 -0.18 21.01 -1.04
CA ARG E 264 1.23 21.05 -0.62
C ARG E 264 1.62 22.50 -0.35
N GLU E 265 2.00 22.79 0.89
CA GLU E 265 2.40 24.14 1.28
C GLU E 265 3.61 24.06 2.20
N ALA E 266 4.34 25.18 2.28
CA ALA E 266 5.58 25.28 3.05
C ALA E 266 6.60 24.24 2.59
N SER E 267 6.61 23.96 1.29
CA SER E 267 7.44 22.91 0.72
C SER E 267 8.22 23.46 -0.48
N THR E 268 9.22 22.70 -0.91
CA THR E 268 10.09 23.15 -1.99
C THR E 268 10.58 21.95 -2.79
N THR E 269 11.01 22.23 -4.01
CA THR E 269 11.56 21.22 -4.92
C THR E 269 12.77 21.82 -5.62
N LEU E 270 13.89 21.10 -5.59
CA LEU E 270 15.15 21.60 -6.13
C LEU E 270 15.78 20.54 -7.02
N CYS E 271 16.21 20.95 -8.20
CA CYS E 271 16.92 20.09 -9.14
C CYS E 271 18.31 20.69 -9.39
N GLY E 272 19.35 19.97 -8.96
CA GLY E 272 20.71 20.44 -9.08
C GLY E 272 21.52 19.64 -10.08
N THR E 273 22.70 20.18 -10.39
CA THR E 273 23.59 19.54 -11.37
C THR E 273 24.02 18.15 -10.94
N GLU E 274 23.99 17.84 -9.65
CA GLU E 274 24.45 16.55 -9.14
C GLU E 274 23.36 15.71 -8.50
N ALA E 275 22.31 16.33 -7.95
CA ALA E 275 21.22 15.60 -7.32
C ALA E 275 20.02 16.53 -7.20
N GLY E 276 18.90 15.97 -6.71
CA GLY E 276 17.71 16.76 -6.49
C GLY E 276 17.09 16.44 -5.16
N ALA E 277 16.10 17.23 -4.78
CA ALA E 277 15.38 17.00 -3.53
C ALA E 277 14.06 17.74 -3.55
N GLU E 278 13.12 17.25 -2.75
CA GLU E 278 11.87 17.95 -2.53
C GLU E 278 11.38 17.65 -1.12
N ILE E 279 10.62 18.60 -0.57
CA ILE E 279 10.03 18.46 0.74
C ILE E 279 8.51 18.47 0.57
N HIS E 280 7.82 17.75 1.46
CA HIS E 280 6.37 17.62 1.41
C HIS E 280 5.79 18.07 2.73
N SER E 281 4.87 19.03 2.67
CA SER E 281 4.16 19.50 3.85
C SER E 281 2.84 20.09 3.38
N GLY E 282 1.85 20.09 4.26
CA GLY E 282 0.55 20.63 3.94
C GLY E 282 -0.55 19.69 4.34
N SER E 284 -2.37 17.66 2.71
CA SER E 284 -2.36 16.34 2.11
C SER E 284 -1.17 15.51 2.59
N TYR E 285 -0.58 15.88 3.72
CA TYR E 285 0.61 15.21 4.24
C TYR E 285 0.51 15.12 5.76
N PRO E 286 0.12 13.97 6.30
CA PRO E 286 0.02 13.84 7.76
C PRO E 286 1.37 13.94 8.46
N LYS E 287 2.45 13.61 7.78
CA LYS E 287 3.80 13.73 8.33
C LYS E 287 4.71 14.28 7.25
N ASN E 288 5.56 15.24 7.61
CA ASN E 288 6.42 15.90 6.64
C ASN E 288 7.38 14.90 6.00
N GLU E 289 7.65 15.09 4.72
CA GLU E 289 8.50 14.20 3.95
C GLU E 289 9.66 14.97 3.34
N LEU E 290 10.75 14.26 3.08
CA LEU E 290 11.93 14.82 2.43
C LEU E 290 12.56 13.73 1.59
N ILE E 291 12.72 13.97 0.29
CA ILE E 291 13.17 12.96 -0.65
C ILE E 291 14.32 13.51 -1.47
N TYR E 292 15.53 13.03 -1.23
CA TYR E 292 16.63 13.27 -2.15
C TYR E 292 16.54 12.27 -3.30
N ASN E 293 17.02 12.68 -4.46
CA ASN E 293 17.03 11.80 -5.63
C ASN E 293 18.31 12.04 -6.41
N ARG E 294 18.95 10.96 -6.83
CA ARG E 294 20.24 11.04 -7.51
C ARG E 294 20.48 9.71 -8.25
N ALA E 295 21.55 9.69 -9.02
CA ALA E 295 22.08 8.45 -9.60
C ALA E 295 23.28 8.03 -8.78
N ARG E 296 23.29 6.76 -8.37
CA ARG E 296 24.39 6.20 -7.57
C ARG E 296 24.84 4.90 -8.22
N ASN E 297 26.01 4.94 -8.85
CA ASN E 297 26.59 3.76 -9.51
C ASN E 297 25.69 3.27 -10.65
N ASN E 298 25.32 4.20 -11.52
CA ASN E 298 24.55 3.92 -12.74
C ASN E 298 23.13 3.43 -12.44
N GLN E 299 22.56 3.84 -11.32
CA GLN E 299 21.21 3.45 -10.95
C GLN E 299 20.51 4.65 -10.30
N LEU E 300 19.22 4.78 -10.58
CA LEU E 300 18.40 5.85 -10.03
C LEU E 300 17.89 5.46 -8.66
N GLU E 302 16.41 6.99 -4.50
CA GLU E 302 15.73 8.04 -3.77
C GLU E 302 15.90 7.80 -2.28
N GLU E 303 16.16 8.87 -1.54
CA GLU E 303 16.50 8.81 -0.11
C GLU E 303 15.46 9.60 0.68
N THR E 304 14.75 8.92 1.57
CA THR E 304 13.66 9.53 2.34
C THR E 304 13.87 9.27 3.83
N LEU E 305 13.15 10.05 4.63
CA LEU E 305 13.19 9.86 6.08
C LEU E 305 12.52 8.54 6.45
N SER E 306 13.13 7.83 7.40
CA SER E 306 12.58 6.59 7.89
C SER E 306 11.57 6.85 9.01
N SER E 307 10.64 5.92 9.18
CA SER E 307 9.57 6.09 10.16
C SER E 307 10.11 5.93 11.57
N VAL E 308 10.03 6.99 12.36
CA VAL E 308 10.38 6.93 13.78
C VAL E 308 9.12 6.69 14.60
N GLY E 309 9.25 5.92 15.68
CA GLY E 309 8.07 5.51 16.44
C GLY E 309 8.50 5.10 17.85
N SER E 310 7.53 4.55 18.60
CA SER E 310 7.67 4.07 19.98
C SER E 310 7.76 5.22 20.98
N ILE E 311 7.84 6.45 20.47
CA ILE E 311 7.73 7.68 21.25
C ILE E 311 8.82 7.82 22.31
N ALA E 312 8.59 7.24 23.49
CA ALA E 312 9.54 7.32 24.60
C ALA E 312 9.53 6.02 25.41
N TYR E 313 9.84 6.12 26.70
CA TYR E 313 9.81 4.94 27.57
C TYR E 313 9.01 5.24 28.84
N GLU E 320 6.89 22.64 17.57
CA GLU E 320 8.24 22.53 18.13
C GLU E 320 9.18 23.55 17.50
N GLU E 321 9.05 23.73 16.17
CA GLU E 321 9.87 24.71 15.47
C GLU E 321 9.61 26.13 15.96
N GLY E 322 8.49 26.36 16.63
CA GLY E 322 8.21 27.70 17.13
C GLY E 322 9.12 28.11 18.27
N THR E 323 9.38 27.19 19.20
CA THR E 323 10.25 27.51 20.33
C THR E 323 11.72 27.38 19.97
N VAL E 324 12.06 26.51 19.01
CA VAL E 324 13.43 26.47 18.51
C VAL E 324 13.80 27.81 17.89
N ASP E 325 12.87 28.39 17.12
CA ASP E 325 13.10 29.71 16.54
C ASP E 325 13.30 30.77 17.61
N ASN E 326 12.56 30.67 18.71
CA ASN E 326 12.62 31.71 19.74
C ASN E 326 13.92 31.65 20.54
N ARG E 327 14.33 30.45 20.94
CA ARG E 327 15.57 30.32 21.73
C ARG E 327 16.78 30.80 20.93
N GLN E 328 16.94 30.27 19.71
CA GLN E 328 17.94 30.72 18.76
C GLN E 328 17.96 32.24 18.66
N TRP E 329 16.78 32.84 18.71
CA TRP E 329 16.67 34.30 18.66
C TRP E 329 17.18 34.93 19.95
N LEU E 330 16.68 34.46 21.09
CA LEU E 330 17.09 35.03 22.38
C LEU E 330 18.59 34.89 22.58
N GLU E 331 19.12 33.70 22.31
CA GLU E 331 20.54 33.44 22.53
C GLU E 331 21.42 34.37 21.72
N ALA E 332 21.11 34.53 20.42
CA ALA E 332 21.90 35.40 19.56
C ALA E 332 22.03 36.81 20.09
N ILE E 333 21.12 37.22 20.98
CA ILE E 333 21.17 38.56 21.55
C ILE E 333 22.06 38.61 22.79
N GLN E 334 21.96 37.59 23.65
CA GLN E 334 22.81 37.57 24.84
C GLN E 334 24.26 37.34 24.48
N ASN E 335 24.53 36.35 23.63
CA ASN E 335 25.90 36.11 23.17
C ASN E 335 26.36 37.12 22.13
N GLY E 336 25.47 38.00 21.66
CA GLY E 336 25.84 38.93 20.62
C GLY E 336 26.03 38.29 19.26
N THR E 337 25.39 37.14 19.02
CA THR E 337 25.50 36.44 17.76
C THR E 337 24.56 37.09 16.73
N GLU E 338 24.39 36.45 15.58
CA GLU E 338 23.41 36.90 14.61
C GLU E 338 22.37 35.80 14.40
N PRO E 339 21.10 36.15 14.30
CA PRO E 339 20.06 35.13 14.15
C PRO E 339 20.07 34.52 12.76
N LEU E 340 19.36 33.40 12.63
CA LEU E 340 19.39 32.64 11.38
C LEU E 340 18.68 33.39 10.26
N VAL E 341 17.50 33.94 10.54
CA VAL E 341 16.78 34.70 9.53
C VAL E 341 17.47 36.06 9.37
N LYS E 342 18.01 36.32 8.20
CA LYS E 342 18.66 37.60 7.95
C LYS E 342 17.66 38.60 7.39
N PRO E 343 17.65 39.84 7.89
CA PRO E 343 16.69 40.82 7.35
C PRO E 343 16.79 41.03 5.85
N GLU E 344 17.99 40.99 5.29
CA GLU E 344 18.13 41.16 3.84
C GLU E 344 17.50 40.01 3.07
N GLU E 345 17.55 38.79 3.62
CA GLU E 345 16.92 37.66 2.96
C GLU E 345 15.40 37.84 2.87
N ALA E 346 14.76 38.16 3.99
CA ALA E 346 13.32 38.39 4.01
C ALA E 346 12.92 39.55 3.11
N LEU E 347 13.83 40.48 2.83
CA LEU E 347 13.51 41.58 1.94
C LEU E 347 13.38 41.11 0.50
N ALA E 348 14.26 40.19 0.08
CA ALA E 348 14.13 39.63 -1.27
C ALA E 348 12.83 38.86 -1.43
N VAL E 349 12.35 38.27 -0.33
CA VAL E 349 11.16 37.42 -0.42
C VAL E 349 9.93 38.24 -0.78
N THR E 350 9.67 39.31 -0.04
CA THR E 350 8.49 40.11 -0.35
C THR E 350 8.74 41.15 -1.43
N LYS E 351 9.98 41.33 -1.88
CA LYS E 351 10.21 41.97 -3.17
C LYS E 351 9.62 41.14 -4.28
N ILE E 352 10.06 39.88 -4.39
CA ILE E 352 9.59 38.98 -5.45
C ILE E 352 8.08 38.85 -5.40
N LEU E 353 7.54 38.61 -4.20
CA LEU E 353 6.10 38.47 -4.05
C LEU E 353 5.37 39.74 -4.48
N ASP E 354 5.94 40.90 -4.17
CA ASP E 354 5.37 42.15 -4.65
C ASP E 354 5.46 42.24 -6.17
N ALA E 355 6.57 41.76 -6.74
CA ALA E 355 6.74 41.81 -8.19
C ALA E 355 5.77 40.89 -8.90
N ILE E 356 5.33 39.81 -8.24
CA ILE E 356 4.34 38.91 -8.85
C ILE E 356 2.96 39.54 -8.81
N TYR E 357 2.56 40.05 -7.63
CA TYR E 357 1.34 40.85 -7.52
C TYR E 357 1.32 41.96 -8.57
N LYS E 358 2.45 42.65 -8.73
CA LYS E 358 2.57 43.82 -9.59
C LYS E 358 2.52 43.45 -11.07
N SER E 359 2.01 42.25 -11.39
CA SER E 359 1.60 41.92 -12.74
C SER E 359 0.10 42.11 -12.95
N ALA E 360 -0.50 42.99 -12.15
CA ALA E 360 -1.72 43.69 -12.54
C ALA E 360 -1.45 44.68 -13.65
N LYS E 361 -0.19 44.82 -14.05
CA LYS E 361 0.21 45.54 -15.25
C LYS E 361 0.36 44.62 -16.46
N THR E 362 0.22 43.29 -16.27
CA THR E 362 0.49 42.30 -17.29
C THR E 362 1.75 42.67 -18.07
N ASN E 363 2.84 42.82 -17.34
CA ASN E 363 4.16 43.06 -17.90
C ASN E 363 5.18 42.41 -16.95
N THR E 364 6.21 41.80 -17.54
CA THR E 364 7.30 41.29 -16.72
C THR E 364 8.04 42.46 -16.09
N ILE E 365 8.22 42.43 -14.78
CA ILE E 365 8.95 43.47 -14.08
C ILE E 365 10.39 42.99 -13.92
N LYS E 366 11.32 43.67 -14.59
CA LYS E 366 12.72 43.30 -14.54
C LYS E 366 13.40 43.96 -13.34
N PHE E 367 14.53 43.39 -12.95
CA PHE E 367 15.24 43.84 -11.76
C PHE E 367 16.64 44.33 -12.12
N GLY F 1 -30.98 32.41 21.07
CA GLY F 1 -31.70 33.70 21.09
C GLY F 1 -33.13 33.57 20.59
N SER F 3 -35.93 30.96 22.66
CA SER F 3 -36.61 30.44 23.85
C SER F 3 -35.80 29.22 24.27
N LYS F 4 -35.04 29.35 25.36
CA LYS F 4 -34.34 28.20 25.90
C LYS F 4 -35.35 27.24 26.54
N LEU F 5 -35.08 25.95 26.42
CA LEU F 5 -35.95 24.92 26.97
C LEU F 5 -35.15 23.96 27.85
N LYS F 6 -35.88 23.10 28.55
CA LYS F 6 -35.36 22.27 29.63
C LYS F 6 -35.75 20.82 29.38
N ILE F 7 -34.82 19.89 29.63
CA ILE F 7 -34.94 18.51 29.19
C ILE F 7 -34.86 17.59 30.41
N GLY F 8 -35.81 16.68 30.51
CA GLY F 8 -35.67 15.52 31.37
C GLY F 8 -35.10 14.36 30.59
N ILE F 9 -34.16 13.64 31.20
CA ILE F 9 -33.45 12.55 30.56
C ILE F 9 -33.76 11.26 31.32
N ILE F 10 -34.47 10.36 30.66
CA ILE F 10 -35.09 9.20 31.30
C ILE F 10 -34.27 7.97 30.96
N GLY F 11 -33.71 7.33 31.98
CA GLY F 11 -32.73 6.31 31.72
C GLY F 11 -31.38 6.94 31.45
N CYS F 12 -30.49 6.83 32.42
CA CYS F 12 -29.10 7.29 32.29
C CYS F 12 -28.20 6.09 31.98
N GLY F 13 -28.39 5.57 30.77
CA GLY F 13 -27.56 4.51 30.25
C GLY F 13 -26.46 5.06 29.35
N GLY F 14 -25.65 4.12 28.83
CA GLY F 14 -24.45 4.50 28.10
C GLY F 14 -24.68 5.55 27.03
N ILE F 15 -25.79 5.47 26.29
CA ILE F 15 -26.00 6.45 25.24
C ILE F 15 -26.41 7.80 25.80
N ALA F 16 -26.88 7.87 27.04
CA ALA F 16 -26.99 9.18 27.69
C ALA F 16 -25.60 9.74 27.95
N ASN F 17 -24.72 8.92 28.51
CA ASN F 17 -23.37 9.39 28.84
C ASN F 17 -22.51 9.55 27.59
N GLN F 18 -22.53 8.55 26.71
CA GLN F 18 -21.60 8.55 25.58
C GLN F 18 -21.92 9.63 24.56
N LYS F 19 -23.20 9.95 24.37
CA LYS F 19 -23.55 10.96 23.37
C LYS F 19 -24.73 11.86 23.74
N HIS F 20 -25.72 11.40 24.50
CA HIS F 20 -26.88 12.25 24.78
C HIS F 20 -26.52 13.41 25.69
N PHE F 21 -25.79 13.12 26.78
CA PHE F 21 -25.38 14.19 27.69
C PHE F 21 -24.49 15.22 27.01
N PRO F 22 -23.42 14.86 26.30
CA PRO F 22 -22.61 15.90 25.65
C PRO F 22 -23.35 16.65 24.56
N ALA F 23 -24.23 15.97 23.81
CA ALA F 23 -24.93 16.63 22.71
C ALA F 23 -25.85 17.73 23.21
N LEU F 24 -26.35 17.62 24.44
CA LEU F 24 -27.15 18.69 25.00
C LEU F 24 -26.28 19.79 25.60
N LYS F 25 -25.10 19.44 26.10
CA LYS F 25 -24.14 20.47 26.53
C LYS F 25 -23.63 21.25 25.32
N ASN F 26 -23.04 20.56 24.35
CA ASN F 26 -22.50 21.24 23.17
C ASN F 26 -23.56 22.13 22.54
N ASN F 27 -24.82 21.70 22.57
CA ASN F 27 -25.95 22.55 22.24
C ASN F 27 -26.57 23.20 23.48
N ALA F 28 -25.73 23.72 24.40
CA ALA F 28 -26.27 24.39 25.58
C ALA F 28 -27.02 25.67 25.24
N ASP F 29 -26.76 26.24 24.06
CA ASP F 29 -27.36 27.51 23.68
C ASP F 29 -28.88 27.52 23.80
N LEU F 30 -29.52 26.34 23.75
CA LEU F 30 -30.98 26.27 23.74
C LEU F 30 -31.55 25.20 24.67
N ASN F 31 -30.73 24.59 25.52
CA ASN F 31 -31.20 23.58 26.45
C ASN F 31 -30.36 23.61 27.72
N GLU F 32 -31.01 23.32 28.84
CA GLU F 32 -30.33 23.00 30.09
C GLU F 32 -31.12 21.87 30.75
N ILE F 33 -30.42 21.07 31.55
CA ILE F 33 -30.84 19.70 31.86
C ILE F 33 -31.24 19.62 33.33
N VAL F 34 -32.37 18.97 33.60
CA VAL F 34 -32.88 18.88 34.96
C VAL F 34 -32.82 17.45 35.45
N PHE F 36 -33.49 13.68 35.89
CA PHE F 36 -32.45 12.65 35.95
C PHE F 36 -32.98 11.37 36.56
N CYS F 37 -33.77 10.66 35.76
CA CYS F 37 -34.42 9.43 36.15
C CYS F 37 -33.54 8.21 35.81
N ASP F 38 -33.80 7.12 36.52
CA ASP F 38 -33.18 5.80 36.36
C ASP F 38 -33.44 4.97 37.63
N ILE F 39 -33.91 3.73 37.47
CA ILE F 39 -34.26 2.93 38.65
C ILE F 39 -33.02 2.62 39.48
N GLN F 40 -31.93 2.21 38.80
CA GLN F 40 -30.61 2.26 39.42
C GLN F 40 -30.29 3.74 39.64
N ILE F 41 -30.35 4.21 40.88
CA ILE F 41 -30.26 5.64 41.14
C ILE F 41 -28.81 6.11 41.19
N ASP F 42 -27.91 5.31 41.78
CA ASP F 42 -26.53 5.74 41.98
C ASP F 42 -25.91 6.33 40.71
N ARG F 43 -26.41 5.96 39.53
CA ARG F 43 -25.91 6.50 38.27
C ARG F 43 -26.64 7.74 37.79
N ALA F 44 -27.86 7.97 38.27
CA ALA F 44 -28.52 9.26 38.03
C ALA F 44 -27.97 10.35 38.95
N GLU F 45 -27.33 9.96 40.05
CA GLU F 45 -26.64 10.94 40.89
C GLU F 45 -25.36 11.42 40.23
N LYS F 46 -24.53 10.48 39.76
CA LYS F 46 -23.27 10.85 39.15
C LYS F 46 -23.50 11.67 37.88
N ALA F 47 -24.51 11.29 37.08
CA ALA F 47 -24.91 12.15 35.96
C ALA F 47 -25.41 13.51 36.44
N ALA F 48 -26.18 13.51 37.53
CA ALA F 48 -26.72 14.75 38.08
C ALA F 48 -25.62 15.75 38.40
N ALA F 49 -24.60 15.30 39.13
CA ALA F 49 -23.53 16.18 39.58
C ALA F 49 -22.65 16.70 38.45
N GLU F 50 -22.87 16.25 37.21
CA GLU F 50 -22.06 16.66 36.08
C GLU F 50 -22.81 17.42 35.00
N PHE F 51 -24.11 17.15 34.80
CA PHE F 51 -24.88 17.83 33.76
C PHE F 51 -26.21 18.40 34.22
N GLY F 52 -26.74 17.98 35.37
CA GLY F 52 -28.07 18.39 35.78
C GLY F 52 -28.15 19.75 36.44
N ALA F 53 -28.07 20.81 35.63
CA ALA F 53 -28.18 22.20 36.09
C ALA F 53 -27.50 22.41 37.43
N GLU F 54 -28.23 22.98 38.38
CA GLU F 54 -27.82 22.98 39.77
C GLU F 54 -29.00 22.75 40.70
N GLY F 55 -30.19 22.49 40.17
CA GLY F 55 -31.37 22.23 40.96
C GLY F 55 -32.19 21.13 40.34
N ALA F 56 -31.52 20.16 39.75
CA ALA F 56 -32.20 19.05 39.09
C ALA F 56 -32.83 18.14 40.12
N GLN F 57 -33.66 17.22 39.61
CA GLN F 57 -34.44 16.25 40.42
C GLN F 57 -33.97 14.85 40.08
N VAL F 58 -33.15 14.23 40.92
CA VAL F 58 -32.57 12.95 40.57
C VAL F 58 -33.32 11.84 41.28
N THR F 59 -34.60 11.77 40.93
CA THR F 59 -35.49 10.60 40.98
C THR F 59 -34.79 9.24 40.87
N ALA F 60 -35.48 8.16 41.29
CA ALA F 60 -35.22 6.81 40.78
C ALA F 60 -36.39 6.20 40.01
N ASP F 61 -37.58 6.81 40.02
CA ASP F 61 -38.82 6.24 39.49
C ASP F 61 -39.28 7.00 38.25
N TYR F 62 -39.56 6.29 37.14
CA TYR F 62 -39.83 6.98 35.88
C TYR F 62 -41.10 7.81 35.93
N LYS F 63 -42.16 7.29 36.58
CA LYS F 63 -43.40 8.05 36.69
C LYS F 63 -43.21 9.39 37.42
N GLU F 64 -42.03 9.61 38.00
CA GLU F 64 -41.76 10.84 38.74
C GLU F 64 -41.30 11.97 37.85
N LEU F 65 -40.85 11.70 36.61
CA LEU F 65 -40.38 12.78 35.76
C LEU F 65 -41.45 13.32 34.82
N LEU F 66 -42.40 12.49 34.35
CA LEU F 66 -43.58 13.07 33.72
C LEU F 66 -44.28 13.98 34.72
N ALA F 67 -44.10 13.72 36.02
CA ALA F 67 -44.60 14.56 37.09
C ALA F 67 -43.99 15.95 37.03
N ASN F 68 -42.71 16.03 37.43
CA ASN F 68 -41.98 17.32 37.56
C ASN F 68 -42.28 18.09 36.33
N PRO F 69 -43.06 19.33 36.45
CA PRO F 69 -43.54 20.24 35.41
C PRO F 69 -42.49 21.23 34.93
N GLU F 70 -41.26 21.15 35.42
CA GLU F 70 -40.18 22.02 34.98
C GLU F 70 -39.41 21.46 33.79
N VAL F 71 -39.91 20.39 33.19
CA VAL F 71 -39.33 19.80 31.99
C VAL F 71 -40.31 19.99 30.84
N GLU F 72 -39.78 20.30 29.65
CA GLU F 72 -40.61 20.51 28.47
C GLU F 72 -40.40 19.47 27.38
N VAL F 73 -39.29 18.73 27.42
CA VAL F 73 -39.04 17.64 26.48
C VAL F 73 -38.36 16.52 27.23
N VAL F 74 -38.76 15.29 26.94
CA VAL F 74 -38.19 14.09 27.55
C VAL F 74 -37.48 13.29 26.46
N HIS F 75 -36.31 12.76 26.80
CA HIS F 75 -35.51 11.96 25.87
C HIS F 75 -35.50 10.51 26.38
N VAL F 76 -36.48 9.74 25.93
CA VAL F 76 -36.57 8.32 26.29
C VAL F 76 -35.31 7.60 25.86
N CYS F 77 -34.45 7.27 26.83
CA CYS F 77 -33.28 6.45 26.59
C CYS F 77 -33.41 5.07 27.24
N THR F 78 -34.63 4.64 27.48
CA THR F 78 -34.90 3.39 28.15
C THR F 78 -34.73 2.21 27.18
N PRO F 79 -34.63 0.97 27.68
CA PRO F 79 -34.54 -0.19 26.79
C PRO F 79 -35.79 -0.33 25.94
N ASN F 80 -35.66 -1.08 24.84
CA ASN F 80 -36.64 -0.99 23.75
C ASN F 80 -38.04 -1.40 24.20
N VAL F 81 -38.15 -2.46 25.00
CA VAL F 81 -39.48 -2.87 25.47
C VAL F 81 -40.16 -1.75 26.23
N SER F 82 -39.37 -0.98 27.00
CA SER F 82 -39.91 0.16 27.72
C SER F 82 -40.52 1.21 26.78
N HIS F 83 -40.00 1.34 25.55
CA HIS F 83 -40.23 2.54 24.74
C HIS F 83 -41.71 2.88 24.62
N SER F 84 -42.55 1.89 24.30
CA SER F 84 -43.98 2.13 24.19
C SER F 84 -44.57 2.61 25.52
N GLU F 85 -44.07 2.09 26.64
CA GLU F 85 -44.64 2.43 27.93
C GLU F 85 -44.26 3.86 28.34
N ILE F 86 -42.97 4.14 28.45
CA ILE F 86 -42.52 5.44 28.90
C ILE F 86 -42.86 6.55 27.90
N THR F 87 -43.22 6.19 26.67
CA THR F 87 -43.65 7.19 25.70
C THR F 87 -45.17 7.24 25.65
N ILE F 88 -45.79 6.31 24.90
CA ILE F 88 -47.24 6.22 24.71
C ILE F 88 -47.90 7.59 24.79
N ALA F 89 -48.89 7.71 25.67
CA ALA F 89 -49.26 9.01 26.19
C ALA F 89 -48.41 9.43 27.37
N ALA F 90 -47.64 8.49 27.95
CA ALA F 90 -46.81 8.80 29.13
C ALA F 90 -45.97 10.05 28.90
N PHE F 91 -45.20 10.07 27.81
CA PHE F 91 -44.51 11.29 27.43
C PHE F 91 -45.47 12.28 26.78
N GLU F 92 -46.47 11.78 26.07
CA GLU F 92 -47.26 12.61 25.17
C GLU F 92 -48.66 12.91 25.70
N ALA F 93 -48.90 12.66 26.99
CA ALA F 93 -50.02 13.34 27.65
C ALA F 93 -49.56 14.61 28.32
N GLY F 94 -48.65 15.34 27.68
CA GLY F 94 -48.19 16.62 28.23
C GLY F 94 -46.96 17.24 27.61
N LYS F 95 -45.99 16.44 27.14
CA LYS F 95 -44.65 16.94 26.88
C LYS F 95 -44.14 16.42 25.54
N HIS F 96 -43.02 17.01 25.09
CA HIS F 96 -42.32 16.60 23.89
C HIS F 96 -41.45 15.38 24.16
N VAL F 97 -41.31 14.52 23.15
CA VAL F 97 -40.60 13.25 23.33
C VAL F 97 -39.56 13.09 22.23
N TYR F 98 -38.34 12.71 22.63
CA TYR F 98 -37.29 12.22 21.74
C TYR F 98 -37.10 10.76 22.15
N CYS F 99 -37.84 9.87 21.50
CA CYS F 99 -37.63 8.45 21.75
C CYS F 99 -36.37 7.99 21.02
N GLU F 100 -35.76 6.94 21.55
CA GLU F 100 -34.44 6.54 21.09
C GLU F 100 -34.52 5.47 20.00
N LYS F 101 -33.32 5.03 19.57
CA LYS F 101 -33.04 4.50 18.25
C LYS F 101 -34.06 3.50 17.70
N PRO F 102 -34.29 2.33 18.32
CA PRO F 102 -35.33 1.45 17.77
C PRO F 102 -36.68 1.88 18.31
N SER F 104 -39.54 0.72 18.59
CA SER F 104 -39.89 -0.34 19.52
C SER F 104 -39.48 -1.66 18.90
N HIS F 105 -39.73 -2.74 19.65
CA HIS F 105 -39.56 -4.11 19.20
C HIS F 105 -40.76 -4.68 18.48
N SER F 106 -41.92 -4.02 18.57
CA SER F 106 -43.18 -4.54 18.05
C SER F 106 -43.80 -3.55 17.09
N THR F 107 -44.21 -4.05 15.92
CA THR F 107 -44.97 -3.25 14.98
C THR F 107 -46.18 -2.61 15.65
N GLU F 108 -47.00 -3.44 16.30
CA GLU F 108 -48.26 -2.96 16.88
C GLU F 108 -48.04 -1.84 17.90
N GLU F 109 -47.06 -2.04 18.80
CA GLU F 109 -46.81 -1.04 19.82
C GLU F 109 -46.34 0.29 19.23
N ALA F 110 -45.57 0.23 18.13
CA ALA F 110 -45.15 1.46 17.45
C ALA F 110 -46.30 2.14 16.73
N GLU F 111 -47.40 1.44 16.48
CA GLU F 111 -48.57 2.01 15.84
C GLU F 111 -49.48 2.70 16.86
N LYS F 112 -49.57 2.16 18.07
CA LYS F 112 -50.10 2.95 19.17
C LYS F 112 -49.22 4.16 19.43
N VAL F 114 -47.42 6.04 17.56
CA VAL F 114 -47.65 7.18 16.69
C VAL F 114 -49.05 7.75 16.90
N GLU F 115 -50.05 6.88 17.11
CA GLU F 115 -51.42 7.35 17.33
C GLU F 115 -51.50 8.30 18.51
N ALA F 116 -50.80 7.98 19.60
CA ALA F 116 -50.63 8.96 20.66
C ALA F 116 -50.07 10.26 20.09
N TRP F 117 -48.98 10.15 19.33
CA TRP F 117 -48.21 11.35 19.00
C TRP F 117 -49.04 12.38 18.23
N LYS F 118 -49.82 11.93 17.25
CA LYS F 118 -50.60 12.86 16.44
C LYS F 118 -51.71 13.52 17.26
N LYS F 119 -52.47 12.73 18.01
CA LYS F 119 -53.47 13.26 18.94
C LYS F 119 -52.79 13.85 20.18
N SER F 120 -51.84 14.75 19.88
CA SER F 120 -51.10 15.55 20.85
C SER F 120 -50.27 16.54 20.06
N GLY F 121 -50.36 17.81 20.41
CA GLY F 121 -49.72 18.84 19.60
C GLY F 121 -48.21 18.80 19.56
N LYS F 122 -47.58 17.78 20.12
CA LYS F 122 -46.15 17.83 20.37
C LYS F 122 -45.37 17.29 19.17
N GLN F 123 -44.05 17.19 19.33
CA GLN F 123 -43.15 16.76 18.28
C GLN F 123 -42.61 15.37 18.58
N PHE F 124 -42.31 14.62 17.52
CA PHE F 124 -41.87 13.24 17.62
C PHE F 124 -40.73 13.01 16.64
N THR F 125 -39.60 12.53 17.14
CA THR F 125 -38.49 12.13 16.29
C THR F 125 -37.75 10.97 16.95
N ILE F 126 -37.02 10.22 16.13
CA ILE F 126 -36.31 9.03 16.57
C ILE F 126 -34.81 9.27 16.44
N GLY F 127 -34.04 8.57 17.27
CA GLY F 127 -32.61 8.80 17.36
C GLY F 127 -31.77 8.14 16.29
N TYR F 128 -32.16 8.31 15.02
CA TYR F 128 -31.37 7.81 13.89
C TYR F 128 -30.36 8.89 13.48
N GLN F 129 -29.32 9.03 14.30
CA GLN F 129 -28.38 10.13 14.15
C GLN F 129 -27.35 9.88 13.04
N ASN F 130 -27.20 8.64 12.58
CA ASN F 130 -26.27 8.38 11.49
C ASN F 130 -26.68 9.09 10.21
N ARG F 131 -27.96 9.46 10.08
CA ARG F 131 -28.40 10.28 8.96
C ARG F 131 -27.58 11.55 8.83
N PHE F 132 -27.10 12.09 9.95
CA PHE F 132 -26.45 13.40 9.98
C PHE F 132 -24.96 13.34 9.70
N ARG F 133 -24.39 12.16 9.51
CA ARG F 133 -23.02 12.07 9.00
C ARG F 133 -22.94 12.72 7.63
N GLU F 134 -21.86 13.46 7.41
CA GLU F 134 -21.77 14.27 6.19
C GLU F 134 -21.86 13.41 4.94
N GLU F 135 -21.20 12.24 4.94
CA GLU F 135 -21.19 11.41 3.75
C GLU F 135 -22.55 10.74 3.51
N VAL F 136 -23.32 10.51 4.58
CA VAL F 136 -24.66 9.93 4.42
C VAL F 136 -25.58 10.91 3.71
N ASN F 138 -24.46 13.46 1.89
CA ASN F 138 -23.86 13.52 0.56
C ASN F 138 -24.56 12.54 -0.36
N LEU F 139 -24.78 11.32 0.12
CA LEU F 139 -25.47 10.32 -0.69
C LEU F 139 -26.98 10.58 -0.73
N LYS F 140 -27.58 10.98 0.39
CA LYS F 140 -29.00 11.32 0.37
C LYS F 140 -29.28 12.45 -0.61
N LYS F 141 -28.42 13.47 -0.64
CA LYS F 141 -28.65 14.63 -1.51
C LYS F 141 -28.64 14.22 -2.99
N SER F 142 -27.69 13.35 -3.37
CA SER F 142 -27.55 12.97 -4.78
C SER F 142 -28.67 12.05 -5.24
N CYS F 143 -29.13 11.16 -4.36
CA CYS F 143 -30.31 10.37 -4.67
C CYS F 143 -31.53 11.26 -4.86
N ASP F 144 -31.71 12.24 -3.97
CA ASP F 144 -32.81 13.18 -4.12
C ASP F 144 -32.67 14.02 -5.39
N LYS F 145 -31.44 14.29 -5.81
CA LYS F 145 -31.21 14.93 -7.10
C LYS F 145 -31.31 13.96 -8.26
N GLY F 146 -31.61 12.69 -8.00
CA GLY F 146 -31.70 11.69 -9.04
C GLY F 146 -30.42 11.35 -9.74
N GLU F 147 -29.26 11.70 -9.16
CA GLU F 147 -27.99 11.48 -9.84
C GLU F 147 -27.56 10.02 -9.83
N LEU F 148 -28.29 9.15 -9.12
CA LEU F 148 -28.11 7.71 -9.21
C LEU F 148 -29.11 7.06 -10.17
N GLY F 149 -30.03 7.84 -10.74
CA GLY F 149 -31.12 7.24 -11.49
C GLY F 149 -32.09 6.54 -10.55
N GLU F 150 -32.89 5.65 -11.11
CA GLU F 150 -33.77 4.82 -10.31
C GLU F 150 -32.98 3.70 -9.64
N ILE F 151 -33.19 3.52 -8.34
CA ILE F 151 -32.44 2.56 -7.55
C ILE F 151 -33.25 1.28 -7.44
N TYR F 152 -32.70 0.18 -7.97
CA TYR F 152 -33.43 -1.08 -8.01
C TYR F 152 -32.82 -2.18 -7.14
N TYR F 153 -31.61 -1.99 -6.61
CA TYR F 153 -31.04 -2.97 -5.69
C TYR F 153 -30.27 -2.25 -4.59
N GLY F 154 -30.52 -2.65 -3.35
CA GLY F 154 -29.85 -2.05 -2.21
C GLY F 154 -29.46 -3.10 -1.20
N LYS F 155 -28.38 -2.81 -0.46
CA LYS F 155 -27.92 -3.66 0.62
C LYS F 155 -27.78 -2.82 1.88
N ALA F 156 -28.15 -3.41 3.02
CA ALA F 156 -28.01 -2.78 4.32
C ALA F 156 -26.99 -3.56 5.13
N HIS F 157 -25.88 -2.92 5.48
CA HIS F 157 -24.78 -3.57 6.16
C HIS F 157 -24.82 -3.17 7.64
N ALA F 158 -25.03 -4.16 8.50
CA ALA F 158 -25.00 -3.98 9.94
C ALA F 158 -24.29 -5.17 10.58
N VAL F 159 -23.12 -5.50 10.06
CA VAL F 159 -22.39 -6.71 10.41
C VAL F 159 -21.28 -6.37 11.40
N ARG F 160 -21.20 -7.14 12.47
CA ARG F 160 -20.06 -7.13 13.38
C ARG F 160 -19.51 -8.54 13.47
N ARG F 161 -18.20 -8.68 13.32
CA ARG F 161 -17.59 -10.01 13.36
C ARG F 161 -17.68 -10.61 14.76
N ARG F 162 -17.31 -9.83 15.78
CA ARG F 162 -17.43 -10.27 17.17
C ARG F 162 -17.30 -9.05 18.08
N ALA F 163 -18.41 -8.37 18.31
CA ALA F 163 -18.48 -7.29 19.29
C ALA F 163 -19.88 -7.26 19.91
N VAL F 164 -20.21 -8.31 20.66
CA VAL F 164 -21.48 -8.39 21.36
C VAL F 164 -21.41 -7.44 22.56
N PRO F 165 -22.32 -6.48 22.69
CA PRO F 165 -22.24 -5.51 23.78
C PRO F 165 -22.56 -6.16 25.11
N THR F 166 -21.70 -5.91 26.10
CA THR F 166 -21.80 -6.56 27.40
C THR F 166 -22.13 -5.60 28.53
N TRP F 167 -22.40 -4.33 28.24
CA TRP F 167 -22.64 -3.32 29.26
C TRP F 167 -24.12 -3.02 29.45
N GLY F 168 -24.98 -4.03 29.43
CA GLY F 168 -26.38 -3.79 29.65
C GLY F 168 -27.22 -5.06 29.73
N VAL F 169 -28.30 -5.10 28.96
CA VAL F 169 -29.19 -6.26 28.90
C VAL F 169 -29.51 -6.54 27.45
N PHE F 170 -28.66 -6.08 26.54
CA PHE F 170 -28.86 -6.31 25.10
C PHE F 170 -29.17 -7.76 24.81
N ASP F 172 -30.87 -9.72 26.90
CA ASP F 172 -32.09 -10.11 27.63
C ASP F 172 -33.29 -9.90 26.71
N LYS F 173 -33.90 -11.00 26.25
CA LYS F 173 -34.92 -10.89 25.22
C LYS F 173 -36.23 -10.31 25.75
N GLU F 174 -36.57 -10.56 27.00
CA GLU F 174 -37.77 -9.91 27.54
C GLU F 174 -37.47 -8.51 28.05
N ALA F 175 -36.19 -8.11 28.05
CA ALA F 175 -35.80 -6.76 28.44
C ALA F 175 -35.41 -5.88 27.26
N GLN F 176 -35.29 -6.42 26.05
CA GLN F 176 -35.17 -5.54 24.89
C GLN F 176 -35.72 -6.11 23.58
N GLY F 177 -36.29 -7.31 23.56
CA GLY F 177 -37.10 -7.76 22.44
C GLY F 177 -36.36 -8.30 21.23
N GLY F 178 -35.03 -8.25 21.20
CA GLY F 178 -34.31 -8.75 20.05
C GLY F 178 -32.85 -8.34 20.11
N GLY F 179 -32.08 -8.95 19.21
CA GLY F 179 -30.65 -8.73 19.18
C GLY F 179 -30.21 -7.77 18.09
N PRO F 180 -29.15 -8.14 17.36
CA PRO F 180 -28.54 -7.20 16.42
C PRO F 180 -29.43 -6.78 15.25
N LEU F 181 -30.51 -7.52 14.95
CA LEU F 181 -31.37 -7.10 13.86
C LEU F 181 -32.06 -5.78 14.16
N ILE F 182 -32.43 -5.56 15.43
CA ILE F 182 -33.01 -4.29 15.86
C ILE F 182 -32.02 -3.41 16.62
N ASP F 183 -30.86 -3.94 17.00
CA ASP F 183 -29.87 -3.09 17.66
C ASP F 183 -29.13 -2.22 16.66
N ILE F 184 -28.56 -2.84 15.62
CA ILE F 184 -27.83 -2.11 14.59
C ILE F 184 -28.43 -2.28 13.20
N GLY F 185 -29.36 -3.21 13.01
CA GLY F 185 -30.02 -3.32 11.72
C GLY F 185 -30.91 -2.14 11.39
N THR F 186 -31.49 -1.50 12.41
CA THR F 186 -32.29 -0.31 12.18
C THR F 186 -31.48 0.78 11.50
N HIS F 187 -30.29 1.08 12.05
CA HIS F 187 -29.40 2.09 11.48
C HIS F 187 -29.19 1.85 9.99
N ALA F 188 -28.77 0.64 9.63
CA ALA F 188 -28.45 0.34 8.24
C ALA F 188 -29.69 0.44 7.36
N LEU F 189 -30.78 -0.24 7.75
CA LEU F 189 -31.98 -0.23 6.92
C LEU F 189 -32.57 1.17 6.80
N ASP F 190 -32.51 1.95 7.88
CA ASP F 190 -33.06 3.30 7.84
C ASP F 190 -32.36 4.13 6.77
N ILE F 191 -31.03 4.16 6.80
CA ILE F 191 -30.27 4.87 5.77
C ILE F 191 -30.66 4.40 4.38
N THR F 192 -30.79 3.08 4.21
CA THR F 192 -31.07 2.51 2.89
C THR F 192 -32.42 2.98 2.37
N LEU F 193 -33.48 2.79 3.17
CA LEU F 193 -34.81 3.23 2.77
C LEU F 193 -34.91 4.75 2.67
N TRP F 194 -34.18 5.47 3.54
CA TRP F 194 -34.22 6.93 3.50
C TRP F 194 -33.59 7.47 2.22
N CYS F 195 -32.53 6.81 1.73
CA CYS F 195 -31.82 7.30 0.55
C CYS F 195 -32.53 6.94 -0.75
N ASN F 197 -35.64 6.65 -0.89
CA ASN F 197 -36.89 7.41 -0.79
C ASN F 197 -38.10 6.53 -1.10
N ASN F 198 -38.03 5.27 -0.69
CA ASN F 198 -39.02 4.26 -1.05
C ASN F 198 -39.38 3.46 0.19
N TYR F 199 -40.63 3.53 0.61
CA TYR F 199 -41.11 2.80 1.77
C TYR F 199 -42.27 1.86 1.47
N ASP F 200 -42.72 1.79 0.22
CA ASP F 200 -43.84 0.93 -0.17
C ASP F 200 -43.34 -0.50 -0.28
N VAL F 201 -43.55 -1.29 0.78
CA VAL F 201 -43.05 -2.67 0.87
C VAL F 201 -44.02 -3.62 0.18
N ASP F 202 -43.48 -4.67 -0.43
CA ASP F 202 -44.28 -5.75 -0.98
C ASP F 202 -44.12 -7.02 -0.08
N SER F 203 -42.98 -7.68 -0.14
CA SER F 203 -42.78 -8.92 0.60
C SER F 203 -41.47 -8.86 1.37
N VAL F 204 -41.40 -9.67 2.44
CA VAL F 204 -40.23 -9.75 3.30
C VAL F 204 -39.92 -11.22 3.57
N THR F 205 -38.66 -11.59 3.42
CA THR F 205 -38.19 -12.92 3.77
C THR F 205 -36.92 -12.79 4.60
N GLY F 206 -36.76 -13.66 5.60
CA GLY F 206 -35.63 -13.56 6.49
C GLY F 206 -35.25 -14.88 7.13
N SER F 207 -34.10 -14.86 7.78
CA SER F 207 -33.60 -16.02 8.53
C SER F 207 -32.82 -15.49 9.72
N VAL F 208 -33.09 -16.06 10.89
CA VAL F 208 -32.49 -15.60 12.13
C VAL F 208 -31.65 -16.74 12.69
N PHE F 209 -30.44 -16.43 13.12
CA PHE F 209 -29.47 -17.43 13.55
C PHE F 209 -29.21 -17.28 15.04
N TYR F 210 -29.26 -18.41 15.74
CA TYR F 210 -28.84 -18.54 17.14
C TYR F 210 -27.73 -19.57 17.11
N LYS F 211 -26.49 -19.12 16.91
CA LYS F 211 -25.41 -20.05 16.62
C LYS F 211 -24.20 -19.79 17.51
N LEU F 212 -23.59 -18.62 17.37
CA LEU F 212 -22.39 -18.31 18.14
C LEU F 212 -22.71 -17.84 19.54
N GLY F 213 -23.89 -17.24 19.74
CA GLY F 213 -24.26 -16.72 21.04
C GLY F 213 -24.35 -17.78 22.12
N GLN F 214 -24.46 -19.04 21.75
CA GLN F 214 -24.65 -20.12 22.73
C GLN F 214 -23.60 -21.21 22.59
N LYS F 215 -22.45 -20.91 22.00
CA LYS F 215 -21.29 -21.78 22.03
C LYS F 215 -20.33 -21.29 23.10
N GLU F 216 -19.67 -22.23 23.78
CA GLU F 216 -18.73 -21.88 24.85
C GLU F 216 -17.51 -21.13 24.32
N ASN F 217 -17.16 -21.32 23.05
CA ASN F 217 -16.07 -20.59 22.41
C ASN F 217 -16.54 -19.35 21.67
N GLY F 218 -17.85 -19.17 21.51
CA GLY F 218 -18.42 -18.00 20.88
C GLY F 218 -17.82 -16.69 21.35
N PRO F 219 -17.77 -16.46 22.67
CA PRO F 219 -17.22 -15.18 23.17
C PRO F 219 -15.74 -14.97 22.90
N GLU F 220 -15.05 -15.90 22.23
CA GLU F 220 -13.62 -15.73 21.99
C GLU F 220 -13.37 -14.58 21.03
N GLY F 221 -12.41 -13.72 21.38
CA GLY F 221 -12.07 -12.60 20.54
C GLY F 221 -13.07 -11.47 20.52
N ASN F 222 -14.04 -11.48 21.43
CA ASN F 222 -15.07 -10.44 21.43
C ASN F 222 -14.46 -9.09 21.81
N LEU F 223 -14.92 -8.04 21.14
CA LEU F 223 -14.36 -6.71 21.39
C LEU F 223 -14.68 -6.21 22.80
N PHE F 224 -15.87 -6.55 23.29
CA PHE F 224 -16.34 -6.06 24.59
C PHE F 224 -16.26 -7.14 25.66
N GLY F 225 -15.14 -7.85 25.71
CA GLY F 225 -14.93 -8.87 26.71
C GLY F 225 -15.87 -10.06 26.57
N PRO F 226 -15.65 -11.09 27.38
CA PRO F 226 -16.48 -12.30 27.28
C PRO F 226 -17.87 -12.06 27.85
N TRP F 227 -18.72 -13.07 27.62
CA TRP F 227 -20.10 -13.03 28.10
C TRP F 227 -20.54 -14.47 28.37
N ASP F 228 -21.68 -14.61 29.03
CA ASP F 228 -22.17 -15.91 29.45
C ASP F 228 -23.05 -16.51 28.36
N PRO F 229 -22.61 -17.58 27.68
CA PRO F 229 -23.40 -18.14 26.58
C PRO F 229 -24.64 -18.90 27.03
N LYS F 230 -24.78 -19.19 28.33
CA LYS F 230 -26.01 -19.75 28.86
C LYS F 230 -27.03 -18.69 29.23
N THR F 231 -26.67 -17.40 29.09
CA THR F 231 -27.58 -16.29 29.31
C THR F 231 -27.99 -15.61 28.00
N PHE F 232 -27.47 -16.06 26.87
CA PHE F 232 -27.69 -15.42 25.58
C PHE F 232 -29.05 -15.87 25.04
N GLU F 233 -30.06 -15.01 25.14
CA GLU F 233 -31.41 -15.37 24.70
C GLU F 233 -31.86 -14.56 23.50
N VAL F 234 -30.94 -13.95 22.75
CA VAL F 234 -31.28 -13.33 21.48
C VAL F 234 -30.43 -13.97 20.38
N GLU F 235 -30.58 -13.46 19.16
CA GLU F 235 -29.84 -14.01 18.04
C GLU F 235 -28.45 -13.40 17.95
N ASP F 236 -27.58 -14.06 17.18
CA ASP F 236 -26.29 -13.47 16.86
C ASP F 236 -26.16 -12.97 15.43
N SER F 237 -27.07 -13.38 14.53
CA SER F 237 -27.03 -12.93 13.15
C SER F 237 -28.41 -13.09 12.54
N ALA F 238 -28.69 -12.26 11.53
CA ALA F 238 -29.94 -12.35 10.78
C ALA F 238 -29.72 -11.72 9.40
N VAL F 239 -30.33 -12.32 8.38
CA VAL F 239 -30.25 -11.83 7.01
C VAL F 239 -31.65 -11.64 6.46
N GLY F 240 -31.82 -10.62 5.63
CA GLY F 240 -33.14 -10.25 5.14
C GLY F 240 -33.15 -10.03 3.64
N PHE F 241 -34.34 -10.18 3.06
CA PHE F 241 -34.56 -10.04 1.63
C PHE F 241 -35.93 -9.39 1.45
N VAL F 242 -35.95 -8.09 1.14
CA VAL F 242 -37.18 -7.31 1.08
C VAL F 242 -37.39 -6.82 -0.35
N LYS F 243 -38.58 -7.11 -0.90
CA LYS F 243 -38.98 -6.61 -2.20
C LYS F 243 -39.98 -5.48 -2.04
N LYS F 245 -42.86 -2.64 -3.75
CA LYS F 245 -43.94 -2.73 -4.72
C LYS F 245 -43.56 -2.16 -6.08
N ASN F 246 -42.50 -1.36 -6.16
CA ASN F 246 -41.98 -0.91 -7.45
C ASN F 246 -40.92 -1.85 -8.01
N GLY F 247 -40.68 -2.98 -7.35
CA GLY F 247 -39.77 -4.00 -7.83
C GLY F 247 -38.41 -4.00 -7.18
N ALA F 248 -37.98 -2.86 -6.61
CA ALA F 248 -36.65 -2.78 -6.02
C ALA F 248 -36.50 -3.79 -4.88
N THR F 249 -35.31 -4.34 -4.75
CA THR F 249 -34.99 -5.36 -3.76
C THR F 249 -33.92 -4.84 -2.82
N ILE F 250 -34.02 -5.23 -1.56
CA ILE F 250 -33.06 -4.82 -0.54
C ILE F 250 -32.58 -6.06 0.21
N GLY F 251 -31.28 -6.29 0.21
CA GLY F 251 -30.69 -7.28 1.07
C GLY F 251 -30.29 -6.69 2.41
N LEU F 252 -30.21 -7.55 3.42
CA LEU F 252 -29.85 -7.10 4.76
C LEU F 252 -29.04 -8.17 5.44
N GLU F 253 -27.99 -7.75 6.15
CA GLU F 253 -27.20 -8.63 7.01
C GLU F 253 -26.92 -7.88 8.31
N ALA F 254 -27.18 -8.53 9.44
CA ALA F 254 -27.03 -7.91 10.75
C ALA F 254 -26.55 -8.95 11.74
N SER F 255 -25.50 -8.61 12.50
CA SER F 255 -24.93 -9.56 13.43
C SER F 255 -24.11 -8.83 14.49
N TRP F 256 -24.01 -9.45 15.67
CA TRP F 256 -23.02 -9.09 16.66
C TRP F 256 -21.82 -10.03 16.64
N ALA F 257 -22.00 -11.27 16.18
CA ALA F 257 -20.92 -12.25 16.10
C ALA F 257 -21.19 -13.15 14.91
N ILE F 258 -20.28 -13.12 13.93
CA ILE F 258 -20.36 -14.01 12.78
C ILE F 258 -18.96 -14.15 12.21
N ASN F 259 -18.64 -15.34 11.73
CA ASN F 259 -17.30 -15.60 11.22
C ASN F 259 -17.15 -15.07 9.81
N LEU F 261 -15.48 -11.60 7.48
CA LEU F 261 -14.26 -10.81 7.55
C LEU F 261 -14.51 -9.31 7.60
N ASP F 262 -15.54 -8.82 6.93
CA ASP F 262 -15.78 -7.38 6.79
C ASP F 262 -16.78 -6.93 7.84
N SER F 263 -16.30 -6.20 8.85
CA SER F 263 -17.16 -5.60 9.86
C SER F 263 -17.60 -4.24 9.35
N ARG F 264 -18.76 -4.21 8.70
CA ARG F 264 -19.30 -3.00 8.08
C ARG F 264 -20.72 -2.79 8.57
N GLU F 265 -20.94 -1.72 9.33
CA GLU F 265 -22.25 -1.42 9.90
C GLU F 265 -22.60 0.03 9.62
N ALA F 266 -23.87 0.36 9.83
CA ALA F 266 -24.41 1.70 9.57
C ALA F 266 -24.07 2.17 8.15
N SER F 267 -24.10 1.22 7.22
CA SER F 267 -23.59 1.43 5.87
C SER F 267 -24.58 0.85 4.87
N THR F 268 -24.46 1.29 3.62
CA THR F 268 -25.43 0.92 2.60
C THR F 268 -24.76 0.83 1.25
N THR F 269 -25.39 0.07 0.35
CA THR F 269 -25.00 -0.02 -1.05
C THR F 269 -26.24 0.22 -1.91
N LEU F 270 -26.08 0.97 -2.98
CA LEU F 270 -27.20 1.28 -3.88
C LEU F 270 -26.76 1.09 -5.32
N CYS F 271 -27.59 0.42 -6.12
CA CYS F 271 -27.34 0.25 -7.55
C CYS F 271 -28.48 0.91 -8.30
N GLY F 272 -28.17 1.94 -9.09
CA GLY F 272 -29.16 2.68 -9.84
C GLY F 272 -28.95 2.54 -11.34
N THR F 273 -29.98 2.93 -12.08
CA THR F 273 -29.91 2.87 -13.55
C THR F 273 -28.81 3.75 -14.10
N GLU F 274 -28.47 4.84 -13.39
CA GLU F 274 -27.48 5.78 -13.87
C GLU F 274 -26.17 5.75 -13.08
N ALA F 275 -26.18 5.25 -11.85
CA ALA F 275 -24.97 5.19 -11.04
C ALA F 275 -25.26 4.37 -9.79
N GLY F 276 -24.19 4.06 -9.05
CA GLY F 276 -24.30 3.41 -7.77
C GLY F 276 -23.64 4.21 -6.66
N ALA F 277 -23.56 3.64 -5.46
CA ALA F 277 -22.94 4.32 -4.34
C ALA F 277 -22.71 3.33 -3.22
N GLU F 278 -21.62 3.53 -2.49
CA GLU F 278 -21.28 2.69 -1.35
C GLU F 278 -20.81 3.59 -0.22
N ILE F 279 -21.41 3.44 0.96
CA ILE F 279 -20.90 4.04 2.19
C ILE F 279 -20.32 2.91 3.04
N HIS F 280 -19.11 3.12 3.55
CA HIS F 280 -18.42 2.14 4.37
C HIS F 280 -18.19 2.70 5.77
N SER F 281 -18.51 1.90 6.79
CA SER F 281 -18.25 2.26 8.17
C SER F 281 -18.44 1.03 9.05
N GLY F 282 -17.78 1.04 10.21
CA GLY F 282 -17.74 -0.10 11.13
C GLY F 282 -16.33 -0.41 11.66
N SER F 284 -14.17 -2.53 10.74
CA SER F 284 -13.23 -2.82 9.68
C SER F 284 -12.84 -1.59 8.89
N TYR F 285 -13.33 -0.41 9.28
CA TYR F 285 -13.06 0.83 8.55
C TYR F 285 -12.64 1.91 9.53
N PRO F 286 -11.36 2.28 9.59
CA PRO F 286 -10.93 3.32 10.54
C PRO F 286 -11.50 4.68 10.23
N LYS F 287 -11.77 5.01 8.97
CA LYS F 287 -12.43 6.26 8.63
C LYS F 287 -13.54 5.97 7.63
N ASN F 288 -14.64 6.72 7.78
CA ASN F 288 -15.83 6.48 6.97
C ASN F 288 -15.59 6.86 5.51
N GLU F 289 -16.08 6.02 4.60
CA GLU F 289 -15.84 6.16 3.18
C GLU F 289 -17.17 6.36 2.44
N LEU F 290 -17.07 6.87 1.22
CA LEU F 290 -18.21 7.00 0.32
C LEU F 290 -17.69 7.02 -1.11
N ILE F 291 -18.07 6.02 -1.90
CA ILE F 291 -17.61 5.91 -3.28
C ILE F 291 -18.84 5.84 -4.19
N TYR F 292 -18.94 6.80 -5.12
CA TYR F 292 -19.86 6.71 -6.24
C TYR F 292 -19.20 5.95 -7.38
N ASN F 293 -20.01 5.23 -8.14
CA ASN F 293 -19.52 4.55 -9.34
C ASN F 293 -20.46 4.81 -10.50
N ARG F 294 -19.87 5.08 -11.66
CA ARG F 294 -20.63 5.40 -12.85
C ARG F 294 -19.72 5.17 -14.05
N ALA F 295 -20.31 5.27 -15.24
CA ALA F 295 -19.56 5.27 -16.48
C ALA F 295 -19.52 6.70 -17.00
N ARG F 296 -18.32 7.20 -17.25
CA ARG F 296 -18.11 8.57 -17.73
C ARG F 296 -17.26 8.55 -18.98
N ASN F 297 -17.84 9.00 -20.09
CA ASN F 297 -17.15 9.09 -21.38
C ASN F 297 -16.52 7.75 -21.75
N ASN F 298 -17.33 6.69 -21.65
CA ASN F 298 -16.98 5.34 -22.06
C ASN F 298 -15.92 4.71 -21.16
N GLN F 299 -15.84 5.12 -19.89
CA GLN F 299 -14.88 4.56 -18.97
C GLN F 299 -15.50 4.41 -17.59
N LEU F 300 -15.24 3.27 -16.95
CA LEU F 300 -15.74 3.01 -15.60
C LEU F 300 -14.92 3.80 -14.58
N GLU F 302 -14.71 5.89 -10.46
CA GLU F 302 -15.16 5.85 -9.07
C GLU F 302 -14.75 7.15 -8.37
N GLU F 303 -15.67 7.71 -7.60
CA GLU F 303 -15.48 8.99 -6.93
C GLU F 303 -15.48 8.78 -5.42
N THR F 304 -14.36 9.10 -4.78
CA THR F 304 -14.15 8.89 -3.36
C THR F 304 -13.89 10.23 -2.68
N LEU F 305 -14.12 10.27 -1.37
CA LEU F 305 -13.67 11.39 -0.57
C LEU F 305 -12.14 11.46 -0.57
N SER F 306 -11.61 12.69 -0.70
CA SER F 306 -10.17 12.93 -0.74
C SER F 306 -9.54 12.94 0.66
N SER F 307 -10.29 13.39 1.67
CA SER F 307 -9.89 13.37 3.08
C SER F 307 -8.75 14.33 3.39
N VAL F 308 -8.93 15.11 4.45
CA VAL F 308 -7.89 16.01 4.93
C VAL F 308 -7.75 15.83 6.43
N GLU F 320 -19.62 13.89 16.72
CA GLU F 320 -20.07 15.01 15.91
C GLU F 320 -21.54 14.87 15.53
N GLU F 321 -21.87 13.70 14.98
CA GLU F 321 -23.19 13.48 14.40
C GLU F 321 -24.29 13.51 15.46
N GLY F 322 -23.97 13.13 16.69
CA GLY F 322 -24.96 13.21 17.75
C GLY F 322 -25.35 14.65 18.06
N THR F 323 -24.38 15.55 18.06
CA THR F 323 -24.67 16.96 18.33
C THR F 323 -25.59 17.54 17.26
N VAL F 324 -25.21 17.38 15.99
CA VAL F 324 -25.99 17.96 14.89
C VAL F 324 -27.43 17.49 14.94
N ASP F 325 -27.64 16.19 15.12
CA ASP F 325 -28.99 15.65 15.26
C ASP F 325 -29.79 16.39 16.31
N ASN F 326 -29.13 16.76 17.41
CA ASN F 326 -29.86 17.36 18.53
C ASN F 326 -30.28 18.80 18.23
N ARG F 327 -29.39 19.60 17.63
CA ARG F 327 -29.71 21.00 17.44
C ARG F 327 -30.90 21.18 16.51
N GLN F 328 -30.89 20.48 15.36
CA GLN F 328 -32.04 20.56 14.46
C GLN F 328 -33.31 20.08 15.16
N TRP F 329 -33.18 19.12 16.08
CA TRP F 329 -34.31 18.65 16.87
C TRP F 329 -34.90 19.79 17.69
N LEU F 330 -34.08 20.42 18.53
CA LEU F 330 -34.54 21.50 19.41
C LEU F 330 -34.93 22.77 18.64
N GLU F 331 -34.63 22.86 17.36
CA GLU F 331 -35.05 24.02 16.58
C GLU F 331 -36.28 23.75 15.76
N ALA F 332 -36.52 22.48 15.40
CA ALA F 332 -37.79 22.11 14.80
C ALA F 332 -38.96 22.43 15.72
N ILE F 333 -38.71 22.49 17.03
CA ILE F 333 -39.80 22.75 17.98
C ILE F 333 -40.06 24.25 18.11
N GLN F 334 -39.06 25.02 18.52
CA GLN F 334 -39.22 26.45 18.74
C GLN F 334 -39.31 27.24 17.45
N ASN F 335 -39.28 26.57 16.30
CA ASN F 335 -39.55 27.20 15.02
C ASN F 335 -40.78 26.61 14.34
N GLY F 336 -41.49 25.69 14.99
CA GLY F 336 -42.68 25.09 14.43
C GLY F 336 -42.48 24.48 13.07
N THR F 337 -41.53 23.54 12.96
CA THR F 337 -41.26 22.87 11.70
C THR F 337 -40.91 21.42 11.98
N GLU F 338 -40.66 20.67 10.91
CA GLU F 338 -40.47 19.24 11.16
C GLU F 338 -39.00 18.93 11.44
N PRO F 339 -38.72 18.06 12.41
CA PRO F 339 -37.39 17.47 12.49
C PRO F 339 -37.14 16.58 11.29
N LEU F 340 -35.90 16.13 11.14
CA LEU F 340 -35.54 15.37 9.94
C LEU F 340 -36.12 13.96 9.97
N VAL F 341 -35.91 13.24 11.06
CA VAL F 341 -36.41 11.86 11.16
C VAL F 341 -37.90 11.90 11.44
N LYS F 342 -38.70 11.48 10.47
CA LYS F 342 -40.15 11.44 10.62
C LYS F 342 -40.59 10.07 11.13
N PRO F 343 -41.59 10.02 12.01
CA PRO F 343 -41.94 8.75 12.68
C PRO F 343 -42.39 7.66 11.72
N GLU F 344 -43.13 8.02 10.66
CA GLU F 344 -43.61 7.00 9.73
C GLU F 344 -42.44 6.23 9.11
N GLU F 345 -41.31 6.90 8.88
CA GLU F 345 -40.12 6.20 8.40
C GLU F 345 -39.63 5.19 9.43
N ALA F 346 -39.41 5.65 10.67
CA ALA F 346 -39.00 4.74 11.74
C ALA F 346 -40.05 3.67 11.98
N LEU F 347 -41.32 3.95 11.69
CA LEU F 347 -42.34 2.92 11.74
C LEU F 347 -42.10 1.87 10.67
N ALA F 348 -41.83 2.32 9.44
CA ALA F 348 -41.53 1.39 8.36
C ALA F 348 -40.31 0.53 8.70
N VAL F 349 -39.27 1.15 9.24
CA VAL F 349 -38.09 0.40 9.66
C VAL F 349 -38.49 -0.64 10.72
N THR F 350 -39.41 -0.27 11.61
CA THR F 350 -39.83 -1.19 12.64
C THR F 350 -40.66 -2.34 12.07
N LYS F 351 -41.57 -2.04 11.14
CA LYS F 351 -42.39 -3.09 10.56
C LYS F 351 -41.56 -4.08 9.74
N ILE F 352 -40.65 -3.55 8.92
CA ILE F 352 -39.87 -4.42 8.02
C ILE F 352 -39.01 -5.38 8.83
N LEU F 353 -38.27 -4.85 9.82
CA LEU F 353 -37.44 -5.71 10.65
C LEU F 353 -38.28 -6.71 11.43
N ASP F 354 -39.50 -6.33 11.82
CA ASP F 354 -40.38 -7.25 12.52
C ASP F 354 -40.81 -8.39 11.61
N ALA F 355 -41.09 -8.09 10.34
CA ALA F 355 -41.40 -9.15 9.38
C ALA F 355 -40.20 -10.07 9.17
N ILE F 356 -38.98 -9.52 9.21
CA ILE F 356 -37.79 -10.36 9.13
C ILE F 356 -37.75 -11.32 10.31
N TYR F 357 -37.96 -10.80 11.52
CA TYR F 357 -38.00 -11.63 12.72
C TYR F 357 -39.07 -12.72 12.59
N LYS F 358 -40.22 -12.38 12.01
CA LYS F 358 -41.37 -13.28 12.01
C LYS F 358 -41.12 -14.55 11.22
N SER F 359 -39.93 -14.63 10.61
CA SER F 359 -39.48 -15.84 9.85
C SER F 359 -38.96 -16.94 10.75
N ALA F 360 -39.72 -17.09 11.82
CA ALA F 360 -39.76 -18.26 12.71
C ALA F 360 -40.82 -19.18 12.09
N LYS F 361 -41.66 -18.63 11.20
CA LYS F 361 -42.74 -19.23 10.41
C LYS F 361 -42.22 -19.75 9.06
N THR F 362 -40.93 -19.58 8.72
CA THR F 362 -40.40 -20.02 7.41
C THR F 362 -41.37 -19.72 6.27
N ASN F 363 -41.87 -18.48 6.21
CA ASN F 363 -42.74 -18.04 5.14
C ASN F 363 -42.41 -16.60 4.80
N THR F 364 -42.76 -16.20 3.58
CA THR F 364 -42.57 -14.83 3.14
C THR F 364 -43.81 -14.01 3.47
N ILE F 365 -43.62 -12.85 4.10
CA ILE F 365 -44.72 -11.99 4.53
C ILE F 365 -45.01 -10.95 3.48
N LYS F 366 -46.27 -10.84 3.12
CA LYS F 366 -46.74 -9.88 2.13
C LYS F 366 -47.36 -8.67 2.82
N PHE F 367 -47.18 -7.51 2.21
CA PHE F 367 -47.65 -6.26 2.78
C PHE F 367 -48.82 -5.71 1.98
#